data_1WCQ
#
_entry.id   1WCQ
#
_cell.length_a   143.258
_cell.length_b   143.258
_cell.length_c   160.250
_cell.angle_alpha   90.00
_cell.angle_beta   90.00
_cell.angle_gamma   120.00
#
_symmetry.space_group_name_H-M   'P 32 2 1'
#
loop_
_entity.id
_entity.type
_entity.pdbx_description
1 polymer SIALIDASE
2 non-polymer 'SODIUM ION'
3 non-polymer GLYCEROL
4 non-polymer '2-DEOXY-2,3-DEHYDRO-N-ACETYL-NEURAMINIC ACID'
5 water water
#
_entity_poly.entity_id   1
_entity_poly.type   'polypeptide(L)'
_entity_poly.pdbx_seq_one_letter_code
;GEPLYTEQDLAVNGREGFPNYRIPALTVTPDGDLLASYDGRPTGIDAPGPNSILQRRSTDGGRTWGEQQVVSAGQTTAPI
KGFSDPSYLVDRETGTIFNFHVYSQRQGFAGSRPGTDPADPNVLHANVATSTDGGLTWSHRTITADITPDPGWRSRFAAS
GEGIQLRYGPHAGRLIQQYTIINAAGAFQAVSVYSDDHGRTWRAGEAVGVGMDENKTVELSDGRVLLNSRDSARSGYRKV
AVSTDGGHSYGPVTIDRDLPDPTNNASIIRAFPDAPAGSARAKVLLFSNAASQTSRSQGTIRMSCDDGQTWPVSKVFQPG
SMSFSTLTALPDGTYGLLYEPGTGIRYANFNLAWLGGICAPFTIPDVALEPGQQVTVPVAVTNQSGIAVPKPSLQLDASP
DWQVQGSVEPLMPGRQAKGQVTITVPAGTTPGRYRVGATLRTSAGNASTTFTVTVGLLDQARMSIADVDSEETAREDGRA
SNVIDGNPSTFWHTEWSRADAPGYPHRISLDLGGTHTISGLQYTRRQNSANEQVADYEIYTSLNGTTWDGPVASGRFTTS
LAPQRAVFPARDARYIRLVALSEQTGHKYAAVAELEVEGQR
;
_entity_poly.pdbx_strand_id   A,B,C
#
# COMPACT_ATOMS: atom_id res chain seq x y z
N GLY A 1 -15.45 49.97 7.19
CA GLY A 1 -14.09 50.56 6.95
C GLY A 1 -12.92 50.01 7.79
N GLU A 2 -12.21 50.89 8.50
CA GLU A 2 -11.07 50.52 9.35
C GLU A 2 -11.52 50.08 10.73
N PRO A 3 -11.20 48.84 11.14
CA PRO A 3 -11.61 48.34 12.46
C PRO A 3 -11.07 49.18 13.63
N LEU A 4 -11.92 49.49 14.61
CA LEU A 4 -11.52 50.18 15.81
C LEU A 4 -11.92 49.35 17.02
N TYR A 5 -10.96 49.05 17.88
CA TYR A 5 -11.31 48.66 19.26
C TYR A 5 -10.28 49.26 20.22
N THR A 6 -10.76 50.07 21.15
CA THR A 6 -9.89 50.62 22.17
C THR A 6 -10.60 50.63 23.52
N GLU A 7 -9.81 50.56 24.59
CA GLU A 7 -10.27 50.36 25.96
C GLU A 7 -9.47 51.18 26.95
N GLN A 8 -10.12 51.67 28.00
CA GLN A 8 -9.41 52.30 29.11
C GLN A 8 -10.16 52.13 30.41
N ASP A 9 -9.42 51.95 31.49
CA ASP A 9 -10.07 51.85 32.79
C ASP A 9 -10.66 53.20 33.19
N LEU A 10 -11.83 53.21 33.82
CA LEU A 10 -12.35 54.41 34.49
C LEU A 10 -12.37 54.35 36.00
N ALA A 11 -12.31 53.15 36.55
CA ALA A 11 -12.25 52.96 38.01
C ALA A 11 -11.45 51.71 38.30
N VAL A 12 -10.45 51.83 39.16
CA VAL A 12 -9.60 50.68 39.54
C VAL A 12 -9.81 50.44 41.04
N ASN A 13 -10.18 49.20 41.38
CA ASN A 13 -10.45 48.83 42.75
C ASN A 13 -9.33 49.31 43.70
N GLY A 14 -9.68 50.01 44.77
CA GLY A 14 -8.62 50.46 45.72
C GLY A 14 -8.10 51.89 45.46
N ARG A 15 -8.32 52.41 44.24
CA ARG A 15 -7.89 53.78 43.88
C ARG A 15 -9.12 54.72 43.92
N GLU A 16 -8.91 55.95 44.40
CA GLU A 16 -9.88 57.07 44.38
C GLU A 16 -11.07 56.99 45.34
N GLY A 17 -10.97 56.21 46.41
CA GLY A 17 -11.88 56.38 47.55
C GLY A 17 -12.63 55.14 47.98
N PHE A 18 -12.52 54.11 47.12
CA PHE A 18 -13.24 52.85 47.30
C PHE A 18 -12.36 51.64 47.04
N PRO A 19 -12.50 50.57 47.86
CA PRO A 19 -11.81 49.29 47.65
C PRO A 19 -12.42 48.39 46.51
N ASN A 20 -13.63 48.67 46.09
CA ASN A 20 -14.26 47.89 45.04
C ASN A 20 -15.18 48.80 44.26
N TYR A 21 -15.25 48.60 42.94
CA TYR A 21 -16.14 49.35 42.05
C TYR A 21 -16.82 48.34 41.18
N ARG A 22 -18.15 48.45 41.05
CA ARG A 22 -18.89 47.54 40.19
C ARG A 22 -20.15 48.18 39.69
N ILE A 23 -20.77 47.52 38.71
CA ILE A 23 -22.11 47.75 38.22
C ILE A 23 -22.24 48.93 37.27
N PRO A 24 -21.86 48.75 35.99
CA PRO A 24 -21.78 49.88 35.06
C PRO A 24 -23.16 50.35 34.44
N ALA A 25 -23.28 51.65 34.24
CA ALA A 25 -24.40 52.24 33.54
C ALA A 25 -23.76 53.28 32.64
N LEU A 26 -24.17 53.35 31.40
CA LEU A 26 -23.55 54.27 30.45
C LEU A 26 -24.62 54.97 29.56
N THR A 27 -24.49 56.28 29.35
CA THR A 27 -25.43 56.93 28.41
C THR A 27 -24.75 58.05 27.61
N VAL A 28 -25.44 58.57 26.61
CA VAL A 28 -24.99 59.76 25.93
C VAL A 28 -26.08 60.81 26.12
N THR A 29 -25.75 61.93 26.74
CA THR A 29 -26.67 63.04 26.87
C THR A 29 -27.05 63.65 25.50
N PRO A 30 -28.22 64.34 25.43
CA PRO A 30 -28.61 65.04 24.19
C PRO A 30 -27.50 65.96 23.63
N ASP A 31 -26.66 66.45 24.53
CA ASP A 31 -25.39 67.17 24.27
C ASP A 31 -24.36 66.42 23.49
N GLY A 32 -24.35 65.09 23.62
CA GLY A 32 -23.20 64.29 23.17
C GLY A 32 -22.14 64.03 24.24
N ASP A 33 -22.33 64.56 25.45
CA ASP A 33 -21.44 64.16 26.53
C ASP A 33 -21.72 62.69 26.86
N LEU A 34 -20.68 61.91 27.20
CA LEU A 34 -20.88 60.57 27.74
C LEU A 34 -20.87 60.56 29.25
N LEU A 35 -21.74 59.74 29.84
CA LEU A 35 -21.81 59.58 31.28
C LEU A 35 -21.67 58.11 31.60
N ALA A 36 -20.67 57.79 32.39
CA ALA A 36 -20.48 56.48 32.97
C ALA A 36 -20.80 56.57 34.45
N SER A 37 -21.59 55.63 34.92
CA SER A 37 -21.94 55.57 36.32
C SER A 37 -21.70 54.15 36.83
N TYR A 38 -21.49 54.03 38.15
CA TYR A 38 -21.21 52.72 38.79
C TYR A 38 -21.19 52.89 40.30
N ASP A 39 -21.24 51.78 41.05
CA ASP A 39 -21.16 51.79 42.51
C ASP A 39 -19.72 52.00 43.01
N GLY A 40 -19.57 52.81 44.08
CA GLY A 40 -18.47 52.75 45.02
C GLY A 40 -18.96 51.87 46.18
N ARG A 41 -18.23 50.79 46.44
CA ARG A 41 -18.62 49.79 47.45
C ARG A 41 -17.60 49.77 48.59
N PRO A 42 -17.88 50.51 49.69
CA PRO A 42 -16.85 50.57 50.75
C PRO A 42 -16.61 49.22 51.44
N THR A 43 -17.60 48.31 51.41
CA THR A 43 -17.42 46.99 52.03
C THR A 43 -17.33 45.89 50.99
N GLY A 44 -17.18 46.27 49.72
CA GLY A 44 -17.19 45.34 48.57
C GLY A 44 -18.40 44.44 48.33
N ILE A 45 -19.61 44.85 48.70
CA ILE A 45 -20.80 44.01 48.51
C ILE A 45 -21.96 44.71 47.81
N ASP A 46 -22.91 43.92 47.30
CA ASP A 46 -24.16 44.48 46.84
C ASP A 46 -25.00 44.99 48.05
N ALA A 47 -26.19 45.56 47.81
CA ALA A 47 -27.06 46.02 48.87
C ALA A 47 -27.26 44.83 49.83
N PRO A 48 -27.34 45.08 51.13
CA PRO A 48 -27.40 46.41 51.78
C PRO A 48 -26.01 47.02 52.08
N GLY A 49 -25.01 46.74 51.23
CA GLY A 49 -23.76 47.49 51.33
C GLY A 49 -24.10 48.98 51.36
N PRO A 50 -23.36 49.77 52.16
CA PRO A 50 -23.56 51.22 52.21
C PRO A 50 -22.91 51.88 51.00
N ASN A 51 -23.45 51.54 49.82
CA ASN A 51 -22.83 51.93 48.54
C ASN A 51 -23.15 53.36 48.07
N SER A 52 -22.30 53.90 47.18
CA SER A 52 -22.57 55.18 46.49
C SER A 52 -22.79 54.97 44.97
N ILE A 53 -23.68 55.75 44.37
CA ILE A 53 -23.71 55.86 42.89
C ILE A 53 -22.71 56.96 42.47
N LEU A 54 -21.88 56.68 41.49
CA LEU A 54 -20.78 57.56 41.14
C LEU A 54 -20.91 57.86 39.73
N GLN A 55 -20.14 58.84 39.24
CA GLN A 55 -20.29 59.21 37.86
C GLN A 55 -19.06 59.90 37.33
N ARG A 56 -18.66 59.55 36.11
CA ARG A 56 -17.67 60.30 35.32
C ARG A 56 -18.30 60.73 33.99
N ARG A 57 -17.94 61.95 33.57
CA ARG A 57 -18.41 62.53 32.31
C ARG A 57 -17.20 62.61 31.32
N SER A 58 -17.46 62.46 30.03
CA SER A 58 -16.45 62.75 28.98
C SER A 58 -17.15 63.69 28.08
N THR A 59 -16.47 64.78 27.75
CA THR A 59 -17.02 65.80 26.86
C THR A 59 -16.29 65.77 25.52
N ASP A 60 -15.51 64.72 25.27
CA ASP A 60 -14.87 64.56 23.94
C ASP A 60 -15.10 63.20 23.32
N GLY A 61 -16.34 62.73 23.41
CA GLY A 61 -16.77 61.47 22.77
C GLY A 61 -16.12 60.22 23.32
N GLY A 62 -15.72 60.24 24.60
CA GLY A 62 -15.16 59.05 25.22
C GLY A 62 -13.66 58.98 25.44
N ARG A 63 -12.90 59.86 24.81
CA ARG A 63 -11.44 59.79 24.84
C ARG A 63 -10.82 60.09 26.22
N THR A 64 -11.20 61.21 26.82
CA THR A 64 -10.72 61.55 28.14
C THR A 64 -11.92 61.73 29.11
N TRP A 65 -11.71 61.51 30.40
CA TRP A 65 -12.79 61.54 31.38
C TRP A 65 -12.50 62.46 32.55
N GLY A 66 -13.53 63.20 32.99
CA GLY A 66 -13.41 64.06 34.16
C GLY A 66 -13.45 63.34 35.53
N GLU A 67 -13.52 64.10 36.60
CA GLU A 67 -13.41 63.54 37.95
C GLU A 67 -14.60 62.60 38.27
N GLN A 68 -14.31 61.57 39.06
CA GLN A 68 -15.37 60.74 39.65
C GLN A 68 -16.20 61.61 40.65
N GLN A 69 -17.50 61.75 40.41
CA GLN A 69 -18.32 62.51 41.37
C GLN A 69 -19.38 61.60 42.03
N VAL A 70 -19.97 62.07 43.13
CA VAL A 70 -21.07 61.39 43.83
C VAL A 70 -22.51 61.80 43.35
N VAL A 71 -23.25 60.86 42.75
CA VAL A 71 -24.61 61.09 42.38
C VAL A 71 -25.51 60.87 43.59
N SER A 72 -25.27 59.78 44.34
CA SER A 72 -26.05 59.46 45.54
C SER A 72 -25.07 58.87 46.57
N ALA A 73 -24.97 59.51 47.74
CA ALA A 73 -23.91 59.24 48.66
C ALA A 73 -24.45 58.22 49.70
N GLY A 74 -23.82 57.05 49.73
CA GLY A 74 -23.95 56.05 50.81
C GLY A 74 -23.59 56.63 52.16
N GLN A 75 -24.12 56.01 53.20
CA GLN A 75 -23.87 56.44 54.56
C GLN A 75 -23.36 55.22 55.35
N THR A 76 -22.05 55.22 55.62
CA THR A 76 -21.29 54.15 56.26
C THR A 76 -21.38 54.14 57.80
N THR A 77 -21.92 55.21 58.36
CA THR A 77 -22.15 55.32 59.80
C THR A 77 -23.61 55.04 60.16
N ALA A 78 -23.85 54.20 61.18
CA ALA A 78 -25.25 53.85 61.55
C ALA A 78 -26.00 55.14 61.92
N PRO A 79 -27.26 55.32 61.37
CA PRO A 79 -27.98 54.40 60.50
C PRO A 79 -27.48 54.33 59.00
N ILE A 80 -27.27 53.10 58.54
CA ILE A 80 -26.64 52.81 57.27
C ILE A 80 -27.61 53.22 56.15
N LYS A 81 -27.07 53.80 55.06
CA LYS A 81 -27.80 53.96 53.80
C LYS A 81 -26.91 53.51 52.68
N GLY A 82 -27.48 52.74 51.72
CA GLY A 82 -26.83 52.38 50.46
C GLY A 82 -27.62 52.72 49.20
N PHE A 83 -26.91 53.22 48.17
CA PHE A 83 -27.42 53.48 46.84
C PHE A 83 -26.53 52.72 45.84
N SER A 84 -27.17 51.88 45.03
CA SER A 84 -26.45 50.82 44.32
C SER A 84 -27.21 50.35 43.03
N ASP A 85 -26.48 49.86 42.01
CA ASP A 85 -27.06 49.34 40.72
C ASP A 85 -27.74 50.40 39.82
N PRO A 86 -26.90 51.31 39.25
CA PRO A 86 -27.38 52.41 38.43
C PRO A 86 -27.86 51.91 37.06
N SER A 87 -28.89 52.59 36.59
CA SER A 87 -29.35 52.54 35.21
C SER A 87 -29.69 53.97 34.76
N TYR A 88 -28.99 54.47 33.73
CA TYR A 88 -29.37 55.70 33.07
C TYR A 88 -30.61 55.57 32.16
N LEU A 89 -31.40 56.63 32.08
CA LEU A 89 -32.43 56.74 31.07
C LEU A 89 -32.49 58.20 30.64
N VAL A 90 -32.22 58.46 29.37
CA VAL A 90 -32.37 59.82 28.83
C VAL A 90 -33.75 59.99 28.17
N ASP A 91 -34.51 61.03 28.59
CA ASP A 91 -35.65 61.55 27.85
C ASP A 91 -35.10 62.57 26.80
N ARG A 92 -34.99 62.10 25.56
CA ARG A 92 -34.39 62.88 24.48
C ARG A 92 -35.42 63.83 23.87
N GLU A 93 -36.64 63.84 24.41
CA GLU A 93 -37.63 64.85 23.96
C GLU A 93 -37.50 66.10 24.83
N THR A 94 -37.48 65.92 26.16
CA THR A 94 -37.32 67.01 27.10
C THR A 94 -35.90 67.34 27.42
N GLY A 95 -35.01 66.36 27.37
CA GLY A 95 -33.60 66.54 27.82
C GLY A 95 -33.22 66.12 29.23
N THR A 96 -34.22 65.83 30.08
CA THR A 96 -33.99 65.41 31.48
C THR A 96 -33.29 64.07 31.49
N ILE A 97 -32.35 63.87 32.41
CA ILE A 97 -31.64 62.56 32.57
C ILE A 97 -32.08 61.88 33.86
N PHE A 98 -32.21 60.54 33.84
CA PHE A 98 -32.55 59.81 35.05
C PHE A 98 -31.46 58.79 35.37
N ASN A 99 -31.28 58.54 36.66
CA ASN A 99 -30.42 57.51 37.10
C ASN A 99 -31.19 56.71 38.19
N PHE A 100 -31.66 55.55 37.81
CA PHE A 100 -32.37 54.68 38.75
C PHE A 100 -31.37 53.90 39.61
N HIS A 101 -31.69 53.66 40.90
CA HIS A 101 -30.82 52.80 41.72
C HIS A 101 -31.55 52.42 42.96
N VAL A 102 -31.02 51.43 43.72
CA VAL A 102 -31.68 51.06 44.96
C VAL A 102 -31.38 52.08 46.02
N TYR A 103 -32.30 52.22 46.99
CA TYR A 103 -31.99 52.76 48.31
C TYR A 103 -32.17 51.66 49.35
N SER A 104 -31.08 51.22 49.91
CA SER A 104 -31.13 50.20 50.93
C SER A 104 -30.80 50.82 52.27
N GLN A 105 -31.26 50.13 53.31
CA GLN A 105 -30.89 50.45 54.69
C GLN A 105 -30.46 49.13 55.34
N ARG A 106 -31.37 48.41 56.02
CA ARG A 106 -31.00 47.08 56.60
C ARG A 106 -31.06 45.85 55.65
N GLN A 107 -31.82 45.95 54.55
CA GLN A 107 -32.08 44.78 53.76
C GLN A 107 -31.66 45.01 52.31
N GLY A 108 -31.19 43.94 51.67
CA GLY A 108 -30.98 43.96 50.23
C GLY A 108 -32.13 43.32 49.50
N PHE A 109 -31.87 42.84 48.27
CA PHE A 109 -32.91 42.31 47.42
C PHE A 109 -33.56 41.04 48.05
N ALA A 110 -32.74 40.06 48.42
CA ALA A 110 -33.27 38.83 49.04
C ALA A 110 -34.04 39.11 50.34
N GLY A 111 -33.58 40.11 51.10
CA GLY A 111 -34.13 40.33 52.45
C GLY A 111 -35.29 41.31 52.57
N SER A 112 -35.56 42.10 51.52
CA SER A 112 -36.59 43.15 51.53
C SER A 112 -37.91 42.53 51.98
N ARG A 113 -38.69 43.32 52.72
CA ARG A 113 -39.97 42.86 53.26
C ARG A 113 -41.09 43.63 52.57
N PRO A 114 -42.31 43.08 52.59
CA PRO A 114 -43.44 43.83 52.05
C PRO A 114 -43.59 45.26 52.68
N GLY A 115 -44.13 46.20 51.93
CA GLY A 115 -44.25 47.58 52.42
C GLY A 115 -43.64 48.54 51.43
N THR A 116 -44.07 49.81 51.45
CA THR A 116 -43.65 50.84 50.45
C THR A 116 -43.29 52.18 51.07
N ASP A 117 -43.45 52.31 52.39
CA ASP A 117 -43.17 53.60 53.03
C ASP A 117 -41.70 54.00 52.85
N PRO A 118 -41.42 55.23 52.37
CA PRO A 118 -40.02 55.66 52.09
C PRO A 118 -39.03 55.49 53.20
N ALA A 119 -39.48 55.57 54.44
CA ALA A 119 -38.51 55.48 55.53
C ALA A 119 -38.40 54.06 56.08
N ASP A 120 -39.13 53.09 55.52
CA ASP A 120 -39.09 51.68 56.07
C ASP A 120 -37.70 51.06 55.93
N PRO A 121 -36.99 50.81 57.06
CA PRO A 121 -35.62 50.36 56.84
C PRO A 121 -35.45 48.91 56.42
N ASN A 122 -36.55 48.15 56.35
CA ASN A 122 -36.49 46.76 55.97
C ASN A 122 -36.96 46.55 54.55
N VAL A 123 -37.19 47.66 53.83
CA VAL A 123 -37.65 47.62 52.47
C VAL A 123 -36.46 48.05 51.57
N LEU A 124 -36.23 47.31 50.48
CA LEU A 124 -35.29 47.76 49.45
C LEU A 124 -36.07 48.71 48.51
N HIS A 125 -35.78 49.97 48.67
CA HIS A 125 -36.55 50.96 47.94
C HIS A 125 -36.08 51.13 46.52
N ALA A 126 -37.02 51.56 45.67
CA ALA A 126 -36.73 51.92 44.30
C ALA A 126 -36.53 53.43 44.27
N ASN A 127 -35.32 53.88 44.03
CA ASN A 127 -35.08 55.33 43.86
C ASN A 127 -34.75 55.76 42.47
N VAL A 128 -34.85 57.07 42.24
CA VAL A 128 -34.39 57.66 41.02
C VAL A 128 -33.95 59.06 41.31
N ALA A 129 -32.88 59.39 40.63
CA ALA A 129 -32.29 60.71 40.67
C ALA A 129 -32.59 61.30 39.36
N THR A 130 -33.01 62.55 39.35
CA THR A 130 -33.38 63.25 38.15
C THR A 130 -32.41 64.43 37.97
N SER A 131 -31.96 64.65 36.73
CA SER A 131 -31.12 65.82 36.41
C SER A 131 -31.77 66.65 35.33
N THR A 132 -31.95 67.94 35.58
CA THR A 132 -32.48 68.88 34.59
C THR A 132 -31.36 69.78 33.97
N ASP A 133 -30.13 69.30 34.08
CA ASP A 133 -28.96 70.08 33.65
C ASP A 133 -27.83 69.18 33.10
N GLY A 134 -28.26 68.14 32.40
CA GLY A 134 -27.39 67.29 31.61
C GLY A 134 -26.53 66.42 32.46
N GLY A 135 -26.99 66.07 33.68
CA GLY A 135 -26.20 65.18 34.53
C GLY A 135 -25.21 65.84 35.50
N LEU A 136 -25.17 67.17 35.51
CA LEU A 136 -24.31 67.92 36.45
C LEU A 136 -24.76 67.81 37.92
N THR A 137 -26.07 68.05 38.17
CA THR A 137 -26.63 67.95 39.53
C THR A 137 -27.91 67.09 39.48
N TRP A 138 -28.39 66.71 40.65
CA TRP A 138 -29.37 65.59 40.73
C TRP A 138 -30.28 65.83 41.90
N SER A 139 -31.57 65.71 41.67
CA SER A 139 -32.52 65.65 42.77
C SER A 139 -32.88 64.17 42.97
N HIS A 140 -33.62 63.83 44.02
CA HIS A 140 -33.75 62.39 44.36
C HIS A 140 -35.19 62.05 44.80
N ARG A 141 -35.69 60.87 44.39
CA ARG A 141 -36.99 60.44 44.88
C ARG A 141 -37.09 58.93 45.07
N THR A 142 -38.05 58.51 45.87
CA THR A 142 -38.32 57.09 46.09
C THR A 142 -39.66 56.89 45.39
N ILE A 143 -39.71 55.97 44.42
CA ILE A 143 -40.95 55.68 43.72
C ILE A 143 -41.53 54.29 44.11
N THR A 144 -41.00 53.68 45.14
CA THR A 144 -41.52 52.33 45.45
C THR A 144 -43.09 52.16 45.43
N ALA A 145 -43.81 53.01 46.16
CA ALA A 145 -45.28 53.03 46.25
C ALA A 145 -45.96 53.32 44.90
N ASP A 146 -45.29 54.05 43.99
CA ASP A 146 -45.84 54.27 42.67
C ASP A 146 -45.74 53.00 41.83
N ILE A 147 -44.70 52.16 42.04
CA ILE A 147 -44.49 51.00 41.19
C ILE A 147 -44.74 49.68 41.90
N THR A 148 -45.53 49.70 42.98
CA THR A 148 -45.85 48.43 43.68
C THR A 148 -47.35 48.27 43.77
N PRO A 149 -48.00 47.91 42.64
CA PRO A 149 -49.44 47.84 42.65
C PRO A 149 -49.90 46.49 43.26
N ASP A 150 -48.97 45.57 43.47
CA ASP A 150 -49.31 44.34 44.15
C ASP A 150 -48.63 44.31 45.51
N PRO A 151 -49.44 44.37 46.61
CA PRO A 151 -48.86 44.40 47.97
C PRO A 151 -47.93 43.19 48.27
N GLY A 152 -48.11 42.08 47.54
CA GLY A 152 -47.23 40.91 47.71
C GLY A 152 -45.85 41.05 47.04
N TRP A 153 -45.63 42.18 46.36
CA TRP A 153 -44.31 42.36 45.76
C TRP A 153 -43.45 42.95 46.84
N ARG A 154 -42.66 42.09 47.48
CA ARG A 154 -41.91 42.46 48.64
C ARG A 154 -40.52 43.07 48.34
N SER A 155 -40.10 43.06 47.08
CA SER A 155 -38.73 43.41 46.72
C SER A 155 -38.70 43.79 45.25
N ARG A 156 -37.80 44.71 44.92
CA ARG A 156 -37.51 45.09 43.53
C ARG A 156 -36.16 45.81 43.42
N PHE A 157 -35.54 45.66 42.23
CA PHE A 157 -34.48 46.61 41.83
C PHE A 157 -34.47 46.80 40.33
N ALA A 158 -34.05 48.00 39.92
CA ALA A 158 -33.88 48.41 38.55
C ALA A 158 -32.74 47.62 38.02
N ALA A 159 -32.89 47.06 36.81
CA ALA A 159 -31.77 46.33 36.17
C ALA A 159 -30.68 47.35 35.74
N SER A 160 -29.44 47.20 36.18
CA SER A 160 -28.46 48.24 35.92
C SER A 160 -28.04 48.24 34.49
N GLY A 161 -27.64 49.42 33.99
CA GLY A 161 -27.10 49.59 32.64
C GLY A 161 -27.81 50.82 32.04
N GLU A 162 -28.77 50.60 31.14
CA GLU A 162 -29.45 51.73 30.50
C GLU A 162 -30.90 51.43 29.99
N GLY A 163 -31.86 52.28 30.36
CA GLY A 163 -33.24 52.20 29.85
C GLY A 163 -33.47 52.94 28.48
N ILE A 164 -34.74 52.97 28.02
CA ILE A 164 -34.97 53.45 26.65
C ILE A 164 -36.09 54.45 26.63
N GLN A 165 -36.15 55.23 25.56
CA GLN A 165 -37.34 55.97 25.20
C GLN A 165 -37.94 55.46 23.87
N LEU A 166 -39.24 55.18 23.82
CA LEU A 166 -39.87 54.69 22.56
C LEU A 166 -39.95 55.79 21.53
N ARG A 167 -39.60 55.45 20.27
CA ARG A 167 -39.70 56.41 19.17
C ARG A 167 -40.89 56.22 18.25
N TYR A 168 -41.55 55.06 18.28
CA TYR A 168 -42.56 54.71 17.29
C TYR A 168 -43.89 54.52 17.97
N GLY A 169 -44.98 54.63 17.17
CA GLY A 169 -46.23 54.07 17.62
C GLY A 169 -47.06 54.91 18.56
N PRO A 170 -48.20 54.37 19.04
CA PRO A 170 -49.08 55.16 19.91
C PRO A 170 -48.40 55.61 21.24
N HIS A 171 -47.36 54.90 21.69
CA HIS A 171 -46.73 55.19 22.99
C HIS A 171 -45.37 55.92 22.83
N ALA A 172 -45.12 56.46 21.63
CA ALA A 172 -43.89 57.20 21.32
C ALA A 172 -43.59 58.21 22.43
N GLY A 173 -42.36 58.22 22.93
CA GLY A 173 -42.01 59.10 24.03
C GLY A 173 -42.07 58.45 25.40
N ARG A 174 -42.68 57.28 25.52
CA ARG A 174 -42.63 56.51 26.77
C ARG A 174 -41.22 56.24 27.21
N LEU A 175 -40.92 56.44 28.51
CA LEU A 175 -39.65 56.01 29.13
C LEU A 175 -39.86 54.67 29.74
N ILE A 176 -38.92 53.75 29.50
CA ILE A 176 -39.08 52.40 30.05
C ILE A 176 -37.84 52.02 30.76
N GLN A 177 -38.01 51.68 32.04
CA GLN A 177 -36.95 51.13 32.85
C GLN A 177 -37.29 49.72 33.32
N GLN A 178 -36.40 48.76 33.08
CA GLN A 178 -36.67 47.38 33.54
C GLN A 178 -36.41 47.21 35.01
N TYR A 179 -37.25 46.40 35.67
CA TYR A 179 -37.08 46.02 37.06
C TYR A 179 -37.26 44.53 37.20
N THR A 180 -36.73 43.96 38.31
CA THR A 180 -37.02 42.58 38.81
C THR A 180 -37.74 42.74 40.13
N ILE A 181 -38.68 41.85 40.42
CA ILE A 181 -39.49 41.89 41.65
C ILE A 181 -39.45 40.51 42.33
N ILE A 182 -39.77 40.42 43.64
CA ILE A 182 -40.03 39.09 44.27
C ILE A 182 -41.52 39.06 44.67
N ASN A 183 -42.29 38.15 44.10
CA ASN A 183 -43.71 38.09 44.44
C ASN A 183 -43.98 37.34 45.81
N ALA A 184 -45.24 37.13 46.19
CA ALA A 184 -45.51 36.51 47.51
C ALA A 184 -45.23 35.01 47.51
N ALA A 185 -45.22 34.40 46.32
CA ALA A 185 -44.83 32.99 46.12
C ALA A 185 -43.31 32.83 46.11
N GLY A 186 -42.61 33.98 46.20
CA GLY A 186 -41.14 34.06 46.18
C GLY A 186 -40.52 33.84 44.81
N ALA A 187 -41.31 33.89 43.73
CA ALA A 187 -40.74 33.85 42.37
C ALA A 187 -40.15 35.25 42.00
N PHE A 188 -39.07 35.27 41.18
CA PHE A 188 -38.43 36.50 40.67
C PHE A 188 -39.11 36.73 39.33
N GLN A 189 -39.66 37.95 39.13
CA GLN A 189 -40.44 38.27 37.92
C GLN A 189 -39.82 39.50 37.37
N ALA A 190 -40.00 39.72 36.06
CA ALA A 190 -39.61 40.95 35.36
C ALA A 190 -40.85 41.84 35.19
N VAL A 191 -40.63 43.14 35.16
CA VAL A 191 -41.66 44.10 34.90
C VAL A 191 -41.00 45.40 34.32
N SER A 192 -41.69 46.03 33.38
CA SER A 192 -41.32 47.37 32.89
C SER A 192 -42.04 48.42 33.76
N VAL A 193 -41.28 49.43 34.15
CA VAL A 193 -41.74 50.58 34.87
C VAL A 193 -41.54 51.75 33.86
N TYR A 194 -42.57 52.59 33.71
CA TYR A 194 -42.58 53.48 32.57
C TYR A 194 -43.26 54.76 32.97
N SER A 195 -42.92 55.82 32.25
CA SER A 195 -43.52 57.10 32.40
C SER A 195 -44.01 57.59 31.02
N ASP A 196 -45.22 58.18 31.00
CA ASP A 196 -45.77 58.75 29.81
C ASP A 196 -45.90 60.28 29.98
N ASP A 197 -45.34 60.84 31.09
CA ASP A 197 -45.35 62.33 31.25
C ASP A 197 -43.91 62.75 31.49
N HIS A 198 -42.98 62.15 30.74
CA HIS A 198 -41.58 62.62 30.78
C HIS A 198 -40.87 62.48 32.15
N GLY A 199 -41.29 61.51 32.94
CA GLY A 199 -40.64 61.26 34.23
C GLY A 199 -41.34 61.83 35.46
N ARG A 200 -42.40 62.65 35.28
CA ARG A 200 -43.15 63.12 36.44
C ARG A 200 -43.73 61.96 37.27
N THR A 201 -44.38 61.01 36.62
CA THR A 201 -45.01 59.89 37.35
C THR A 201 -44.52 58.61 36.68
N TRP A 202 -44.45 57.53 37.44
CA TRP A 202 -43.93 56.27 36.94
C TRP A 202 -44.93 55.23 37.44
N ARG A 203 -45.07 54.14 36.67
CA ARG A 203 -45.89 53.01 37.11
C ARG A 203 -45.26 51.73 36.61
N ALA A 204 -45.68 50.61 37.21
CA ALA A 204 -45.29 49.26 36.79
C ALA A 204 -46.35 48.68 35.80
N GLY A 205 -45.97 47.88 34.80
CA GLY A 205 -46.93 47.24 33.95
C GLY A 205 -47.19 45.90 34.63
N GLU A 206 -47.49 44.90 33.83
CA GLU A 206 -47.73 43.56 34.35
C GLU A 206 -46.44 42.79 34.45
N ALA A 207 -46.22 42.13 35.59
CA ALA A 207 -45.03 41.32 35.80
C ALA A 207 -45.07 40.12 34.89
N VAL A 208 -43.91 39.64 34.47
CA VAL A 208 -43.84 38.52 33.54
C VAL A 208 -42.80 37.48 33.98
N GLY A 209 -43.14 36.20 33.80
CA GLY A 209 -42.19 35.07 33.86
C GLY A 209 -41.92 34.62 35.30
N VAL A 210 -41.20 33.49 35.43
CA VAL A 210 -40.60 33.10 36.67
C VAL A 210 -39.13 32.78 36.38
N GLY A 211 -38.31 32.75 37.42
CA GLY A 211 -36.89 32.57 37.30
C GLY A 211 -36.27 33.67 36.50
N MET A 212 -36.82 34.87 36.62
CA MET A 212 -36.29 36.06 35.97
C MET A 212 -35.30 36.72 36.87
N ASP A 213 -34.69 37.76 36.35
CA ASP A 213 -33.69 38.46 37.08
C ASP A 213 -33.44 39.71 36.26
N GLU A 214 -32.39 40.46 36.53
CA GLU A 214 -32.03 41.63 35.70
C GLU A 214 -32.35 41.45 34.23
N ASN A 215 -33.20 42.30 33.67
CA ASN A 215 -33.59 42.14 32.30
C ASN A 215 -33.56 43.51 31.61
N LYS A 216 -33.56 43.50 30.27
CA LYS A 216 -33.37 44.73 29.44
C LYS A 216 -34.38 44.70 28.31
N THR A 217 -34.78 45.89 27.85
CA THR A 217 -35.72 46.05 26.74
C THR A 217 -35.11 46.98 25.65
N VAL A 218 -35.56 46.75 24.42
CA VAL A 218 -35.16 47.47 23.22
C VAL A 218 -36.39 47.56 22.27
N GLU A 219 -36.49 48.65 21.51
CA GLU A 219 -37.58 48.83 20.58
C GLU A 219 -37.20 48.29 19.22
N LEU A 220 -38.04 47.42 18.66
CA LEU A 220 -37.82 46.74 17.38
C LEU A 220 -38.27 47.63 16.19
N SER A 221 -37.84 47.29 14.98
CA SER A 221 -38.24 48.06 13.76
C SER A 221 -39.72 48.34 13.60
N ASP A 222 -40.55 47.49 14.21
CA ASP A 222 -42.01 47.59 14.12
C ASP A 222 -42.65 48.09 15.42
N GLY A 223 -41.85 48.52 16.39
CA GLY A 223 -42.37 49.18 17.57
C GLY A 223 -42.68 48.23 18.72
N ARG A 224 -42.54 46.93 18.45
CA ARG A 224 -42.62 45.93 19.52
C ARG A 224 -41.47 46.16 20.46
N VAL A 225 -41.68 45.72 21.71
CA VAL A 225 -40.65 45.87 22.71
C VAL A 225 -40.11 44.49 23.13
N LEU A 226 -38.85 44.22 22.83
CA LEU A 226 -38.24 42.95 23.11
C LEU A 226 -37.58 42.96 24.51
N LEU A 227 -37.84 41.93 25.31
CA LEU A 227 -37.29 41.81 26.66
C LEU A 227 -36.24 40.71 26.63
N ASN A 228 -35.09 40.96 27.25
CA ASN A 228 -34.01 39.98 27.24
C ASN A 228 -33.43 39.89 28.65
N SER A 229 -33.47 38.70 29.27
CA SER A 229 -33.30 38.60 30.73
C SER A 229 -32.27 37.55 31.14
N ARG A 230 -31.60 37.82 32.26
CA ARG A 230 -30.78 36.89 33.03
C ARG A 230 -31.72 35.85 33.61
N ASP A 231 -31.31 34.59 33.62
CA ASP A 231 -32.12 33.52 34.19
C ASP A 231 -31.59 33.14 35.63
N SER A 232 -32.32 33.57 36.68
CA SER A 232 -31.97 33.24 38.07
C SER A 232 -32.17 31.75 38.35
N ALA A 233 -32.88 31.03 37.47
CA ALA A 233 -32.96 29.57 37.57
C ALA A 233 -31.81 28.87 36.85
N ARG A 234 -30.85 29.65 36.35
CA ARG A 234 -29.51 29.16 35.94
C ARG A 234 -29.50 28.11 34.81
N SER A 235 -30.22 28.37 33.72
CA SER A 235 -30.25 27.42 32.59
C SER A 235 -28.94 27.40 31.80
N GLY A 236 -28.16 28.47 31.93
CA GLY A 236 -27.01 28.67 31.08
C GLY A 236 -27.34 29.50 29.85
N TYR A 237 -28.53 30.10 29.81
CA TYR A 237 -28.90 30.98 28.66
C TYR A 237 -29.67 32.21 29.10
N ARG A 238 -29.92 33.11 28.12
CA ARG A 238 -30.83 34.24 28.26
C ARG A 238 -32.29 33.84 28.12
N LYS A 239 -33.20 34.58 28.83
CA LYS A 239 -34.63 34.41 28.62
C LYS A 239 -35.19 35.57 27.79
N VAL A 240 -36.21 35.30 26.97
CA VAL A 240 -36.78 36.35 26.11
C VAL A 240 -38.34 36.33 26.03
N ALA A 241 -38.89 37.53 25.80
CA ALA A 241 -40.32 37.78 25.76
C ALA A 241 -40.49 39.06 24.92
N VAL A 242 -41.70 39.33 24.40
CA VAL A 242 -41.92 40.52 23.62
C VAL A 242 -43.30 41.10 23.97
N SER A 243 -43.37 42.42 23.91
CA SER A 243 -44.59 43.19 24.17
C SER A 243 -45.01 43.83 22.88
N THR A 244 -46.33 43.90 22.69
CA THR A 244 -46.96 44.64 21.58
C THR A 244 -47.75 45.83 22.11
N ASP A 245 -47.56 46.21 23.38
CA ASP A 245 -48.33 47.34 23.97
C ASP A 245 -47.45 48.37 24.66
N GLY A 246 -46.25 48.54 24.12
CA GLY A 246 -45.27 49.45 24.66
C GLY A 246 -44.65 49.12 26.00
N GLY A 247 -44.52 47.84 26.37
CA GLY A 247 -43.92 47.50 27.65
C GLY A 247 -44.88 47.22 28.79
N HIS A 248 -46.17 47.49 28.58
CA HIS A 248 -47.18 47.25 29.59
C HIS A 248 -47.26 45.76 29.98
N SER A 249 -47.33 44.89 28.97
CA SER A 249 -47.41 43.44 29.23
C SER A 249 -46.61 42.69 28.16
N TYR A 250 -46.15 41.46 28.47
CA TYR A 250 -45.28 40.67 27.61
C TYR A 250 -45.94 39.34 27.31
N GLY A 251 -45.61 38.73 26.17
CA GLY A 251 -46.06 37.37 25.88
C GLY A 251 -45.25 36.36 26.73
N PRO A 252 -45.35 35.07 26.39
CA PRO A 252 -44.68 34.08 27.20
C PRO A 252 -43.14 34.19 27.13
N VAL A 253 -42.50 33.83 28.24
CA VAL A 253 -41.04 33.81 28.35
C VAL A 253 -40.47 32.48 27.85
N THR A 254 -39.44 32.54 27.00
CA THR A 254 -38.80 31.32 26.44
C THR A 254 -37.30 31.40 26.73
N ILE A 255 -36.64 30.24 26.77
CA ILE A 255 -35.18 30.18 26.88
C ILE A 255 -34.58 30.34 25.45
N ASP A 256 -33.64 31.27 25.30
CA ASP A 256 -33.08 31.55 23.97
C ASP A 256 -31.73 30.84 23.90
N ARG A 257 -31.70 29.67 23.24
CA ARG A 257 -30.48 28.90 23.19
C ARG A 257 -29.44 29.45 22.22
N ASP A 258 -29.76 30.51 21.48
CA ASP A 258 -28.69 31.19 20.73
C ASP A 258 -27.78 32.01 21.63
N LEU A 259 -28.22 32.27 22.87
CA LEU A 259 -27.51 33.24 23.72
C LEU A 259 -27.07 32.56 24.99
N PRO A 260 -25.87 31.89 24.97
CA PRO A 260 -25.35 31.33 26.24
C PRO A 260 -25.04 32.43 27.24
N ASP A 261 -25.31 32.17 28.51
CA ASP A 261 -25.10 33.19 29.54
C ASP A 261 -24.86 32.43 30.84
N PRO A 262 -23.91 32.89 31.69
CA PRO A 262 -23.66 32.23 33.01
C PRO A 262 -24.42 32.77 34.25
N THR A 263 -25.62 33.35 34.04
CA THR A 263 -26.42 34.06 35.07
C THR A 263 -25.67 35.32 35.48
N ASN A 264 -25.79 36.32 34.61
CA ASN A 264 -24.99 37.53 34.63
C ASN A 264 -25.85 38.60 33.91
N ASN A 265 -25.62 39.88 34.17
CA ASN A 265 -26.26 40.93 33.36
C ASN A 265 -25.71 41.01 31.90
N ALA A 266 -26.29 41.88 31.04
CA ALA A 266 -26.04 41.91 29.58
C ALA A 266 -26.69 43.15 29.02
N SER A 267 -26.46 43.54 27.77
CA SER A 267 -27.22 44.66 27.19
C SER A 267 -27.58 44.42 25.76
N ILE A 268 -28.71 44.95 25.35
CA ILE A 268 -29.21 44.79 24.00
C ILE A 268 -29.64 46.19 23.58
N ILE A 269 -29.05 46.68 22.50
CA ILE A 269 -29.39 48.01 21.95
C ILE A 269 -29.64 47.96 20.43
N ARG A 270 -30.33 49.00 19.98
CA ARG A 270 -30.46 49.36 18.59
C ARG A 270 -29.14 49.92 18.10
N ALA A 271 -28.58 49.33 17.02
CA ALA A 271 -27.38 49.83 16.34
C ALA A 271 -27.60 51.21 15.75
N PHE A 272 -28.80 51.50 15.27
CA PHE A 272 -29.14 52.78 14.65
C PHE A 272 -30.47 53.24 15.26
N PRO A 273 -30.40 53.85 16.46
CA PRO A 273 -31.62 54.19 17.18
C PRO A 273 -32.51 55.28 16.51
N ASP A 274 -32.00 55.98 15.49
CA ASP A 274 -32.74 57.05 14.80
C ASP A 274 -33.31 56.60 13.45
N ALA A 275 -33.01 55.38 13.05
CA ALA A 275 -33.56 54.81 11.83
C ALA A 275 -35.06 54.80 11.88
N PRO A 276 -35.70 55.11 10.73
CA PRO A 276 -37.15 55.15 10.68
C PRO A 276 -37.80 53.73 10.79
N ALA A 277 -39.04 53.69 11.28
CA ALA A 277 -39.72 52.41 11.50
C ALA A 277 -39.74 51.58 10.18
N GLY A 278 -39.52 50.28 10.34
CA GLY A 278 -39.61 49.31 9.24
C GLY A 278 -38.42 49.29 8.30
N SER A 279 -37.45 50.18 8.53
CA SER A 279 -36.26 50.30 7.65
C SER A 279 -35.27 49.17 7.98
N ALA A 280 -34.48 48.77 6.98
CA ALA A 280 -33.48 47.74 7.17
C ALA A 280 -32.58 48.04 8.41
N ARG A 281 -32.19 49.31 8.59
CA ARG A 281 -31.35 49.74 9.70
C ARG A 281 -32.08 49.68 11.01
N ALA A 282 -33.39 49.94 10.98
CA ALA A 282 -34.16 49.86 12.21
C ALA A 282 -34.12 48.48 12.81
N LYS A 283 -33.73 47.46 12.00
CA LYS A 283 -33.78 46.05 12.43
C LYS A 283 -32.50 45.56 13.11
N VAL A 284 -31.43 46.38 13.10
CA VAL A 284 -30.11 45.99 13.61
C VAL A 284 -29.93 46.16 15.14
N LEU A 285 -29.58 45.04 15.82
CA LEU A 285 -29.41 45.03 17.25
C LEU A 285 -27.98 44.64 17.52
N LEU A 286 -27.42 45.20 18.59
CA LEU A 286 -26.15 44.73 19.19
C LEU A 286 -26.45 44.19 20.58
N PHE A 287 -25.77 43.10 20.91
CA PHE A 287 -25.93 42.46 22.23
C PHE A 287 -24.54 42.27 22.83
N SER A 288 -24.38 42.60 24.13
CA SER A 288 -23.15 42.29 24.87
C SER A 288 -23.42 41.44 26.10
N ASN A 289 -22.62 40.36 26.29
CA ASN A 289 -22.70 39.51 27.48
C ASN A 289 -21.42 38.65 27.66
N ALA A 290 -21.31 37.90 28.76
CA ALA A 290 -20.34 36.83 28.88
C ALA A 290 -20.90 35.62 28.11
N ALA A 291 -20.22 35.22 27.05
CA ALA A 291 -20.71 34.10 26.22
C ALA A 291 -20.26 32.72 26.69
N SER A 292 -20.30 32.49 27.99
CA SER A 292 -19.97 31.20 28.62
C SER A 292 -21.17 30.75 29.46
N GLN A 293 -21.35 29.44 29.62
CA GLN A 293 -22.47 28.99 30.45
C GLN A 293 -22.07 28.75 31.91
N THR A 294 -20.77 28.61 32.14
CA THR A 294 -20.24 28.25 33.42
C THR A 294 -19.40 29.36 34.05
N SER A 295 -19.07 30.43 33.30
CA SER A 295 -18.24 31.52 33.89
C SER A 295 -18.39 32.88 33.25
N ARG A 296 -18.06 33.92 34.01
CA ARG A 296 -18.18 35.30 33.57
C ARG A 296 -16.87 35.69 32.87
N SER A 297 -16.80 35.26 31.64
CA SER A 297 -15.62 35.44 30.81
C SER A 297 -16.12 35.30 29.38
N GLN A 298 -15.22 35.46 28.43
CA GLN A 298 -15.59 35.47 27.00
C GLN A 298 -16.68 36.52 26.64
N GLY A 299 -16.47 37.74 27.12
CA GLY A 299 -17.35 38.86 26.70
C GLY A 299 -17.37 38.99 25.20
N THR A 300 -18.59 39.08 24.65
CA THR A 300 -18.86 38.91 23.24
C THR A 300 -19.94 39.90 22.79
N ILE A 301 -19.75 40.49 21.61
CA ILE A 301 -20.70 41.41 20.99
C ILE A 301 -21.32 40.55 19.92
N ARG A 302 -22.66 40.53 19.85
CA ARG A 302 -23.35 39.83 18.76
C ARG A 302 -24.18 40.85 18.00
N MET A 303 -24.49 40.54 16.76
CA MET A 303 -25.29 41.44 15.92
C MET A 303 -26.34 40.61 15.24
N SER A 304 -27.53 41.19 15.17
CA SER A 304 -28.72 40.66 14.47
C SER A 304 -29.22 41.74 13.57
N CYS A 305 -29.62 41.37 12.36
CA CYS A 305 -30.15 42.36 11.42
C CYS A 305 -31.59 42.08 11.08
N ASP A 306 -32.23 41.27 11.92
CA ASP A 306 -33.65 40.91 11.79
C ASP A 306 -34.46 41.02 13.12
N ASP A 307 -34.21 42.10 13.86
CA ASP A 307 -34.97 42.44 15.11
C ASP A 307 -34.78 41.38 16.18
N GLY A 308 -33.67 40.67 16.08
CA GLY A 308 -33.25 39.71 17.10
C GLY A 308 -33.72 38.30 16.88
N GLN A 309 -34.26 37.98 15.70
CA GLN A 309 -34.58 36.59 15.37
C GLN A 309 -33.36 35.72 15.20
N THR A 310 -32.31 36.27 14.58
CA THR A 310 -31.03 35.56 14.37
C THR A 310 -29.87 36.42 14.78
N TRP A 311 -28.76 35.80 15.22
CA TRP A 311 -27.54 36.50 15.68
C TRP A 311 -26.38 35.95 14.84
N PRO A 312 -26.33 36.33 13.55
CA PRO A 312 -25.28 35.71 12.69
C PRO A 312 -23.84 36.12 12.98
N VAL A 313 -23.67 37.22 13.70
CA VAL A 313 -22.38 37.86 13.87
C VAL A 313 -22.01 37.95 15.34
N SER A 314 -20.76 37.65 15.67
CA SER A 314 -20.30 37.80 17.03
C SER A 314 -18.80 38.03 17.00
N LYS A 315 -18.30 38.75 18.00
CA LYS A 315 -16.86 38.87 18.18
C LYS A 315 -16.54 38.99 19.64
N VAL A 316 -15.45 38.36 20.05
CA VAL A 316 -15.04 38.44 21.43
C VAL A 316 -14.32 39.76 21.71
N PHE A 317 -14.71 40.44 22.79
CA PHE A 317 -13.98 41.65 23.16
C PHE A 317 -13.14 41.47 24.40
N GLN A 318 -13.45 40.44 25.17
CA GLN A 318 -12.71 40.14 26.41
C GLN A 318 -12.71 38.64 26.63
N PRO A 319 -11.64 37.95 26.15
CA PRO A 319 -11.44 36.52 26.42
C PRO A 319 -11.39 36.18 27.91
N GLY A 320 -10.89 37.09 28.76
CA GLY A 320 -10.79 36.81 30.18
C GLY A 320 -12.04 37.25 30.95
N SER A 321 -11.82 37.65 32.19
CA SER A 321 -12.89 37.99 33.11
C SER A 321 -13.77 39.07 32.49
N MET A 322 -15.07 38.81 32.46
CA MET A 322 -15.99 39.80 31.94
C MET A 322 -17.34 39.55 32.59
N SER A 323 -17.70 40.47 33.50
CA SER A 323 -18.95 40.34 34.21
C SER A 323 -20.07 41.18 33.56
N PHE A 324 -20.53 42.23 34.26
CA PHE A 324 -21.57 43.12 33.71
C PHE A 324 -20.99 44.00 32.56
N SER A 325 -21.81 44.29 31.55
CA SER A 325 -21.40 45.14 30.39
C SER A 325 -22.66 45.83 29.86
N THR A 326 -22.47 47.05 29.34
CA THR A 326 -23.57 47.84 28.90
C THR A 326 -23.12 48.69 27.72
N LEU A 327 -23.89 48.60 26.63
CA LEU A 327 -23.66 49.28 25.34
C LEU A 327 -24.47 50.56 25.15
N THR A 328 -23.88 51.49 24.42
CA THR A 328 -24.64 52.64 23.98
C THR A 328 -24.13 53.09 22.64
N ALA A 329 -24.99 53.72 21.85
CA ALA A 329 -24.63 54.17 20.51
C ALA A 329 -24.18 55.62 20.63
N LEU A 330 -23.03 55.91 20.02
CA LEU A 330 -22.43 57.20 20.07
C LEU A 330 -22.78 58.00 18.83
N PRO A 331 -22.84 59.34 18.99
CA PRO A 331 -23.14 60.31 17.91
C PRO A 331 -22.26 60.13 16.68
N ASP A 332 -21.01 59.72 16.86
CA ASP A 332 -20.09 59.54 15.71
C ASP A 332 -20.27 58.21 14.95
N GLY A 333 -21.31 57.47 15.33
CA GLY A 333 -21.59 56.14 14.75
C GLY A 333 -20.86 54.93 15.33
N THR A 334 -20.04 55.13 16.38
CA THR A 334 -19.32 54.06 16.97
C THR A 334 -20.10 53.66 18.21
N TYR A 335 -19.56 52.72 18.99
CA TYR A 335 -20.34 52.25 20.12
C TYR A 335 -19.54 52.32 21.37
N GLY A 336 -20.20 52.67 22.46
CA GLY A 336 -19.57 52.68 23.78
C GLY A 336 -19.86 51.39 24.51
N LEU A 337 -18.93 50.96 25.36
CA LEU A 337 -19.06 49.67 26.02
C LEU A 337 -18.43 49.80 27.38
N LEU A 338 -19.25 49.76 28.42
CA LEU A 338 -18.76 49.91 29.75
C LEU A 338 -18.95 48.54 30.43
N TYR A 339 -17.90 48.01 31.02
CA TYR A 339 -18.01 46.61 31.48
C TYR A 339 -17.05 46.32 32.67
N GLU A 340 -17.21 45.16 33.32
CA GLU A 340 -16.42 44.78 34.49
C GLU A 340 -15.33 43.73 34.15
N PRO A 341 -14.07 44.17 34.02
CA PRO A 341 -12.95 43.24 33.71
C PRO A 341 -12.41 42.48 34.94
N GLY A 342 -12.92 42.80 36.10
CA GLY A 342 -12.48 42.17 37.31
C GLY A 342 -11.73 43.17 38.19
N THR A 343 -11.13 44.20 37.60
CA THR A 343 -10.39 45.16 38.40
C THR A 343 -11.10 46.50 38.64
N GLY A 344 -12.41 46.55 38.33
CA GLY A 344 -13.22 47.74 38.45
C GLY A 344 -14.11 47.92 37.26
N ILE A 345 -13.98 49.07 36.62
CA ILE A 345 -14.89 49.50 35.54
C ILE A 345 -13.99 49.99 34.42
N ARG A 346 -14.26 49.54 33.19
CA ARG A 346 -13.42 49.84 32.00
C ARG A 346 -14.35 50.27 30.89
N TYR A 347 -13.92 51.25 30.09
CA TYR A 347 -14.70 51.77 28.96
C TYR A 347 -13.99 51.50 27.62
N ALA A 348 -14.70 50.87 26.68
CA ALA A 348 -14.20 50.53 25.37
C ALA A 348 -15.04 51.25 24.32
N ASN A 349 -14.43 51.52 23.17
CA ASN A 349 -15.09 52.02 21.96
C ASN A 349 -14.78 51.07 20.80
N PHE A 350 -15.77 50.75 19.95
CA PHE A 350 -15.57 49.92 18.76
C PHE A 350 -16.51 50.38 17.64
N ASN A 351 -16.18 50.03 16.40
CA ASN A 351 -17.06 50.31 15.26
C ASN A 351 -17.63 48.99 14.65
N LEU A 352 -18.61 49.07 13.76
CA LEU A 352 -19.03 47.84 13.05
C LEU A 352 -17.92 47.14 12.25
N ALA A 353 -17.01 47.88 11.60
CA ALA A 353 -15.92 47.24 10.87
C ALA A 353 -15.07 46.30 11.75
N TRP A 354 -14.86 46.67 13.03
CA TRP A 354 -14.21 45.76 13.98
C TRP A 354 -14.97 44.42 14.20
N LEU A 355 -16.27 44.52 14.37
CA LEU A 355 -17.14 43.35 14.50
C LEU A 355 -16.90 42.34 13.32
N GLY A 356 -16.89 42.86 12.09
CA GLY A 356 -16.39 42.12 10.95
C GLY A 356 -17.41 41.12 10.41
N GLY A 357 -18.67 41.47 10.52
CA GLY A 357 -19.70 40.53 10.17
C GLY A 357 -20.42 40.83 8.89
N ILE A 358 -21.16 39.84 8.41
CA ILE A 358 -22.09 40.09 7.33
C ILE A 358 -23.47 39.66 7.80
N CYS A 359 -24.48 40.50 7.54
CA CYS A 359 -25.86 40.15 7.82
C CYS A 359 -26.30 39.09 6.84
N ALA A 360 -25.81 37.88 6.98
CA ALA A 360 -26.27 36.78 6.13
C ALA A 360 -26.49 35.56 7.00
N PRO A 361 -27.57 35.58 7.82
CA PRO A 361 -27.75 34.39 8.63
C PRO A 361 -28.08 33.18 7.73
N PHE A 362 -27.62 32.02 8.15
CA PHE A 362 -27.81 30.79 7.41
C PHE A 362 -28.17 29.57 8.29
N THR A 363 -28.82 28.59 7.70
CA THR A 363 -29.27 27.41 8.40
C THR A 363 -28.72 26.16 7.70
N ILE A 364 -28.43 25.14 8.50
CA ILE A 364 -28.01 23.84 7.99
C ILE A 364 -28.79 22.93 8.91
N PRO A 365 -29.60 22.00 8.35
CA PRO A 365 -30.42 21.17 9.24
C PRO A 365 -29.55 20.23 10.03
N ASP A 366 -30.08 19.84 11.19
CA ASP A 366 -29.50 18.74 11.96
C ASP A 366 -29.64 17.50 11.08
N VAL A 367 -28.77 16.51 11.24
CA VAL A 367 -28.88 15.34 10.38
C VAL A 367 -28.41 14.15 11.18
N ALA A 368 -28.99 12.98 10.90
CA ALA A 368 -28.61 11.74 11.57
C ALA A 368 -28.00 10.77 10.55
N LEU A 369 -26.98 10.03 10.96
CA LEU A 369 -26.31 9.07 10.09
C LEU A 369 -25.74 7.90 10.90
N GLU A 370 -25.19 6.93 10.17
CA GLU A 370 -24.50 5.81 10.77
C GLU A 370 -22.98 5.94 10.58
N PRO A 371 -22.21 5.32 11.48
CA PRO A 371 -20.77 5.25 11.25
C PRO A 371 -20.44 4.64 9.87
N GLY A 372 -19.57 5.33 9.13
CA GLY A 372 -19.19 4.89 7.80
C GLY A 372 -19.79 5.75 6.70
N GLN A 373 -20.96 6.31 6.96
CA GLN A 373 -21.78 6.95 5.93
C GLN A 373 -21.45 8.39 5.58
N GLN A 374 -21.89 8.74 4.37
CA GLN A 374 -21.74 10.06 3.78
C GLN A 374 -23.11 10.63 3.45
N VAL A 375 -23.36 11.85 3.92
CA VAL A 375 -24.59 12.54 3.56
C VAL A 375 -24.33 13.99 3.15
N THR A 376 -25.11 14.45 2.19
CA THR A 376 -25.13 15.84 1.77
C THR A 376 -26.41 16.50 2.30
N VAL A 377 -26.23 17.62 3.01
CA VAL A 377 -27.34 18.39 3.57
C VAL A 377 -27.40 19.74 2.85
N PRO A 378 -28.62 20.33 2.70
CA PRO A 378 -28.77 21.65 2.09
C PRO A 378 -28.42 22.76 3.07
N VAL A 379 -27.86 23.86 2.55
CA VAL A 379 -27.56 25.07 3.33
C VAL A 379 -28.46 26.16 2.75
N ALA A 380 -29.23 26.87 3.57
CA ALA A 380 -29.96 28.09 3.10
C ALA A 380 -29.45 29.37 3.78
N VAL A 381 -28.85 30.25 2.99
CA VAL A 381 -28.35 31.57 3.40
C VAL A 381 -29.46 32.62 3.12
N THR A 382 -30.02 33.24 4.16
CA THR A 382 -30.89 34.39 4.01
C THR A 382 -30.08 35.71 4.01
N ASN A 383 -29.92 36.32 2.83
CA ASN A 383 -29.01 37.46 2.72
C ASN A 383 -29.65 38.78 3.06
N GLN A 384 -29.31 39.34 4.22
CA GLN A 384 -29.91 40.59 4.68
C GLN A 384 -28.99 41.82 4.49
N SER A 385 -27.91 41.65 3.73
CA SER A 385 -26.86 42.67 3.70
C SER A 385 -27.11 43.74 2.65
N GLY A 386 -27.90 43.41 1.62
CA GLY A 386 -28.15 44.33 0.52
C GLY A 386 -27.05 44.28 -0.52
N ILE A 387 -25.96 43.59 -0.22
CA ILE A 387 -24.80 43.58 -1.10
C ILE A 387 -24.67 42.26 -1.86
N ALA A 388 -24.03 42.34 -3.03
CA ALA A 388 -23.67 41.16 -3.77
C ALA A 388 -22.35 40.59 -3.23
N VAL A 389 -22.29 39.27 -3.09
CA VAL A 389 -21.04 38.56 -2.82
C VAL A 389 -20.81 37.45 -3.87
N PRO A 390 -19.94 37.71 -4.88
CA PRO A 390 -19.63 36.72 -5.93
C PRO A 390 -18.90 35.44 -5.47
N LYS A 391 -18.07 35.53 -4.42
CA LYS A 391 -17.27 34.35 -3.99
C LYS A 391 -17.40 34.02 -2.50
N PRO A 392 -18.62 33.66 -2.03
CA PRO A 392 -18.70 33.11 -0.67
C PRO A 392 -18.05 31.75 -0.57
N SER A 393 -17.48 31.47 0.60
CA SER A 393 -17.04 30.13 0.93
C SER A 393 -17.69 29.72 2.26
N LEU A 394 -17.71 28.41 2.50
CA LEU A 394 -18.23 27.87 3.74
C LEU A 394 -17.11 27.06 4.37
N GLN A 395 -16.70 27.44 5.59
CA GLN A 395 -15.67 26.68 6.31
C GLN A 395 -16.30 25.94 7.47
N LEU A 396 -16.05 24.64 7.58
CA LEU A 396 -16.71 23.88 8.64
C LEU A 396 -15.72 23.43 9.71
N ASP A 397 -16.21 23.30 10.95
CA ASP A 397 -15.42 22.84 12.09
C ASP A 397 -16.07 21.58 12.70
N ALA A 398 -15.45 20.43 12.46
CA ALA A 398 -16.00 19.15 12.88
C ALA A 398 -14.93 18.31 13.59
N SER A 399 -15.28 17.12 14.09
CA SER A 399 -14.28 16.21 14.65
C SER A 399 -13.04 16.08 13.76
N PRO A 400 -11.86 15.99 14.40
CA PRO A 400 -10.56 16.06 13.66
C PRO A 400 -10.41 15.02 12.53
N ASP A 401 -11.12 13.91 12.63
CA ASP A 401 -11.01 12.82 11.67
C ASP A 401 -12.19 12.68 10.72
N TRP A 402 -13.17 13.57 10.82
CA TRP A 402 -14.34 13.56 9.96
C TRP A 402 -13.96 14.30 8.70
N GLN A 403 -14.44 13.81 7.55
CA GLN A 403 -14.42 14.58 6.30
C GLN A 403 -15.71 15.42 6.14
N VAL A 404 -15.56 16.75 6.25
CA VAL A 404 -16.62 17.72 6.01
C VAL A 404 -16.09 18.73 4.96
N GLN A 405 -16.99 19.20 4.10
CA GLN A 405 -16.70 20.19 3.06
C GLN A 405 -18.02 20.88 2.71
N GLY A 406 -17.94 22.13 2.30
CA GLY A 406 -19.15 22.90 2.02
C GLY A 406 -18.89 23.94 0.96
N SER A 407 -19.97 24.50 0.44
CA SER A 407 -19.90 25.46 -0.64
C SER A 407 -21.21 26.21 -0.65
N VAL A 408 -21.14 27.47 -1.06
CA VAL A 408 -22.32 28.32 -1.17
C VAL A 408 -22.29 29.05 -2.51
N GLU A 409 -23.48 29.17 -3.14
CA GLU A 409 -23.65 29.95 -4.36
C GLU A 409 -23.60 31.46 -4.10
N PRO A 410 -23.28 32.27 -5.13
CA PRO A 410 -23.15 33.73 -4.89
C PRO A 410 -24.38 34.33 -4.23
N LEU A 411 -24.14 35.28 -3.32
CA LEU A 411 -25.20 36.00 -2.62
C LEU A 411 -25.67 37.19 -3.40
N MET A 412 -26.99 37.33 -3.46
CA MET A 412 -27.61 38.39 -4.19
C MET A 412 -28.48 39.15 -3.22
N PRO A 413 -28.43 40.49 -3.29
CA PRO A 413 -29.18 41.41 -2.45
C PRO A 413 -30.69 41.08 -2.46
N GLY A 414 -31.29 41.04 -1.26
CA GLY A 414 -32.70 40.71 -1.08
C GLY A 414 -33.08 39.24 -1.32
N ARG A 415 -32.08 38.38 -1.54
CA ARG A 415 -32.32 37.00 -2.01
C ARG A 415 -31.75 35.93 -1.08
N GLN A 416 -32.36 34.74 -1.14
CA GLN A 416 -31.82 33.55 -0.47
C GLN A 416 -30.81 32.82 -1.40
N ALA A 417 -29.74 32.30 -0.83
CA ALA A 417 -28.75 31.50 -1.57
C ALA A 417 -28.70 30.06 -1.06
N LYS A 418 -28.49 29.14 -1.99
CA LYS A 418 -28.37 27.71 -1.70
C LYS A 418 -26.91 27.29 -1.51
N GLY A 419 -26.70 26.29 -0.68
CA GLY A 419 -25.37 25.73 -0.53
C GLY A 419 -25.51 24.28 -0.17
N GLN A 420 -24.40 23.65 0.22
CA GLN A 420 -24.39 22.25 0.52
C GLN A 420 -23.26 21.88 1.44
N VAL A 421 -23.51 20.92 2.32
CA VAL A 421 -22.44 20.39 3.11
C VAL A 421 -22.46 18.89 2.94
N THR A 422 -21.27 18.33 2.71
CA THR A 422 -21.06 16.88 2.62
C THR A 422 -20.22 16.34 3.79
N ILE A 423 -20.79 15.41 4.53
CA ILE A 423 -20.12 14.94 5.73
C ILE A 423 -19.89 13.45 5.63
N THR A 424 -18.65 13.03 5.89
CA THR A 424 -18.34 11.64 6.04
C THR A 424 -17.84 11.32 7.46
N VAL A 425 -18.56 10.40 8.09
CA VAL A 425 -18.22 9.93 9.40
C VAL A 425 -17.48 8.60 9.31
N PRO A 426 -16.28 8.52 9.91
CA PRO A 426 -15.55 7.26 9.74
C PRO A 426 -16.27 6.11 10.46
N ALA A 427 -16.19 4.91 9.90
CA ALA A 427 -16.65 3.71 10.60
C ALA A 427 -15.85 3.72 11.91
N GLY A 428 -16.43 3.24 13.01
CA GLY A 428 -15.69 3.31 14.27
C GLY A 428 -15.93 4.61 15.06
N THR A 429 -16.70 5.54 14.50
CA THR A 429 -17.08 6.75 15.25
C THR A 429 -18.03 6.30 16.38
N THR A 430 -17.78 6.78 17.60
CA THR A 430 -18.59 6.47 18.78
C THR A 430 -19.99 7.09 18.58
N PRO A 431 -21.06 6.33 18.85
CA PRO A 431 -22.37 6.98 18.78
C PRO A 431 -22.44 8.20 19.67
N GLY A 432 -23.21 9.18 19.25
CA GLY A 432 -23.36 10.41 20.04
C GLY A 432 -23.84 11.58 19.20
N ARG A 433 -23.96 12.74 19.85
CA ARG A 433 -24.35 13.98 19.17
C ARG A 433 -23.14 14.87 18.91
N TYR A 434 -22.99 15.31 17.67
CA TYR A 434 -21.79 16.08 17.31
C TYR A 434 -22.13 17.45 16.76
N ARG A 435 -21.69 18.49 17.46
CA ARG A 435 -21.90 19.86 17.01
C ARG A 435 -20.88 20.21 15.95
N VAL A 436 -21.36 20.72 14.84
CA VAL A 436 -20.50 21.10 13.75
C VAL A 436 -20.69 22.60 13.60
N GLY A 437 -19.61 23.33 13.61
CA GLY A 437 -19.70 24.75 13.41
C GLY A 437 -19.45 24.99 11.95
N ALA A 438 -20.00 26.08 11.46
CA ALA A 438 -19.96 26.43 10.08
C ALA A 438 -19.74 27.94 10.05
N THR A 439 -18.83 28.40 9.19
CA THR A 439 -18.62 29.83 8.92
C THR A 439 -18.79 30.20 7.44
N LEU A 440 -19.60 31.22 7.18
CA LEU A 440 -19.72 31.78 5.85
C LEU A 440 -18.65 32.87 5.77
N ARG A 441 -17.66 32.71 4.89
CA ARG A 441 -16.61 33.70 4.74
C ARG A 441 -16.83 34.50 3.45
N THR A 442 -16.83 35.82 3.59
CA THR A 442 -16.93 36.74 2.46
C THR A 442 -15.98 37.92 2.68
N SER A 443 -15.62 38.61 1.61
CA SER A 443 -14.74 39.80 1.70
C SER A 443 -15.41 40.96 2.46
N ALA A 444 -16.74 40.91 2.56
CA ALA A 444 -17.54 41.89 3.31
C ALA A 444 -17.88 41.45 4.78
N GLY A 445 -17.17 40.48 5.32
CA GLY A 445 -17.49 39.96 6.65
C GLY A 445 -18.02 38.55 6.66
N ASN A 446 -18.07 37.99 7.86
CA ASN A 446 -18.36 36.57 8.09
C ASN A 446 -19.60 36.36 8.96
N ALA A 447 -20.28 35.25 8.76
CA ALA A 447 -21.36 34.86 9.66
C ALA A 447 -21.17 33.38 10.00
N SER A 448 -21.83 32.91 11.06
CA SER A 448 -21.64 31.55 11.49
C SER A 448 -22.95 30.95 12.01
N THR A 449 -22.94 29.62 12.11
CA THR A 449 -24.05 28.85 12.62
C THR A 449 -23.45 27.55 13.14
N THR A 450 -24.24 26.72 13.81
CA THR A 450 -23.79 25.39 14.16
C THR A 450 -24.88 24.44 13.70
N PHE A 451 -24.59 23.16 13.64
CA PHE A 451 -25.66 22.18 13.38
C PHE A 451 -25.22 20.88 14.01
N THR A 452 -26.17 19.99 14.26
CA THR A 452 -25.84 18.74 14.93
C THR A 452 -25.90 17.57 13.97
N VAL A 453 -24.88 16.73 14.06
CA VAL A 453 -24.84 15.44 13.38
C VAL A 453 -24.91 14.39 14.49
N THR A 454 -25.94 13.55 14.38
CA THR A 454 -26.21 12.47 15.29
C THR A 454 -25.70 11.21 14.60
N VAL A 455 -24.81 10.48 15.28
CA VAL A 455 -24.31 9.21 14.82
C VAL A 455 -24.85 8.05 15.69
N GLY A 456 -25.53 7.10 15.06
CA GLY A 456 -25.99 5.86 15.73
C GLY A 456 -26.93 6.08 16.93
N LEU A 457 -27.69 7.18 16.94
CA LEU A 457 -28.76 7.44 17.94
C LEU A 457 -30.20 7.30 17.36
N LEU A 458 -31.11 6.77 18.17
CA LEU A 458 -32.53 6.87 17.87
C LEU A 458 -33.00 8.32 17.94
N ASP A 459 -34.06 8.62 17.21
CA ASP A 459 -34.72 9.92 17.19
C ASP A 459 -35.60 10.11 18.46
N GLN A 460 -35.15 11.00 19.32
CA GLN A 460 -35.86 11.39 20.53
C GLN A 460 -37.30 11.88 20.29
N ALA A 461 -37.53 12.57 19.15
CA ALA A 461 -38.82 13.13 18.84
C ALA A 461 -39.87 12.04 18.62
N ARG A 462 -39.46 10.81 18.31
CA ARG A 462 -40.39 9.64 18.33
C ARG A 462 -40.66 9.01 19.73
N MET A 463 -39.92 9.46 20.74
CA MET A 463 -40.01 8.82 22.02
C MET A 463 -41.06 9.45 22.89
N SER A 464 -41.47 8.71 23.91
CA SER A 464 -42.32 9.27 24.92
C SER A 464 -42.03 8.57 26.26
N ILE A 465 -42.48 9.17 27.38
CA ILE A 465 -42.31 8.56 28.71
C ILE A 465 -43.31 7.41 28.91
N ALA A 466 -42.80 6.20 29.14
CA ALA A 466 -43.70 5.08 29.39
C ALA A 466 -44.12 5.08 30.83
N ASP A 467 -43.18 5.33 31.77
CA ASP A 467 -43.50 5.46 33.20
C ASP A 467 -42.34 6.17 33.88
N VAL A 468 -42.57 6.65 35.09
CA VAL A 468 -41.55 7.25 35.94
C VAL A 468 -42.02 6.99 37.40
N ASP A 469 -41.06 6.76 38.29
CA ASP A 469 -41.41 6.52 39.73
C ASP A 469 -41.91 7.79 40.47
N SER A 470 -41.33 8.93 40.08
CA SER A 470 -41.47 10.18 40.80
C SER A 470 -40.97 11.34 39.92
N GLU A 471 -41.69 12.46 39.99
CA GLU A 471 -41.32 13.69 39.26
C GLU A 471 -41.86 14.92 39.97
N GLU A 472 -41.05 15.97 40.06
CA GLU A 472 -41.50 17.27 40.59
C GLU A 472 -42.09 18.04 39.49
N THR A 473 -43.27 18.56 39.71
CA THR A 473 -43.86 19.50 38.79
C THR A 473 -44.41 20.75 39.47
N ALA A 474 -44.64 20.66 40.78
CA ALA A 474 -45.29 21.73 41.55
C ALA A 474 -44.40 22.98 41.74
N ARG A 475 -43.18 22.80 42.27
CA ARG A 475 -42.24 23.93 42.54
C ARG A 475 -41.11 24.10 41.51
N GLU A 476 -41.03 23.16 40.55
CA GLU A 476 -40.25 23.40 39.34
C GLU A 476 -40.62 22.42 38.28
N ASP A 477 -40.09 22.64 37.09
CA ASP A 477 -40.37 21.77 35.95
C ASP A 477 -39.31 20.67 35.89
N GLY A 478 -39.58 19.57 36.63
CA GLY A 478 -38.79 18.35 36.64
C GLY A 478 -39.51 17.19 35.93
N ARG A 479 -40.40 17.52 35.01
CA ARG A 479 -41.07 16.48 34.15
C ARG A 479 -40.14 15.42 33.55
N ALA A 480 -40.51 14.15 33.65
CA ALA A 480 -39.71 13.05 33.06
C ALA A 480 -39.44 13.33 31.60
N SER A 481 -40.41 13.89 30.89
CA SER A 481 -40.28 14.15 29.45
C SER A 481 -39.13 15.08 29.13
N ASN A 482 -38.63 15.80 30.13
CA ASN A 482 -37.46 16.66 29.90
C ASN A 482 -36.19 15.87 29.56
N VAL A 483 -36.15 14.56 29.80
CA VAL A 483 -34.94 13.79 29.39
C VAL A 483 -34.88 13.57 27.88
N ILE A 484 -36.00 13.72 27.19
CA ILE A 484 -36.02 13.41 25.75
C ILE A 484 -36.36 14.63 24.92
N ASP A 485 -35.99 15.80 25.40
CA ASP A 485 -36.26 16.98 24.58
C ASP A 485 -35.03 17.51 23.79
N GLY A 486 -33.90 16.83 23.92
CA GLY A 486 -32.69 17.19 23.19
C GLY A 486 -31.98 18.40 23.74
N ASN A 487 -32.27 18.70 25.02
CA ASN A 487 -31.80 19.88 25.76
C ASN A 487 -31.14 19.58 27.15
N PRO A 488 -29.78 19.63 27.24
CA PRO A 488 -29.10 19.43 28.53
C PRO A 488 -29.56 20.47 29.63
N SER A 489 -30.18 21.59 29.21
CA SER A 489 -30.68 22.65 30.07
C SER A 489 -32.02 22.37 30.76
N THR A 490 -32.76 21.33 30.36
CA THR A 490 -34.02 20.97 31.04
C THR A 490 -33.75 19.57 31.59
N PHE A 491 -34.41 19.19 32.68
CA PHE A 491 -34.06 17.92 33.33
C PHE A 491 -35.29 17.30 33.98
N TRP A 492 -35.29 15.98 34.09
CA TRP A 492 -36.25 15.26 34.93
C TRP A 492 -35.73 15.42 36.35
N HIS A 493 -36.59 15.62 37.33
CA HIS A 493 -36.11 15.68 38.70
C HIS A 493 -37.18 14.94 39.49
N THR A 494 -36.78 13.99 40.33
CA THR A 494 -37.79 13.28 41.12
C THR A 494 -38.42 14.23 42.11
N GLU A 495 -39.55 13.84 42.69
CA GLU A 495 -40.33 14.77 43.52
C GLU A 495 -39.55 15.22 44.72
N TRP A 496 -39.57 16.52 45.00
CA TRP A 496 -38.83 17.01 46.19
C TRP A 496 -39.65 17.87 47.13
N SER A 497 -40.75 18.47 46.65
CA SER A 497 -41.49 19.50 47.38
C SER A 497 -42.47 18.99 48.40
N ARG A 498 -42.72 17.69 48.42
CA ARG A 498 -43.33 17.07 49.58
C ARG A 498 -42.28 16.22 50.30
N ALA A 499 -42.33 16.21 51.63
CA ALA A 499 -41.41 15.42 52.47
C ALA A 499 -41.52 13.91 52.31
N ASP A 500 -42.70 13.46 51.87
CA ASP A 500 -43.01 12.04 51.66
C ASP A 500 -42.62 11.54 50.26
N ALA A 501 -42.02 12.41 49.43
CA ALA A 501 -41.44 11.97 48.15
C ALA A 501 -40.57 10.73 48.40
N PRO A 502 -40.55 9.75 47.47
CA PRO A 502 -39.72 8.58 47.75
C PRO A 502 -38.22 8.92 47.63
N GLY A 503 -37.37 8.07 48.21
CA GLY A 503 -35.96 8.08 47.89
C GLY A 503 -35.63 7.06 46.83
N TYR A 504 -34.35 6.68 46.76
CA TYR A 504 -33.89 5.68 45.81
C TYR A 504 -34.42 4.32 46.19
N PRO A 505 -34.58 3.40 45.19
CA PRO A 505 -34.32 3.59 43.71
C PRO A 505 -35.34 4.47 43.01
N HIS A 506 -34.91 5.04 41.89
CA HIS A 506 -35.76 5.82 41.04
C HIS A 506 -35.72 5.13 39.70
N ARG A 507 -36.67 5.44 38.84
CA ARG A 507 -36.87 4.67 37.65
C ARG A 507 -37.55 5.53 36.61
N ILE A 508 -36.97 5.53 35.41
CA ILE A 508 -37.59 6.16 34.20
C ILE A 508 -37.53 5.17 33.00
N SER A 509 -38.65 5.07 32.27
CA SER A 509 -38.83 4.11 31.13
C SER A 509 -39.33 4.84 29.94
N LEU A 510 -38.67 4.60 28.82
CA LEU A 510 -39.02 5.28 27.59
C LEU A 510 -39.70 4.34 26.60
N ASP A 511 -40.72 4.84 25.91
CA ASP A 511 -41.28 4.19 24.73
C ASP A 511 -40.55 4.81 23.52
N LEU A 512 -40.00 3.95 22.66
CA LEU A 512 -39.14 4.43 21.56
C LEU A 512 -40.01 4.76 20.36
N GLY A 513 -41.30 4.46 20.44
CA GLY A 513 -42.29 4.76 19.37
C GLY A 513 -42.38 3.65 18.33
N GLY A 514 -41.57 2.62 18.46
CA GLY A 514 -41.61 1.50 17.55
C GLY A 514 -40.38 0.68 17.88
N THR A 515 -40.27 -0.48 17.26
CA THR A 515 -39.26 -1.45 17.64
C THR A 515 -37.97 -1.11 16.94
N HIS A 516 -36.86 -1.16 17.70
CA HIS A 516 -35.58 -0.88 17.08
C HIS A 516 -34.52 -1.85 17.58
N THR A 517 -33.51 -2.09 16.74
CA THR A 517 -32.28 -2.71 17.19
C THR A 517 -31.51 -1.66 17.99
N ILE A 518 -31.36 -1.94 19.27
CA ILE A 518 -30.66 -1.02 20.18
C ILE A 518 -29.50 -1.67 20.91
N SER A 519 -28.58 -0.84 21.42
CA SER A 519 -27.30 -1.33 21.94
C SER A 519 -26.66 -0.41 22.96
N GLY A 520 -27.41 0.54 23.55
CA GLY A 520 -26.78 1.54 24.43
C GLY A 520 -27.69 2.66 24.89
N LEU A 521 -27.31 3.26 26.01
CA LEU A 521 -28.05 4.35 26.61
C LEU A 521 -26.97 5.39 26.90
N GLN A 522 -27.27 6.65 26.66
CA GLN A 522 -26.40 7.72 27.06
C GLN A 522 -27.08 8.63 28.10
N TYR A 523 -26.45 8.78 29.25
CA TYR A 523 -26.98 9.57 30.35
C TYR A 523 -26.18 10.87 30.48
N THR A 524 -26.90 11.98 30.54
CA THR A 524 -26.31 13.27 30.91
C THR A 524 -26.93 13.76 32.24
N ARG A 525 -26.10 14.00 33.27
CA ARG A 525 -26.57 14.37 34.59
C ARG A 525 -27.10 15.79 34.51
N ARG A 526 -27.83 16.23 35.55
CA ARG A 526 -28.24 17.63 35.65
C ARG A 526 -26.98 18.50 35.61
N GLN A 527 -27.04 19.61 34.85
CA GLN A 527 -25.84 20.46 34.64
C GLN A 527 -25.59 21.50 35.72
N ASN A 528 -26.64 21.98 36.39
CA ASN A 528 -26.48 23.15 37.25
C ASN A 528 -26.64 22.79 38.72
N SER A 529 -26.45 21.51 39.04
CA SER A 529 -26.53 21.07 40.41
C SER A 529 -26.00 19.65 40.50
N ALA A 530 -25.43 19.33 41.66
CA ALA A 530 -24.53 18.18 41.82
C ALA A 530 -24.95 17.16 42.87
N ASN A 531 -26.10 17.35 43.52
CA ASN A 531 -26.56 16.46 44.61
C ASN A 531 -27.75 15.55 44.26
N GLU A 532 -28.05 15.44 42.97
CA GLU A 532 -29.10 14.55 42.49
C GLU A 532 -28.49 13.68 41.38
N GLN A 533 -27.19 13.39 41.48
CA GLN A 533 -26.48 12.73 40.37
C GLN A 533 -26.56 11.20 40.47
N VAL A 534 -27.07 10.55 39.44
CA VAL A 534 -27.13 9.05 39.45
C VAL A 534 -25.73 8.43 39.59
N ALA A 535 -25.62 7.47 40.50
CA ALA A 535 -24.38 6.70 40.64
C ALA A 535 -24.65 5.30 40.11
N ASP A 536 -25.03 4.36 40.98
CA ASP A 536 -25.30 2.99 40.56
C ASP A 536 -26.58 2.93 39.75
N TYR A 537 -26.59 2.13 38.69
CA TYR A 537 -27.76 2.07 37.80
C TYR A 537 -27.91 0.66 37.21
N GLU A 538 -29.10 0.37 36.69
CA GLU A 538 -29.33 -0.82 35.84
C GLU A 538 -30.19 -0.38 34.67
N ILE A 539 -30.05 -1.08 33.55
CA ILE A 539 -30.83 -0.82 32.36
C ILE A 539 -31.55 -2.10 31.97
N TYR A 540 -32.84 -1.97 31.65
CA TYR A 540 -33.67 -3.10 31.21
C TYR A 540 -34.30 -2.73 29.90
N THR A 541 -34.69 -3.72 29.11
CA THR A 541 -35.40 -3.42 27.89
C THR A 541 -36.66 -4.26 27.79
N SER A 542 -37.52 -3.94 26.84
CA SER A 542 -38.76 -4.67 26.64
C SER A 542 -39.36 -4.59 25.21
N LEU A 543 -40.04 -5.65 24.81
CA LEU A 543 -40.78 -5.64 23.54
C LEU A 543 -42.24 -5.23 23.76
N ASN A 544 -42.84 -5.67 24.88
CA ASN A 544 -44.29 -5.41 25.10
C ASN A 544 -44.63 -4.27 26.07
N GLY A 545 -43.65 -3.79 26.80
CA GLY A 545 -43.91 -2.80 27.85
C GLY A 545 -44.20 -3.39 29.20
N THR A 546 -44.38 -4.71 29.28
CA THR A 546 -44.76 -5.34 30.55
C THR A 546 -43.78 -6.43 31.02
N THR A 547 -43.10 -7.10 30.08
CA THR A 547 -42.13 -8.09 30.46
C THR A 547 -40.77 -7.49 30.10
N TRP A 548 -39.97 -7.35 31.14
CA TRP A 548 -38.71 -6.63 31.08
C TRP A 548 -37.58 -7.63 31.14
N ASP A 549 -36.69 -7.52 30.18
CA ASP A 549 -35.49 -8.31 30.12
C ASP A 549 -34.31 -7.53 30.77
N GLY A 550 -33.48 -8.24 31.52
CA GLY A 550 -32.27 -7.66 32.11
C GLY A 550 -32.06 -7.93 33.59
N PRO A 551 -31.13 -7.16 34.22
CA PRO A 551 -30.48 -5.96 33.62
C PRO A 551 -29.58 -6.28 32.41
N VAL A 552 -29.80 -5.54 31.33
CA VAL A 552 -28.95 -5.76 30.18
C VAL A 552 -27.62 -5.02 30.31
N ALA A 553 -27.53 -4.11 31.29
CA ALA A 553 -26.31 -3.39 31.63
C ALA A 553 -26.45 -2.86 33.03
N SER A 554 -25.33 -2.77 33.75
CA SER A 554 -25.27 -2.06 35.00
C SER A 554 -23.86 -1.47 35.22
N GLY A 555 -23.77 -0.51 36.14
CA GLY A 555 -22.47 0.04 36.51
C GLY A 555 -22.69 1.19 37.47
N ARG A 556 -21.70 2.10 37.50
CA ARG A 556 -21.77 3.32 38.27
C ARG A 556 -21.33 4.48 37.38
N PHE A 557 -22.23 5.46 37.18
CA PHE A 557 -21.85 6.64 36.44
C PHE A 557 -20.87 7.48 37.25
N THR A 558 -20.15 8.37 36.58
CA THR A 558 -19.18 9.26 37.23
C THR A 558 -19.93 10.57 37.38
N THR A 559 -19.23 11.59 37.83
CA THR A 559 -19.82 12.92 37.98
C THR A 559 -19.63 13.79 36.72
N SER A 560 -19.01 13.25 35.68
CA SER A 560 -18.83 13.93 34.42
C SER A 560 -20.11 14.69 34.02
N LEU A 561 -19.93 15.89 33.50
CA LEU A 561 -21.01 16.64 32.87
C LEU A 561 -21.33 16.21 31.41
N ALA A 562 -20.47 15.39 30.80
CA ALA A 562 -20.65 14.95 29.42
C ALA A 562 -21.55 13.72 29.36
N PRO A 563 -22.19 13.44 28.19
CA PRO A 563 -22.93 12.18 28.11
C PRO A 563 -22.11 10.96 28.54
N GLN A 564 -22.74 10.04 29.26
CA GLN A 564 -22.06 8.81 29.68
C GLN A 564 -22.72 7.61 29.01
N ARG A 565 -21.91 6.73 28.40
CA ARG A 565 -22.48 5.60 27.64
C ARG A 565 -22.57 4.34 28.53
N ALA A 566 -23.68 3.62 28.40
CA ALA A 566 -23.86 2.29 29.02
C ALA A 566 -24.25 1.39 27.88
N VAL A 567 -23.32 0.55 27.44
CA VAL A 567 -23.53 -0.21 26.21
C VAL A 567 -23.85 -1.63 26.57
N PHE A 568 -24.57 -2.30 25.67
CA PHE A 568 -24.97 -3.68 25.82
C PHE A 568 -25.09 -4.31 24.46
N PRO A 569 -24.85 -5.63 24.36
CA PRO A 569 -25.05 -6.27 23.08
C PRO A 569 -26.41 -5.99 22.47
N ALA A 570 -26.37 -5.76 21.15
CA ALA A 570 -27.48 -5.29 20.39
C ALA A 570 -28.70 -6.22 20.54
N ARG A 571 -29.87 -5.64 20.73
CA ARG A 571 -31.11 -6.41 20.78
C ARG A 571 -32.28 -5.57 20.26
N ASP A 572 -33.38 -6.21 19.86
CA ASP A 572 -34.64 -5.51 19.48
C ASP A 572 -35.53 -5.15 20.70
N ALA A 573 -35.95 -3.90 20.79
CA ALA A 573 -36.82 -3.45 21.88
C ALA A 573 -37.71 -2.34 21.41
N ARG A 574 -38.83 -2.16 22.11
CA ARG A 574 -39.61 -0.96 21.86
C ARG A 574 -39.51 -0.02 23.10
N TYR A 575 -39.03 -0.55 24.24
CA TYR A 575 -38.97 0.22 25.49
C TYR A 575 -37.62 0.00 26.15
N ILE A 576 -37.12 1.04 26.81
CA ILE A 576 -35.87 0.94 27.54
C ILE A 576 -36.12 1.63 28.85
N ARG A 577 -35.59 1.03 29.90
CA ARG A 577 -35.80 1.49 31.27
C ARG A 577 -34.47 1.70 32.03
N LEU A 578 -34.31 2.90 32.63
CA LEU A 578 -33.19 3.19 33.51
C LEU A 578 -33.65 3.05 34.98
N VAL A 579 -33.00 2.19 35.72
CA VAL A 579 -33.25 2.12 37.19
C VAL A 579 -32.06 2.76 37.82
N ALA A 580 -32.25 3.92 38.41
CA ALA A 580 -31.22 4.60 39.21
C ALA A 580 -31.26 4.07 40.69
N LEU A 581 -30.25 3.31 41.07
CA LEU A 581 -30.21 2.66 42.41
C LEU A 581 -29.62 3.56 43.51
N SER A 582 -28.71 4.45 43.15
CA SER A 582 -28.16 5.35 44.14
C SER A 582 -27.70 6.72 43.57
N GLU A 583 -27.49 7.68 44.46
CA GLU A 583 -26.99 9.03 44.12
C GLU A 583 -25.51 9.12 44.51
N GLN A 584 -24.75 10.01 43.88
CA GLN A 584 -23.29 10.00 44.02
C GLN A 584 -22.80 10.08 45.47
N THR A 585 -23.52 10.81 46.32
CA THR A 585 -23.16 10.97 47.74
C THR A 585 -24.36 10.66 48.63
N GLY A 586 -25.26 9.78 48.16
CA GLY A 586 -26.27 9.23 49.08
C GLY A 586 -27.46 10.12 49.33
N HIS A 587 -27.61 11.14 48.47
CA HIS A 587 -28.82 12.00 48.52
C HIS A 587 -30.12 11.35 48.06
N LYS A 588 -31.24 12.04 48.33
CA LYS A 588 -32.61 11.52 48.12
C LYS A 588 -33.14 11.55 46.69
N TYR A 589 -32.71 12.52 45.89
CA TYR A 589 -33.28 12.77 44.56
C TYR A 589 -32.39 12.33 43.40
N ALA A 590 -33.05 12.01 42.29
CA ALA A 590 -32.43 11.81 40.99
C ALA A 590 -32.78 12.98 40.03
N ALA A 591 -31.83 13.39 39.18
CA ALA A 591 -32.09 14.32 38.12
C ALA A 591 -31.23 13.92 36.90
N VAL A 592 -31.82 13.99 35.71
CA VAL A 592 -31.19 13.56 34.45
C VAL A 592 -31.58 14.62 33.43
N ALA A 593 -30.58 15.27 32.84
CA ALA A 593 -30.81 16.23 31.80
C ALA A 593 -31.22 15.58 30.46
N GLU A 594 -30.56 14.47 30.07
CA GLU A 594 -30.83 13.86 28.77
C GLU A 594 -30.63 12.34 28.83
N LEU A 595 -31.52 11.61 28.11
CA LEU A 595 -31.31 10.20 27.77
C LEU A 595 -31.35 10.06 26.24
N GLU A 596 -30.24 9.56 25.67
CA GLU A 596 -30.18 9.14 24.25
C GLU A 596 -30.13 7.62 24.20
N VAL A 597 -30.71 7.02 23.15
CA VAL A 597 -30.61 5.59 22.91
C VAL A 597 -29.77 5.35 21.64
N GLU A 598 -28.68 4.59 21.78
CA GLU A 598 -27.93 4.03 20.69
C GLU A 598 -28.69 2.90 19.99
N GLY A 599 -28.89 3.06 18.67
CA GLY A 599 -29.59 2.03 17.94
C GLY A 599 -29.87 2.38 16.49
N GLN A 600 -30.42 1.45 15.73
CA GLN A 600 -30.75 1.66 14.34
C GLN A 600 -32.11 2.25 14.25
N ARG A 601 -32.16 3.47 13.77
CA ARG A 601 -33.43 4.14 13.69
C ARG A 601 -34.26 3.70 12.45
N GLY B 1 16.92 -34.35 -57.85
CA GLY B 1 17.71 -35.58 -58.20
C GLY B 1 17.77 -36.68 -57.14
N GLU B 2 18.40 -37.80 -57.52
CA GLU B 2 18.62 -38.93 -56.58
C GLU B 2 19.77 -38.64 -55.58
N PRO B 3 19.50 -38.75 -54.28
CA PRO B 3 20.58 -38.42 -53.38
C PRO B 3 21.83 -39.30 -53.56
N LEU B 4 22.99 -38.65 -53.48
CA LEU B 4 24.28 -39.34 -53.55
C LEU B 4 25.09 -39.02 -52.31
N TYR B 5 25.45 -40.07 -51.56
CA TYR B 5 26.57 -39.98 -50.61
C TYR B 5 27.44 -41.25 -50.61
N THR B 6 28.72 -41.16 -50.96
CA THR B 6 29.63 -42.34 -50.89
C THR B 6 31.00 -41.98 -50.34
N GLU B 7 31.67 -42.88 -49.64
CA GLU B 7 33.02 -42.54 -49.19
C GLU B 7 33.98 -43.72 -49.19
N GLN B 8 35.27 -43.41 -49.34
CA GLN B 8 36.25 -44.47 -49.35
C GLN B 8 37.55 -43.95 -48.74
N ASP B 9 38.29 -44.82 -48.08
CA ASP B 9 39.48 -44.35 -47.36
C ASP B 9 40.52 -44.23 -48.45
N LEU B 10 41.40 -43.21 -48.37
CA LEU B 10 42.49 -43.11 -49.32
C LEU B 10 43.80 -43.36 -48.62
N ALA B 11 43.84 -43.19 -47.31
CA ALA B 11 45.04 -43.47 -46.55
C ALA B 11 44.58 -44.00 -45.20
N VAL B 12 45.21 -45.07 -44.72
CA VAL B 12 44.82 -45.69 -43.49
C VAL B 12 46.12 -45.78 -42.74
N ASN B 13 46.15 -45.17 -41.55
CA ASN B 13 47.28 -45.24 -40.61
C ASN B 13 47.94 -46.59 -40.48
N GLY B 14 49.23 -46.69 -40.72
CA GLY B 14 49.95 -48.01 -40.65
C GLY B 14 50.10 -48.72 -42.01
N ARG B 15 49.29 -48.32 -43.00
CA ARG B 15 49.42 -48.89 -44.37
C ARG B 15 50.10 -47.99 -45.39
N GLU B 16 50.86 -48.59 -46.27
CA GLU B 16 51.48 -47.87 -47.43
C GLU B 16 52.60 -46.89 -47.05
N GLY B 17 53.20 -47.11 -45.89
CA GLY B 17 54.52 -46.57 -45.60
C GLY B 17 54.68 -45.58 -44.46
N PHE B 18 53.59 -45.28 -43.78
CA PHE B 18 53.56 -44.33 -42.68
C PHE B 18 52.58 -44.86 -41.64
N PRO B 19 52.91 -44.64 -40.36
CA PRO B 19 52.00 -44.95 -39.23
C PRO B 19 50.85 -44.00 -39.08
N ASN B 20 50.96 -42.83 -39.73
CA ASN B 20 50.02 -41.77 -39.48
C ASN B 20 49.92 -40.90 -40.69
N TYR B 21 48.67 -40.64 -41.07
CA TYR B 21 48.39 -39.72 -42.16
C TYR B 21 47.41 -38.64 -41.71
N ARG B 22 47.63 -37.39 -42.13
CA ARG B 22 46.74 -36.32 -41.60
C ARG B 22 46.75 -35.16 -42.60
N ILE B 23 45.78 -34.27 -42.47
CA ILE B 23 45.80 -32.90 -43.10
C ILE B 23 45.51 -32.91 -44.61
N PRO B 24 44.21 -32.94 -44.97
CA PRO B 24 43.74 -33.09 -46.34
C PRO B 24 43.72 -31.76 -47.23
N ALA B 25 44.10 -31.91 -48.51
CA ALA B 25 44.05 -30.84 -49.50
C ALA B 25 43.44 -31.56 -50.69
N LEU B 26 42.48 -30.91 -51.38
CA LEU B 26 41.74 -31.58 -52.48
C LEU B 26 41.51 -30.61 -53.59
N THR B 27 41.77 -31.01 -54.83
CA THR B 27 41.47 -30.10 -55.91
C THR B 27 41.15 -30.92 -57.17
N VAL B 28 40.71 -30.21 -58.23
CA VAL B 28 40.44 -30.84 -59.51
C VAL B 28 41.40 -30.15 -60.48
N THR B 29 42.09 -30.91 -61.32
CA THR B 29 43.05 -30.31 -62.27
C THR B 29 42.29 -29.73 -63.48
N PRO B 30 42.92 -28.79 -64.25
CA PRO B 30 42.28 -28.35 -65.49
C PRO B 30 41.75 -29.44 -66.41
N ASP B 31 42.42 -30.59 -66.44
CA ASP B 31 41.96 -31.77 -67.23
C ASP B 31 40.90 -32.64 -66.57
N GLY B 32 40.52 -32.31 -65.32
CA GLY B 32 39.42 -33.01 -64.63
C GLY B 32 39.83 -34.16 -63.73
N ASP B 33 41.13 -34.35 -63.48
CA ASP B 33 41.57 -35.34 -62.45
C ASP B 33 41.31 -34.80 -61.03
N LEU B 34 40.95 -35.67 -60.08
CA LEU B 34 40.93 -35.25 -58.66
C LEU B 34 42.33 -35.50 -58.08
N LEU B 35 42.87 -34.54 -57.33
CA LEU B 35 44.14 -34.69 -56.64
C LEU B 35 43.87 -34.62 -55.15
N ALA B 36 44.26 -35.65 -54.40
CA ALA B 36 44.10 -35.64 -52.96
C ALA B 36 45.54 -35.61 -52.37
N SER B 37 45.77 -34.69 -51.42
CA SER B 37 47.12 -34.50 -50.83
C SER B 37 46.95 -34.49 -49.36
N TYR B 38 47.93 -35.04 -48.65
CA TYR B 38 47.91 -35.12 -47.20
C TYR B 38 49.36 -35.35 -46.77
N ASP B 39 49.64 -35.25 -45.50
CA ASP B 39 50.97 -35.53 -44.94
C ASP B 39 51.08 -37.01 -44.73
N GLY B 40 52.26 -37.55 -45.01
CA GLY B 40 52.75 -38.80 -44.38
C GLY B 40 53.61 -38.37 -43.18
N ARG B 41 53.23 -38.87 -41.98
CA ARG B 41 53.90 -38.52 -40.73
C ARG B 41 54.67 -39.69 -40.06
N PRO B 42 56.02 -39.79 -40.30
CA PRO B 42 56.80 -40.93 -39.77
C PRO B 42 56.75 -41.03 -38.27
N THR B 43 56.55 -39.91 -37.59
CA THR B 43 56.57 -39.90 -36.13
C THR B 43 55.22 -39.41 -35.57
N GLY B 44 54.18 -39.37 -36.43
CA GLY B 44 52.82 -38.98 -36.03
C GLY B 44 52.56 -37.56 -35.53
N ILE B 45 53.38 -36.58 -35.94
CA ILE B 45 53.23 -35.23 -35.38
C ILE B 45 53.21 -34.12 -36.43
N ASP B 46 52.70 -32.94 -36.06
CA ASP B 46 52.82 -31.76 -36.90
C ASP B 46 54.32 -31.34 -37.02
N ALA B 47 54.57 -30.25 -37.75
CA ALA B 47 55.92 -29.69 -37.87
C ALA B 47 56.41 -29.44 -36.41
N PRO B 48 57.70 -29.66 -36.10
CA PRO B 48 58.77 -30.17 -36.96
C PRO B 48 58.95 -31.71 -37.19
N GLY B 49 57.90 -32.55 -37.05
CA GLY B 49 57.92 -33.90 -37.63
C GLY B 49 58.49 -33.97 -39.04
N PRO B 50 59.32 -35.00 -39.35
CA PRO B 50 59.96 -35.05 -40.70
C PRO B 50 58.94 -35.56 -41.77
N ASN B 51 57.93 -34.76 -42.08
CA ASN B 51 56.75 -35.27 -42.79
C ASN B 51 56.95 -35.18 -44.26
N SER B 52 56.23 -36.02 -45.01
CA SER B 52 56.14 -35.84 -46.43
C SER B 52 54.79 -35.32 -46.90
N ILE B 53 54.79 -34.66 -48.04
CA ILE B 53 53.58 -34.23 -48.63
C ILE B 53 53.28 -35.24 -49.71
N LEU B 54 52.12 -35.86 -49.66
CA LEU B 54 51.85 -37.03 -50.54
C LEU B 54 50.74 -36.68 -51.46
N GLN B 55 50.54 -37.45 -52.53
CA GLN B 55 49.39 -37.24 -53.37
C GLN B 55 48.88 -38.52 -53.96
N ARG B 56 47.56 -38.61 -54.14
CA ARG B 56 46.89 -39.63 -54.95
C ARG B 56 46.01 -38.98 -56.02
N ARG B 57 45.93 -39.57 -57.20
CA ARG B 57 45.17 -38.98 -58.32
C ARG B 57 43.99 -39.93 -58.74
N SER B 58 42.83 -39.35 -58.99
CA SER B 58 41.74 -40.12 -59.63
C SER B 58 41.47 -39.55 -61.00
N THR B 59 41.56 -40.41 -62.00
CA THR B 59 41.25 -40.02 -63.39
C THR B 59 39.81 -40.37 -63.81
N ASP B 60 38.98 -40.83 -62.88
CA ASP B 60 37.65 -41.23 -63.23
C ASP B 60 36.59 -40.58 -62.34
N GLY B 61 36.80 -39.30 -62.02
CA GLY B 61 35.87 -38.49 -61.25
C GLY B 61 35.76 -38.90 -59.80
N GLY B 62 36.79 -39.56 -59.28
CA GLY B 62 36.86 -39.89 -57.84
C GLY B 62 36.40 -41.32 -57.46
N ARG B 63 35.99 -42.10 -58.44
CA ARG B 63 35.61 -43.50 -58.18
C ARG B 63 36.81 -44.39 -57.78
N THR B 64 37.93 -44.31 -58.55
CA THR B 64 39.15 -45.05 -58.23
C THR B 64 40.36 -44.15 -58.15
N TRP B 65 41.41 -44.58 -57.44
CA TRP B 65 42.54 -43.72 -57.15
C TRP B 65 43.84 -44.45 -57.42
N GLY B 66 44.86 -43.79 -58.00
CA GLY B 66 46.12 -44.48 -58.33
C GLY B 66 47.11 -44.48 -57.15
N GLU B 67 48.39 -44.72 -57.44
CA GLU B 67 49.36 -44.94 -56.38
C GLU B 67 49.64 -43.65 -55.57
N GLN B 68 49.97 -43.84 -54.30
CA GLN B 68 50.35 -42.76 -53.40
C GLN B 68 51.72 -42.28 -53.84
N GLN B 69 51.81 -41.02 -54.22
CA GLN B 69 53.10 -40.45 -54.58
C GLN B 69 53.58 -39.36 -53.62
N VAL B 70 54.87 -39.07 -53.68
CA VAL B 70 55.49 -38.04 -52.85
C VAL B 70 55.65 -36.74 -53.64
N VAL B 71 55.04 -35.66 -53.18
CA VAL B 71 55.20 -34.31 -53.78
C VAL B 71 56.48 -33.71 -53.15
N SER B 72 56.59 -33.80 -51.82
CA SER B 72 57.73 -33.28 -51.10
C SER B 72 58.20 -34.28 -50.06
N ALA B 73 59.42 -34.80 -50.21
CA ALA B 73 59.90 -35.89 -49.37
C ALA B 73 60.53 -35.36 -48.06
N GLY B 74 60.02 -35.72 -46.88
CA GLY B 74 60.75 -35.32 -45.65
C GLY B 74 62.04 -36.15 -45.49
N GLN B 75 62.93 -35.72 -44.58
CA GLN B 75 64.19 -36.46 -44.33
C GLN B 75 64.18 -36.85 -42.89
N THR B 76 64.13 -38.16 -42.60
CA THR B 76 64.03 -38.68 -41.19
C THR B 76 65.34 -38.90 -40.43
N THR B 77 66.45 -38.93 -41.14
CA THR B 77 67.69 -38.96 -40.38
C THR B 77 68.32 -37.57 -40.45
N ALA B 78 68.95 -37.11 -39.37
CA ALA B 78 69.43 -35.73 -39.28
C ALA B 78 70.52 -35.38 -40.33
N PRO B 79 70.54 -34.12 -40.82
CA PRO B 79 69.63 -33.00 -40.48
C PRO B 79 68.20 -33.27 -41.03
N ILE B 80 67.21 -33.23 -40.14
CA ILE B 80 65.82 -33.48 -40.42
C ILE B 80 65.25 -32.42 -41.40
N LYS B 81 64.43 -32.86 -42.36
CA LYS B 81 63.55 -31.90 -43.03
C LYS B 81 62.11 -32.39 -42.94
N GLY B 82 61.18 -31.47 -42.74
CA GLY B 82 59.75 -31.79 -42.83
C GLY B 82 58.95 -30.90 -43.80
N PHE B 83 58.05 -31.53 -44.56
CA PHE B 83 57.11 -30.83 -45.42
C PHE B 83 55.67 -31.24 -45.00
N SER B 84 54.86 -30.25 -44.58
CA SER B 84 53.61 -30.53 -43.92
C SER B 84 52.56 -29.43 -44.14
N ASP B 85 51.33 -29.90 -44.07
CA ASP B 85 50.10 -29.11 -44.14
C ASP B 85 49.85 -28.63 -45.56
N PRO B 86 49.38 -29.55 -46.46
CA PRO B 86 49.20 -29.08 -47.85
C PRO B 86 47.98 -28.20 -48.16
N SER B 87 48.14 -27.27 -49.11
CA SER B 87 47.00 -26.64 -49.68
C SER B 87 47.18 -26.53 -51.15
N TYR B 88 46.18 -26.95 -51.91
CA TYR B 88 46.21 -26.82 -53.38
C TYR B 88 45.71 -25.47 -53.84
N LEU B 89 46.31 -24.92 -54.89
CA LEU B 89 45.68 -23.77 -55.55
C LEU B 89 45.84 -23.93 -57.07
N VAL B 90 44.72 -23.94 -57.83
CA VAL B 90 44.79 -24.00 -59.32
C VAL B 90 44.68 -22.60 -59.97
N ASP B 91 45.64 -22.25 -60.84
CA ASP B 91 45.43 -21.10 -61.73
C ASP B 91 44.70 -21.66 -62.95
N ARG B 92 43.40 -21.41 -63.03
CA ARG B 92 42.60 -21.95 -64.12
C ARG B 92 42.77 -21.15 -65.39
N GLU B 93 43.39 -19.97 -65.29
CA GLU B 93 43.75 -19.20 -66.49
C GLU B 93 44.96 -19.82 -67.18
N THR B 94 45.98 -20.23 -66.43
CA THR B 94 47.18 -20.74 -67.07
C THR B 94 47.27 -22.25 -66.96
N GLY B 95 46.44 -22.85 -66.10
CA GLY B 95 46.46 -24.32 -65.81
C GLY B 95 47.53 -24.79 -64.81
N THR B 96 48.29 -23.85 -64.25
CA THR B 96 49.33 -24.20 -63.28
C THR B 96 48.76 -24.63 -61.94
N ILE B 97 49.38 -25.63 -61.31
CA ILE B 97 48.93 -26.12 -59.98
C ILE B 97 50.03 -25.85 -58.92
N PHE B 98 49.58 -25.29 -57.80
CA PHE B 98 50.43 -25.06 -56.67
C PHE B 98 50.03 -25.99 -55.47
N ASN B 99 51.02 -26.41 -54.69
CA ASN B 99 50.77 -27.07 -53.46
C ASN B 99 51.63 -26.32 -52.46
N PHE B 100 50.99 -25.55 -51.58
CA PHE B 100 51.64 -24.81 -50.51
C PHE B 100 51.83 -25.72 -49.33
N HIS B 101 52.96 -25.62 -48.58
CA HIS B 101 53.13 -26.38 -47.36
C HIS B 101 54.31 -25.77 -46.56
N VAL B 102 54.45 -26.18 -45.33
CA VAL B 102 55.60 -25.66 -44.52
C VAL B 102 56.87 -26.37 -45.00
N TYR B 103 58.01 -25.72 -44.80
CA TYR B 103 59.27 -26.46 -44.77
C TYR B 103 59.89 -26.29 -43.38
N SER B 104 59.91 -27.37 -42.60
CA SER B 104 60.48 -27.30 -41.27
C SER B 104 61.86 -27.98 -41.22
N GLN B 105 62.64 -27.51 -40.26
CA GLN B 105 63.88 -28.14 -39.86
C GLN B 105 63.82 -28.42 -38.36
N ARG B 106 64.25 -27.50 -37.51
CA ARG B 106 64.20 -27.76 -36.07
C ARG B 106 62.91 -27.28 -35.37
N GLN B 107 62.18 -26.34 -35.98
CA GLN B 107 61.06 -25.66 -35.32
C GLN B 107 59.77 -25.85 -36.14
N GLY B 108 58.65 -26.02 -35.43
CA GLY B 108 57.38 -25.89 -36.08
C GLY B 108 56.85 -24.48 -35.81
N PHE B 109 55.53 -24.37 -35.67
CA PHE B 109 54.87 -23.10 -35.70
C PHE B 109 55.07 -22.28 -34.42
N ALA B 110 54.90 -22.90 -33.25
CA ALA B 110 55.05 -22.18 -31.98
C ALA B 110 56.52 -21.78 -31.78
N GLY B 111 57.45 -22.63 -32.18
CA GLY B 111 58.86 -22.38 -31.92
C GLY B 111 59.63 -21.61 -32.98
N SER B 112 59.00 -21.32 -34.12
CA SER B 112 59.70 -20.64 -35.23
C SER B 112 60.26 -19.25 -34.78
N ARG B 113 61.43 -18.87 -35.29
CA ARG B 113 62.09 -17.61 -34.89
C ARG B 113 62.10 -16.62 -36.04
N PRO B 114 62.27 -15.32 -35.74
CA PRO B 114 62.33 -14.33 -36.80
C PRO B 114 63.46 -14.61 -37.77
N GLY B 115 63.24 -14.22 -39.04
CA GLY B 115 64.21 -14.43 -40.12
C GLY B 115 63.53 -15.00 -41.36
N THR B 116 64.18 -14.90 -42.51
CA THR B 116 63.59 -15.41 -43.73
C THR B 116 64.59 -16.16 -44.60
N ASP B 117 65.86 -16.29 -44.18
CA ASP B 117 66.84 -16.95 -45.04
C ASP B 117 66.42 -18.40 -45.20
N PRO B 118 66.31 -18.89 -46.47
CA PRO B 118 65.85 -20.24 -46.83
C PRO B 118 66.58 -21.37 -46.15
N ALA B 119 67.86 -21.20 -45.77
CA ALA B 119 68.56 -22.30 -45.12
C ALA B 119 68.46 -22.27 -43.58
N ASP B 120 67.84 -21.25 -42.99
CA ASP B 120 67.75 -21.10 -41.50
C ASP B 120 66.99 -22.27 -40.82
N PRO B 121 67.74 -23.11 -40.04
CA PRO B 121 67.10 -24.30 -39.48
C PRO B 121 66.07 -24.02 -38.37
N ASN B 122 65.94 -22.76 -37.98
CA ASN B 122 65.08 -22.39 -36.87
C ASN B 122 63.88 -21.56 -37.30
N VAL B 123 63.69 -21.45 -38.60
CA VAL B 123 62.57 -20.75 -39.21
C VAL B 123 61.64 -21.81 -39.82
N LEU B 124 60.35 -21.66 -39.55
CA LEU B 124 59.31 -22.40 -40.27
C LEU B 124 59.08 -21.72 -41.60
N HIS B 125 59.62 -22.30 -42.66
CA HIS B 125 59.50 -21.77 -43.99
C HIS B 125 58.14 -22.01 -44.62
N ALA B 126 57.72 -21.02 -45.39
CA ALA B 126 56.63 -21.12 -46.36
C ALA B 126 57.16 -21.58 -47.72
N ASN B 127 56.88 -22.84 -48.08
CA ASN B 127 57.29 -23.41 -49.37
C ASN B 127 56.10 -23.54 -50.32
N VAL B 128 56.34 -23.59 -51.61
CA VAL B 128 55.27 -23.94 -52.51
C VAL B 128 55.89 -24.80 -53.60
N ALA B 129 55.20 -25.89 -53.92
CA ALA B 129 55.57 -26.74 -55.05
C ALA B 129 54.69 -26.30 -56.20
N THR B 130 55.25 -26.25 -57.42
CA THR B 130 54.53 -25.78 -58.57
C THR B 130 54.54 -26.89 -59.65
N SER B 131 53.40 -27.20 -60.24
CA SER B 131 53.36 -28.17 -61.32
C SER B 131 52.71 -27.51 -62.53
N THR B 132 53.42 -27.56 -63.66
CA THR B 132 52.86 -27.12 -64.93
C THR B 132 52.41 -28.33 -65.75
N ASP B 133 52.42 -29.53 -65.18
CA ASP B 133 51.98 -30.67 -66.00
C ASP B 133 50.88 -31.48 -65.35
N GLY B 134 49.94 -30.78 -64.71
CA GLY B 134 48.78 -31.40 -64.15
C GLY B 134 48.99 -32.15 -62.85
N GLY B 135 50.05 -31.81 -62.09
CA GLY B 135 50.35 -32.49 -60.84
C GLY B 135 51.26 -33.72 -60.95
N LEU B 136 51.83 -33.96 -62.15
CA LEU B 136 52.68 -35.13 -62.39
C LEU B 136 54.07 -34.92 -61.84
N THR B 137 54.62 -33.73 -62.04
CA THR B 137 55.93 -33.36 -61.49
C THR B 137 55.89 -31.96 -60.91
N TRP B 138 56.81 -31.68 -59.97
CA TRP B 138 56.73 -30.46 -59.17
C TRP B 138 58.11 -29.87 -59.01
N SER B 139 58.21 -28.53 -59.10
CA SER B 139 59.41 -27.83 -58.71
C SER B 139 59.08 -27.19 -57.36
N HIS B 140 60.10 -26.75 -56.60
CA HIS B 140 59.94 -26.38 -55.21
C HIS B 140 60.56 -25.00 -55.02
N ARG B 141 59.87 -24.14 -54.25
CA ARG B 141 60.45 -22.87 -53.87
C ARG B 141 60.19 -22.51 -52.42
N THR B 142 61.02 -21.63 -51.87
CA THR B 142 60.77 -21.04 -50.55
C THR B 142 60.37 -19.61 -50.76
N ILE B 143 59.25 -19.21 -50.17
CA ILE B 143 58.74 -17.84 -50.41
C ILE B 143 58.65 -16.96 -49.12
N THR B 144 59.20 -17.47 -48.02
CA THR B 144 59.15 -16.77 -46.73
C THR B 144 59.53 -15.29 -46.85
N ALA B 145 60.67 -15.01 -47.48
CA ALA B 145 61.13 -13.64 -47.75
C ALA B 145 60.11 -12.77 -48.45
N ASP B 146 59.36 -13.33 -49.41
CA ASP B 146 58.43 -12.55 -50.23
C ASP B 146 57.16 -12.16 -49.53
N ILE B 147 56.81 -12.89 -48.47
CA ILE B 147 55.53 -12.74 -47.78
C ILE B 147 55.74 -12.36 -46.31
N THR B 148 56.87 -11.75 -45.98
CA THR B 148 57.16 -11.32 -44.61
C THR B 148 57.56 -9.86 -44.66
N PRO B 149 56.59 -8.96 -44.87
CA PRO B 149 56.98 -7.55 -44.99
C PRO B 149 57.31 -6.97 -43.61
N ASP B 150 56.85 -7.62 -42.55
CA ASP B 150 57.11 -7.12 -41.20
C ASP B 150 58.08 -8.09 -40.51
N PRO B 151 59.30 -7.63 -40.16
CA PRO B 151 60.29 -8.55 -39.57
C PRO B 151 59.88 -9.14 -38.22
N GLY B 152 58.82 -8.55 -37.63
CA GLY B 152 58.18 -9.05 -36.41
C GLY B 152 57.35 -10.33 -36.63
N TRP B 153 57.10 -10.67 -37.90
CA TRP B 153 56.38 -11.90 -38.23
C TRP B 153 57.35 -13.06 -38.18
N ARG B 154 57.21 -13.86 -37.12
CA ARG B 154 58.26 -14.81 -36.71
C ARG B 154 57.90 -16.23 -37.11
N SER B 155 56.62 -16.44 -37.44
CA SER B 155 56.15 -17.76 -37.80
C SER B 155 55.02 -17.60 -38.78
N ARG B 156 54.79 -18.61 -39.63
CA ARG B 156 53.60 -18.70 -40.51
C ARG B 156 53.43 -20.09 -41.08
N PHE B 157 52.18 -20.33 -41.53
CA PHE B 157 51.88 -21.53 -42.27
C PHE B 157 50.59 -21.28 -43.08
N ALA B 158 50.64 -21.80 -44.30
CA ALA B 158 49.53 -21.82 -45.17
C ALA B 158 48.49 -22.72 -44.52
N ALA B 159 47.24 -22.23 -44.48
CA ALA B 159 46.10 -22.99 -43.99
C ALA B 159 45.82 -24.15 -44.97
N SER B 160 45.86 -25.37 -44.48
CA SER B 160 45.74 -26.50 -45.37
C SER B 160 44.33 -26.61 -45.97
N GLY B 161 44.22 -27.12 -47.20
CA GLY B 161 42.89 -27.25 -47.84
C GLY B 161 43.02 -26.85 -49.26
N GLU B 162 42.34 -25.78 -49.66
CA GLU B 162 42.39 -25.29 -51.04
C GLU B 162 42.24 -23.76 -51.07
N GLY B 163 43.09 -23.06 -51.83
CA GLY B 163 42.99 -21.58 -52.03
C GLY B 163 42.18 -21.29 -53.27
N ILE B 164 42.13 -20.03 -53.73
CA ILE B 164 41.19 -19.75 -54.78
C ILE B 164 41.83 -18.88 -55.82
N GLN B 165 41.13 -18.72 -56.94
CA GLN B 165 41.42 -17.68 -57.93
C GLN B 165 40.16 -16.79 -58.10
N LEU B 166 40.35 -15.49 -57.93
CA LEU B 166 39.27 -14.55 -58.20
C LEU B 166 38.80 -14.54 -59.67
N ARG B 167 37.48 -14.39 -59.86
CA ARG B 167 36.93 -14.34 -61.21
C ARG B 167 36.37 -12.97 -61.52
N TYR B 168 36.18 -12.19 -60.47
CA TYR B 168 35.54 -10.89 -60.66
C TYR B 168 36.47 -9.74 -60.31
N GLY B 169 36.10 -8.57 -60.81
CA GLY B 169 36.62 -7.26 -60.38
C GLY B 169 37.92 -6.85 -61.03
N PRO B 170 38.56 -5.82 -60.46
CA PRO B 170 39.82 -5.34 -61.02
C PRO B 170 40.98 -6.28 -60.73
N HIS B 171 40.82 -7.17 -59.74
CA HIS B 171 41.85 -8.15 -59.41
C HIS B 171 41.54 -9.57 -59.97
N ALA B 172 40.57 -9.72 -60.88
CA ALA B 172 40.30 -11.04 -61.48
C ALA B 172 41.58 -11.75 -61.92
N GLY B 173 41.73 -13.01 -61.52
CA GLY B 173 42.94 -13.70 -61.87
C GLY B 173 43.85 -13.79 -60.68
N ARG B 174 43.57 -13.00 -59.64
CA ARG B 174 44.39 -13.07 -58.42
C ARG B 174 44.32 -14.45 -57.78
N LEU B 175 45.47 -15.03 -57.45
CA LEU B 175 45.53 -16.29 -56.69
C LEU B 175 45.67 -15.95 -55.20
N ILE B 176 44.83 -16.51 -54.35
CA ILE B 176 44.78 -16.20 -52.93
C ILE B 176 44.95 -17.46 -52.07
N GLN B 177 46.03 -17.46 -51.30
CA GLN B 177 46.17 -18.51 -50.30
C GLN B 177 46.19 -17.90 -48.90
N GLN B 178 45.40 -18.44 -47.96
CA GLN B 178 45.44 -17.92 -46.57
C GLN B 178 46.63 -18.39 -45.74
N TYR B 179 47.15 -17.49 -44.93
CA TYR B 179 48.21 -17.85 -43.98
C TYR B 179 47.76 -17.49 -42.57
N THR B 180 48.38 -18.11 -41.55
CA THR B 180 48.34 -17.60 -40.19
C THR B 180 49.76 -17.18 -39.87
N ILE B 181 49.90 -16.03 -39.23
CA ILE B 181 51.21 -15.58 -38.76
C ILE B 181 51.21 -15.37 -37.24
N ILE B 182 52.41 -15.38 -36.62
CA ILE B 182 52.57 -14.95 -35.22
C ILE B 182 53.40 -13.68 -35.29
N ASN B 183 52.93 -12.61 -34.62
CA ASN B 183 53.54 -11.30 -34.71
C ASN B 183 54.47 -11.03 -33.52
N ALA B 184 55.12 -9.85 -33.47
CA ALA B 184 56.11 -9.56 -32.42
C ALA B 184 55.48 -9.65 -31.01
N ALA B 185 54.18 -9.35 -30.94
CA ALA B 185 53.42 -9.41 -29.71
C ALA B 185 53.00 -10.83 -29.31
N GLY B 186 53.21 -11.81 -30.19
CA GLY B 186 52.78 -13.18 -29.92
C GLY B 186 51.35 -13.52 -30.32
N ALA B 187 50.66 -12.59 -30.97
CA ALA B 187 49.28 -12.83 -31.41
C ALA B 187 49.28 -13.63 -32.72
N PHE B 188 48.29 -14.49 -32.89
CA PHE B 188 48.02 -15.20 -34.14
C PHE B 188 47.11 -14.34 -35.02
N GLN B 189 47.58 -13.98 -36.22
CA GLN B 189 46.78 -13.20 -37.15
C GLN B 189 46.59 -13.98 -38.47
N ALA B 190 45.52 -13.65 -39.18
CA ALA B 190 45.19 -14.18 -40.51
C ALA B 190 45.77 -13.22 -41.55
N VAL B 191 46.27 -13.74 -42.68
CA VAL B 191 46.76 -12.86 -43.74
C VAL B 191 46.57 -13.59 -45.07
N SER B 192 46.22 -12.85 -46.12
CA SER B 192 46.17 -13.42 -47.47
C SER B 192 47.49 -13.24 -48.18
N VAL B 193 47.96 -14.26 -48.86
CA VAL B 193 49.13 -14.16 -49.67
C VAL B 193 48.58 -14.38 -51.06
N TYR B 194 49.04 -13.56 -52.00
CA TYR B 194 48.42 -13.51 -53.27
C TYR B 194 49.41 -13.21 -54.39
N SER B 195 49.05 -13.59 -55.61
CA SER B 195 49.86 -13.41 -56.82
C SER B 195 48.96 -12.82 -57.84
N ASP B 196 49.43 -11.76 -58.51
CA ASP B 196 48.74 -11.13 -59.62
C ASP B 196 49.45 -11.39 -60.96
N ASP B 197 50.42 -12.32 -60.95
CA ASP B 197 51.18 -12.67 -62.14
C ASP B 197 51.23 -14.19 -62.21
N HIS B 198 50.10 -14.82 -61.88
CA HIS B 198 49.95 -16.28 -62.06
C HIS B 198 51.01 -17.13 -61.34
N GLY B 199 51.50 -16.65 -60.20
CA GLY B 199 52.30 -17.48 -59.29
C GLY B 199 53.79 -17.22 -59.41
N ARG B 200 54.21 -16.31 -60.32
CA ARG B 200 55.62 -15.97 -60.48
C ARG B 200 56.13 -15.31 -59.20
N THR B 201 55.38 -14.32 -58.68
CA THR B 201 55.75 -13.70 -57.39
C THR B 201 54.53 -13.65 -56.47
N TRP B 202 54.82 -13.68 -55.18
CA TRP B 202 53.80 -13.74 -54.14
C TRP B 202 54.11 -12.64 -53.14
N ARG B 203 53.07 -12.10 -52.49
CA ARG B 203 53.25 -11.12 -51.42
C ARG B 203 52.19 -11.31 -50.31
N ALA B 204 52.40 -10.81 -49.09
CA ALA B 204 51.31 -10.77 -48.09
C ALA B 204 50.51 -9.45 -48.19
N GLY B 205 49.21 -9.53 -47.96
CA GLY B 205 48.41 -8.33 -47.75
C GLY B 205 48.59 -7.87 -46.31
N GLU B 206 47.58 -7.21 -45.74
CA GLU B 206 47.64 -6.66 -44.40
C GLU B 206 47.08 -7.72 -43.43
N ALA B 207 47.71 -7.90 -42.27
CA ALA B 207 47.26 -9.01 -41.38
C ALA B 207 46.04 -8.52 -40.63
N VAL B 208 45.20 -9.45 -40.16
CA VAL B 208 43.93 -9.03 -39.57
C VAL B 208 43.62 -9.93 -38.37
N GLY B 209 43.04 -9.35 -37.32
CA GLY B 209 42.55 -10.07 -36.15
C GLY B 209 43.56 -10.45 -35.11
N VAL B 210 43.06 -10.97 -34.01
CA VAL B 210 43.90 -11.58 -32.98
C VAL B 210 43.14 -12.86 -32.61
N GLY B 211 43.78 -13.81 -31.97
CA GLY B 211 43.08 -15.04 -31.71
C GLY B 211 42.73 -15.77 -33.01
N MET B 212 43.42 -15.47 -34.12
CA MET B 212 43.17 -16.13 -35.41
C MET B 212 43.91 -17.46 -35.53
N ASP B 213 43.66 -18.17 -36.63
CA ASP B 213 44.31 -19.45 -36.86
C ASP B 213 44.04 -19.84 -38.32
N GLU B 214 44.13 -21.14 -38.63
CA GLU B 214 43.81 -21.64 -39.99
C GLU B 214 42.53 -20.97 -40.47
N ASN B 215 42.62 -20.29 -41.62
CA ASN B 215 41.49 -19.54 -42.12
C ASN B 215 41.38 -19.76 -43.60
N LYS B 216 40.17 -19.52 -44.11
CA LYS B 216 39.91 -19.81 -45.53
C LYS B 216 39.15 -18.63 -46.18
N THR B 217 39.39 -18.37 -47.45
CA THR B 217 38.66 -17.30 -48.22
C THR B 217 37.84 -17.85 -49.37
N VAL B 218 36.82 -17.11 -49.75
CA VAL B 218 35.92 -17.45 -50.82
C VAL B 218 35.46 -16.09 -51.42
N GLU B 219 35.25 -16.10 -52.73
CA GLU B 219 34.90 -14.90 -53.44
C GLU B 219 33.33 -14.88 -53.48
N LEU B 220 32.77 -13.81 -52.91
CA LEU B 220 31.29 -13.61 -52.82
C LEU B 220 30.73 -13.16 -54.21
N SER B 221 29.41 -13.06 -54.33
CA SER B 221 28.70 -12.73 -55.59
C SER B 221 29.02 -11.36 -56.15
N ASP B 222 29.48 -10.46 -55.27
CA ASP B 222 29.80 -9.08 -55.64
C ASP B 222 31.30 -8.92 -55.62
N GLY B 223 32.07 -9.99 -55.40
CA GLY B 223 33.52 -9.87 -55.53
C GLY B 223 34.22 -9.54 -54.22
N ARG B 224 33.44 -9.29 -53.16
CA ARG B 224 33.98 -9.24 -51.80
C ARG B 224 34.60 -10.57 -51.43
N VAL B 225 35.61 -10.55 -50.57
CA VAL B 225 36.26 -11.80 -50.23
C VAL B 225 35.95 -12.03 -48.79
N LEU B 226 35.30 -13.16 -48.53
CA LEU B 226 34.91 -13.53 -47.20
C LEU B 226 36.02 -14.45 -46.59
N LEU B 227 36.44 -14.11 -45.40
CA LEU B 227 37.40 -14.86 -44.67
C LEU B 227 36.70 -15.56 -43.50
N ASN B 228 36.98 -16.84 -43.31
CA ASN B 228 36.29 -17.61 -42.27
C ASN B 228 37.39 -18.36 -41.55
N SER B 229 37.47 -18.19 -40.22
CA SER B 229 38.70 -18.56 -39.47
C SER B 229 38.42 -19.46 -38.31
N ARG B 230 39.40 -20.33 -38.04
CA ARG B 230 39.46 -21.03 -36.79
C ARG B 230 39.79 -20.00 -35.64
N ASP B 231 39.26 -20.21 -34.43
CA ASP B 231 39.47 -19.22 -33.35
C ASP B 231 40.44 -19.81 -32.35
N SER B 232 41.69 -19.33 -32.32
CA SER B 232 42.70 -19.87 -31.40
C SER B 232 42.40 -19.45 -29.95
N ALA B 233 41.42 -18.54 -29.76
CA ALA B 233 41.03 -18.14 -28.38
C ALA B 233 39.85 -19.02 -27.91
N ARG B 234 39.44 -19.97 -28.77
CA ARG B 234 38.45 -21.02 -28.42
C ARG B 234 37.08 -20.57 -27.92
N SER B 235 36.46 -19.63 -28.63
CA SER B 235 35.09 -19.18 -28.28
C SER B 235 34.07 -20.32 -28.43
N GLY B 236 34.38 -21.32 -29.26
CA GLY B 236 33.37 -22.33 -29.61
C GLY B 236 32.72 -22.09 -30.97
N TYR B 237 33.25 -21.09 -31.72
CA TYR B 237 32.69 -20.61 -32.99
C TYR B 237 33.79 -20.20 -33.98
N ARG B 238 33.38 -20.08 -35.25
CA ARG B 238 34.22 -19.51 -36.32
C ARG B 238 34.26 -17.98 -36.19
N LYS B 239 35.37 -17.38 -36.62
CA LYS B 239 35.56 -15.93 -36.82
C LYS B 239 35.45 -15.57 -38.31
N VAL B 240 34.95 -14.36 -38.60
CA VAL B 240 34.71 -13.97 -39.98
C VAL B 240 35.14 -12.53 -40.19
N ALA B 241 35.56 -12.24 -41.41
CA ALA B 241 35.82 -10.85 -41.82
C ALA B 241 35.62 -10.80 -43.34
N VAL B 242 35.69 -9.60 -43.91
CA VAL B 242 35.37 -9.44 -45.33
C VAL B 242 36.30 -8.35 -45.89
N SER B 243 36.77 -8.57 -47.12
CA SER B 243 37.63 -7.66 -47.82
C SER B 243 36.82 -7.12 -48.96
N THR B 244 36.97 -5.83 -49.21
CA THR B 244 36.38 -5.21 -50.39
C THR B 244 37.50 -4.86 -51.38
N ASP B 245 38.71 -5.31 -51.09
CA ASP B 245 39.85 -4.98 -51.95
C ASP B 245 40.61 -6.19 -52.45
N GLY B 246 39.89 -7.27 -52.80
CA GLY B 246 40.51 -8.52 -53.29
C GLY B 246 41.46 -9.27 -52.36
N GLY B 247 41.22 -9.25 -51.04
CA GLY B 247 42.14 -10.00 -50.15
C GLY B 247 43.30 -9.21 -49.59
N HIS B 248 43.51 -7.98 -50.05
CA HIS B 248 44.63 -7.21 -49.54
C HIS B 248 44.39 -6.83 -48.09
N SER B 249 43.18 -6.35 -47.77
CA SER B 249 42.93 -5.96 -46.40
C SER B 249 41.51 -6.41 -46.02
N TYR B 250 41.28 -6.59 -44.72
CA TYR B 250 39.97 -7.04 -44.21
C TYR B 250 39.42 -6.08 -43.18
N GLY B 251 38.10 -6.06 -43.02
CA GLY B 251 37.43 -5.26 -42.01
C GLY B 251 37.60 -5.87 -40.65
N PRO B 252 36.73 -5.51 -39.70
CA PRO B 252 36.94 -6.07 -38.38
C PRO B 252 36.49 -7.55 -38.35
N VAL B 253 37.06 -8.29 -37.41
CA VAL B 253 36.80 -9.70 -37.23
C VAL B 253 35.67 -9.90 -36.19
N THR B 254 34.65 -10.68 -36.56
CA THR B 254 33.58 -10.97 -35.57
C THR B 254 33.48 -12.46 -35.32
N ILE B 255 32.79 -12.86 -34.26
CA ILE B 255 32.54 -14.26 -33.99
C ILE B 255 31.18 -14.60 -34.61
N ASP B 256 31.14 -15.64 -35.45
CA ASP B 256 29.92 -16.03 -36.10
C ASP B 256 29.25 -17.15 -35.29
N ARG B 257 28.15 -16.81 -34.60
CA ARG B 257 27.56 -17.75 -33.71
C ARG B 257 26.69 -18.76 -34.45
N ASP B 258 26.46 -18.59 -35.76
CA ASP B 258 25.76 -19.60 -36.61
C ASP B 258 26.67 -20.82 -36.87
N LEU B 259 27.96 -20.64 -36.64
CA LEU B 259 28.95 -21.69 -36.97
C LEU B 259 29.72 -22.18 -35.78
N PRO B 260 29.12 -23.12 -35.01
CA PRO B 260 29.88 -23.74 -33.90
C PRO B 260 31.14 -24.49 -34.41
N ASP B 261 32.20 -24.45 -33.62
CA ASP B 261 33.46 -25.05 -34.08
C ASP B 261 34.28 -25.35 -32.83
N PRO B 262 34.97 -26.48 -32.80
CA PRO B 262 35.72 -26.82 -31.61
C PRO B 262 37.18 -26.37 -31.63
N THR B 263 37.54 -25.40 -32.49
CA THR B 263 38.92 -24.96 -32.71
C THR B 263 39.67 -26.01 -33.55
N ASN B 264 39.36 -25.97 -34.82
CA ASN B 264 39.61 -27.06 -35.77
C ASN B 264 39.49 -26.36 -37.15
N ASN B 265 40.08 -26.99 -38.15
CA ASN B 265 40.03 -26.46 -39.53
C ASN B 265 38.67 -26.74 -40.16
N ALA B 266 38.41 -26.10 -41.30
CA ALA B 266 37.05 -26.16 -41.91
C ALA B 266 37.23 -25.72 -43.32
N SER B 267 36.23 -25.81 -44.19
CA SER B 267 36.40 -25.21 -45.51
C SER B 267 35.12 -24.49 -45.96
N ILE B 268 35.27 -23.60 -46.91
CA ILE B 268 34.16 -22.80 -47.39
C ILE B 268 34.36 -22.56 -48.89
N ILE B 269 33.37 -22.94 -49.69
CA ILE B 269 33.54 -22.88 -51.15
C ILE B 269 32.28 -22.39 -51.84
N ARG B 270 32.49 -21.78 -53.00
CA ARG B 270 31.38 -21.56 -53.94
C ARG B 270 30.82 -22.86 -54.47
N ALA B 271 29.50 -23.01 -54.34
CA ALA B 271 28.82 -24.16 -54.87
C ALA B 271 28.79 -24.08 -56.38
N PHE B 272 28.79 -22.85 -56.90
CA PHE B 272 28.76 -22.63 -58.36
C PHE B 272 29.88 -21.67 -58.75
N PRO B 273 31.12 -22.19 -58.93
CA PRO B 273 32.22 -21.21 -59.02
C PRO B 273 32.26 -20.48 -60.35
N ASP B 274 31.51 -21.00 -61.33
CA ASP B 274 31.51 -20.33 -62.63
C ASP B 274 30.36 -19.35 -62.77
N ALA B 275 29.47 -19.26 -61.77
CA ALA B 275 28.26 -18.43 -61.90
C ALA B 275 28.61 -16.94 -62.09
N PRO B 276 27.83 -16.21 -62.93
CA PRO B 276 28.19 -14.81 -63.17
C PRO B 276 27.97 -13.93 -61.94
N ALA B 277 28.72 -12.82 -61.86
CA ALA B 277 28.65 -11.89 -60.74
C ALA B 277 27.24 -11.43 -60.48
N GLY B 278 26.89 -11.31 -59.22
CA GLY B 278 25.61 -10.81 -58.80
C GLY B 278 24.46 -11.79 -59.03
N SER B 279 24.72 -12.98 -59.59
CA SER B 279 23.59 -13.92 -59.86
C SER B 279 23.17 -14.67 -58.57
N ALA B 280 22.02 -15.34 -58.62
CA ALA B 280 21.57 -16.08 -57.47
C ALA B 280 22.50 -17.29 -57.16
N ARG B 281 22.97 -17.99 -58.19
CA ARG B 281 23.86 -19.09 -58.02
C ARG B 281 25.22 -18.70 -57.45
N ALA B 282 25.71 -17.46 -57.74
CA ALA B 282 26.96 -16.94 -57.16
C ALA B 282 26.92 -16.71 -55.64
N LYS B 283 25.72 -16.70 -55.07
CA LYS B 283 25.54 -16.38 -53.65
C LYS B 283 25.55 -17.67 -52.84
N VAL B 284 25.61 -18.79 -53.55
CA VAL B 284 25.47 -20.13 -52.88
C VAL B 284 26.83 -20.62 -52.37
N LEU B 285 26.95 -20.79 -51.05
CA LEU B 285 28.19 -21.29 -50.44
C LEU B 285 27.93 -22.69 -49.75
N LEU B 286 28.96 -23.56 -49.70
CA LEU B 286 29.01 -24.81 -48.87
C LEU B 286 30.11 -24.64 -47.84
N PHE B 287 29.90 -25.15 -46.65
CA PHE B 287 30.83 -25.02 -45.54
C PHE B 287 30.92 -26.44 -44.96
N SER B 288 32.11 -26.88 -44.55
CA SER B 288 32.22 -28.18 -43.89
C SER B 288 33.03 -28.01 -42.62
N ASN B 289 32.63 -28.63 -41.52
CA ASN B 289 33.41 -28.54 -40.28
C ASN B 289 32.88 -29.53 -39.27
N ALA B 290 33.53 -29.64 -38.11
CA ALA B 290 32.99 -30.32 -36.94
C ALA B 290 32.03 -29.37 -36.16
N ALA B 291 30.74 -29.69 -36.20
CA ALA B 291 29.70 -28.76 -35.76
C ALA B 291 29.43 -29.01 -34.31
N SER B 292 30.32 -28.54 -33.47
CA SER B 292 30.35 -28.98 -32.08
C SER B 292 31.43 -28.22 -31.36
N GLN B 293 31.08 -27.71 -30.19
CA GLN B 293 31.92 -26.71 -29.55
C GLN B 293 33.04 -27.37 -28.79
N THR B 294 32.86 -28.64 -28.46
CA THR B 294 33.80 -29.30 -27.60
C THR B 294 34.64 -30.38 -28.29
N SER B 295 34.01 -31.22 -29.11
CA SER B 295 34.73 -32.34 -29.70
C SER B 295 34.83 -32.21 -31.21
N ARG B 296 35.91 -32.74 -31.76
CA ARG B 296 36.08 -32.84 -33.24
C ARG B 296 35.28 -34.03 -33.72
N SER B 297 33.97 -33.87 -33.78
CA SER B 297 33.07 -34.90 -34.26
C SER B 297 31.84 -34.20 -34.83
N GLN B 298 30.91 -34.98 -35.33
CA GLN B 298 29.69 -34.45 -35.89
C GLN B 298 29.98 -33.53 -37.12
N GLY B 299 30.76 -34.07 -38.04
CA GLY B 299 31.05 -33.38 -39.27
C GLY B 299 29.77 -33.10 -40.03
N THR B 300 29.67 -31.83 -40.43
CA THR B 300 28.43 -31.28 -40.98
C THR B 300 28.72 -30.47 -42.23
N ILE B 301 27.87 -30.56 -43.23
CA ILE B 301 27.99 -29.71 -44.40
C ILE B 301 26.89 -28.66 -44.18
N ARG B 302 27.22 -27.38 -44.37
CA ARG B 302 26.15 -26.36 -44.34
C ARG B 302 26.01 -25.68 -45.71
N MET B 303 24.81 -25.22 -46.03
CA MET B 303 24.67 -24.39 -47.21
C MET B 303 23.97 -23.02 -46.92
N SER B 304 24.51 -21.97 -47.54
CA SER B 304 24.01 -20.63 -47.52
C SER B 304 23.63 -20.20 -48.95
N CYS B 305 22.50 -19.51 -49.12
CA CYS B 305 22.13 -19.01 -50.44
C CYS B 305 22.22 -17.49 -50.53
N ASP B 306 22.91 -16.89 -49.56
CA ASP B 306 22.95 -15.42 -49.46
C ASP B 306 24.34 -14.86 -49.07
N ASP B 307 25.36 -15.43 -49.70
CA ASP B 307 26.74 -14.99 -49.48
C ASP B 307 27.21 -15.16 -48.04
N GLY B 308 26.68 -16.16 -47.36
CA GLY B 308 27.14 -16.49 -46.03
C GLY B 308 26.47 -15.73 -44.92
N GLN B 309 25.42 -14.96 -45.24
CA GLN B 309 24.62 -14.25 -44.21
C GLN B 309 23.77 -15.17 -43.32
N THR B 310 23.19 -16.21 -43.92
CA THR B 310 22.41 -17.20 -43.19
C THR B 310 22.86 -18.59 -43.70
N TRP B 311 22.59 -19.63 -42.92
CA TRP B 311 23.04 -20.96 -43.20
C TRP B 311 21.81 -21.77 -42.87
N PRO B 312 20.79 -21.72 -43.74
CA PRO B 312 19.52 -22.37 -43.50
C PRO B 312 19.58 -23.90 -43.55
N VAL B 313 20.53 -24.44 -44.31
CA VAL B 313 20.60 -25.88 -44.60
C VAL B 313 21.83 -26.53 -43.94
N SER B 314 21.65 -27.71 -43.35
CA SER B 314 22.80 -28.42 -42.83
C SER B 314 22.50 -29.91 -42.83
N LYS B 315 23.55 -30.72 -42.94
CA LYS B 315 23.35 -32.17 -42.82
C LYS B 315 24.63 -32.78 -42.30
N VAL B 316 24.49 -33.76 -41.41
CA VAL B 316 25.63 -34.41 -40.84
C VAL B 316 26.15 -35.40 -41.87
N PHE B 317 27.46 -35.36 -42.13
CA PHE B 317 28.08 -36.39 -42.96
C PHE B 317 28.82 -37.45 -42.12
N GLN B 318 29.30 -37.09 -40.93
CA GLN B 318 30.08 -37.95 -40.09
C GLN B 318 29.69 -37.66 -38.67
N PRO B 319 28.74 -38.47 -38.08
CA PRO B 319 28.37 -38.34 -36.65
C PRO B 319 29.54 -38.51 -35.70
N GLY B 320 30.51 -39.36 -36.05
CA GLY B 320 31.59 -39.72 -35.15
C GLY B 320 32.79 -38.80 -35.36
N SER B 321 33.98 -39.31 -35.11
CA SER B 321 35.24 -38.51 -35.21
C SER B 321 35.43 -37.89 -36.62
N MET B 322 35.87 -36.64 -36.63
CA MET B 322 35.92 -35.88 -37.87
C MET B 322 36.72 -34.59 -37.54
N SER B 323 37.96 -34.53 -38.01
CA SER B 323 38.81 -33.40 -37.74
C SER B 323 38.82 -32.44 -38.96
N PHE B 324 39.89 -32.41 -39.77
CA PHE B 324 40.00 -31.40 -40.85
C PHE B 324 39.17 -31.96 -41.97
N SER B 325 38.60 -31.08 -42.81
CA SER B 325 37.76 -31.53 -43.95
C SER B 325 37.93 -30.42 -44.96
N THR B 326 37.91 -30.79 -46.23
CA THR B 326 38.01 -29.80 -47.29
C THR B 326 37.12 -30.21 -48.42
N LEU B 327 36.34 -29.24 -48.92
CA LEU B 327 35.45 -29.41 -50.06
C LEU B 327 36.01 -28.98 -51.36
N THR B 328 35.55 -29.60 -52.45
CA THR B 328 35.82 -29.05 -53.79
C THR B 328 34.66 -29.30 -54.74
N ALA B 329 34.41 -28.35 -55.61
CA ALA B 329 33.41 -28.51 -56.66
C ALA B 329 33.95 -29.40 -57.79
N LEU B 330 33.21 -30.44 -58.16
CA LEU B 330 33.63 -31.33 -59.21
C LEU B 330 33.03 -30.96 -60.55
N PRO B 331 33.74 -31.28 -61.65
CA PRO B 331 33.15 -31.10 -62.99
C PRO B 331 31.72 -31.66 -63.17
N ASP B 332 31.42 -32.80 -62.59
CA ASP B 332 30.11 -33.38 -62.82
C ASP B 332 28.96 -32.68 -62.08
N GLY B 333 29.25 -31.60 -61.35
CA GLY B 333 28.22 -30.91 -60.57
C GLY B 333 28.01 -31.41 -59.16
N THR B 334 28.70 -32.50 -58.80
CA THR B 334 28.78 -32.99 -57.42
C THR B 334 29.97 -32.37 -56.65
N TYR B 335 30.14 -32.80 -55.39
CA TYR B 335 31.08 -32.20 -54.46
C TYR B 335 31.96 -33.26 -53.87
N GLY B 336 33.25 -32.96 -53.87
CA GLY B 336 34.26 -33.81 -53.28
C GLY B 336 34.56 -33.32 -51.89
N LEU B 337 34.84 -34.25 -50.97
CA LEU B 337 35.06 -33.90 -49.56
C LEU B 337 36.13 -34.82 -48.95
N LEU B 338 37.27 -34.26 -48.63
CA LEU B 338 38.37 -35.05 -48.16
C LEU B 338 38.51 -34.68 -46.70
N TYR B 339 38.52 -35.69 -45.84
CA TYR B 339 38.44 -35.42 -44.43
C TYR B 339 39.13 -36.45 -43.55
N GLU B 340 39.26 -36.12 -42.26
CA GLU B 340 39.92 -36.99 -41.30
C GLU B 340 38.95 -37.68 -40.38
N PRO B 341 38.70 -39.00 -40.59
CA PRO B 341 37.85 -39.79 -39.68
C PRO B 341 38.55 -40.33 -38.41
N GLY B 342 39.86 -40.12 -38.27
CA GLY B 342 40.63 -40.70 -37.17
C GLY B 342 41.59 -41.84 -37.59
N THR B 343 41.29 -42.54 -38.69
CA THR B 343 42.12 -43.63 -39.14
C THR B 343 43.01 -43.21 -40.31
N GLY B 344 42.96 -41.92 -40.72
CA GLY B 344 43.79 -41.43 -41.83
C GLY B 344 43.00 -40.43 -42.65
N ILE B 345 42.88 -40.70 -43.97
CA ILE B 345 42.29 -39.77 -44.91
C ILE B 345 41.22 -40.47 -45.70
N ARG B 346 40.04 -39.88 -45.72
CA ARG B 346 38.92 -40.46 -46.38
C ARG B 346 38.33 -39.49 -47.40
N TYR B 347 37.91 -39.99 -48.57
CA TYR B 347 37.32 -39.12 -49.58
C TYR B 347 35.86 -39.44 -49.72
N ALA B 348 34.97 -38.42 -49.62
CA ALA B 348 33.52 -38.58 -49.80
C ALA B 348 33.05 -37.82 -51.01
N ASN B 349 31.95 -38.27 -51.61
CA ASN B 349 31.33 -37.55 -52.71
C ASN B 349 29.84 -37.39 -52.41
N PHE B 350 29.31 -36.17 -52.54
CA PHE B 350 27.88 -35.94 -52.34
C PHE B 350 27.32 -35.00 -53.37
N ASN B 351 26.00 -35.03 -53.48
CA ASN B 351 25.31 -34.09 -54.31
C ASN B 351 24.38 -33.20 -53.47
N LEU B 352 23.89 -32.13 -54.06
CA LEU B 352 22.97 -31.21 -53.35
C LEU B 352 21.67 -31.90 -52.99
N ALA B 353 21.26 -32.86 -53.80
CA ALA B 353 20.10 -33.70 -53.46
C ALA B 353 20.19 -34.42 -52.12
N TRP B 354 21.36 -34.99 -51.82
CA TRP B 354 21.64 -35.63 -50.52
C TRP B 354 21.52 -34.65 -49.34
N LEU B 355 21.96 -33.44 -49.60
CA LEU B 355 21.96 -32.37 -48.63
C LEU B 355 20.59 -32.03 -48.16
N GLY B 356 19.63 -32.11 -49.09
CA GLY B 356 18.20 -32.13 -48.81
C GLY B 356 17.58 -30.83 -48.30
N GLY B 357 18.09 -29.70 -48.78
CA GLY B 357 17.72 -28.46 -48.19
C GLY B 357 16.98 -27.56 -49.11
N ILE B 358 16.35 -26.51 -48.55
CA ILE B 358 15.71 -25.51 -49.37
C ILE B 358 16.33 -24.17 -48.98
N CYS B 359 16.68 -23.33 -49.96
CA CYS B 359 17.10 -21.92 -49.74
C CYS B 359 16.00 -21.05 -49.22
N ALA B 360 15.60 -21.29 -47.98
CA ALA B 360 14.52 -20.56 -47.35
C ALA B 360 14.83 -20.25 -45.89
N PRO B 361 15.86 -19.41 -45.62
CA PRO B 361 16.14 -19.07 -44.23
C PRO B 361 14.97 -18.42 -43.51
N PHE B 362 14.92 -18.52 -42.18
CA PHE B 362 13.77 -18.06 -41.41
C PHE B 362 14.09 -17.69 -39.96
N THR B 363 13.28 -16.80 -39.43
CA THR B 363 13.56 -16.26 -38.13
C THR B 363 12.30 -16.39 -37.30
N ILE B 364 12.51 -16.61 -36.01
CA ILE B 364 11.48 -16.60 -34.96
C ILE B 364 12.20 -15.83 -33.84
N PRO B 365 11.56 -14.81 -33.28
CA PRO B 365 12.35 -14.08 -32.27
C PRO B 365 12.48 -14.87 -30.96
N ASP B 366 13.48 -14.51 -30.14
CA ASP B 366 13.48 -14.96 -28.78
C ASP B 366 12.28 -14.30 -28.09
N VAL B 367 11.83 -14.93 -27.03
CA VAL B 367 10.67 -14.42 -26.32
C VAL B 367 10.82 -14.82 -24.83
N ALA B 368 10.24 -14.02 -23.95
CA ALA B 368 10.17 -14.27 -22.51
C ALA B 368 8.71 -14.49 -22.10
N LEU B 369 8.46 -15.46 -21.24
CA LEU B 369 7.14 -15.56 -20.58
C LEU B 369 7.32 -16.06 -19.16
N GLU B 370 6.24 -16.05 -18.37
CA GLU B 370 6.22 -16.71 -17.09
C GLU B 370 5.87 -18.19 -17.32
N PRO B 371 6.21 -19.05 -16.37
CA PRO B 371 5.65 -20.44 -16.37
C PRO B 371 4.11 -20.39 -16.18
N GLY B 372 3.39 -21.31 -16.83
CA GLY B 372 1.93 -21.28 -16.88
C GLY B 372 1.31 -20.29 -17.85
N GLN B 373 2.12 -19.77 -18.76
CA GLN B 373 1.65 -18.73 -19.69
C GLN B 373 1.90 -19.26 -21.11
N GLN B 374 1.24 -18.63 -22.08
CA GLN B 374 1.43 -18.88 -23.49
C GLN B 374 1.50 -17.58 -24.29
N VAL B 375 2.04 -17.68 -25.48
CA VAL B 375 2.36 -16.53 -26.31
C VAL B 375 2.41 -17.04 -27.74
N THR B 376 2.14 -16.14 -28.68
CA THR B 376 2.30 -16.43 -30.06
C THR B 376 3.35 -15.45 -30.59
N VAL B 377 4.37 -16.02 -31.27
CA VAL B 377 5.42 -15.23 -31.90
C VAL B 377 5.34 -15.33 -33.44
N PRO B 378 5.70 -14.25 -34.18
CA PRO B 378 5.77 -14.38 -35.62
C PRO B 378 6.95 -15.22 -36.20
N VAL B 379 6.69 -15.84 -37.36
CA VAL B 379 7.72 -16.50 -38.20
C VAL B 379 7.84 -15.66 -39.46
N ALA B 380 9.07 -15.39 -39.89
CA ALA B 380 9.29 -14.75 -41.19
C ALA B 380 10.22 -15.65 -42.03
N VAL B 381 9.77 -16.10 -43.18
CA VAL B 381 10.56 -17.03 -44.00
C VAL B 381 11.00 -16.25 -45.20
N THR B 382 12.31 -16.08 -45.37
CA THR B 382 12.77 -15.38 -46.56
C THR B 382 12.96 -16.44 -47.60
N ASN B 383 12.05 -16.48 -48.53
CA ASN B 383 12.19 -17.48 -49.53
C ASN B 383 13.23 -17.05 -50.54
N GLN B 384 14.41 -17.71 -50.53
CA GLN B 384 15.48 -17.43 -51.56
C GLN B 384 15.58 -18.51 -52.67
N SER B 385 14.65 -19.44 -52.72
CA SER B 385 14.75 -20.65 -53.53
C SER B 385 14.29 -20.38 -54.93
N GLY B 386 13.62 -19.24 -55.10
CA GLY B 386 13.03 -18.90 -56.38
C GLY B 386 11.82 -19.74 -56.73
N ILE B 387 11.44 -20.71 -55.87
CA ILE B 387 10.32 -21.64 -56.17
C ILE B 387 9.07 -21.47 -55.28
N ALA B 388 7.89 -21.86 -55.81
CA ALA B 388 6.63 -21.84 -55.07
C ALA B 388 6.42 -23.12 -54.27
N VAL B 389 6.04 -22.98 -53.02
CA VAL B 389 5.85 -24.16 -52.18
C VAL B 389 4.46 -24.00 -51.59
N PRO B 390 3.45 -24.70 -52.18
CA PRO B 390 2.05 -24.55 -51.78
C PRO B 390 1.76 -24.92 -50.30
N LYS B 391 2.44 -25.95 -49.78
CA LYS B 391 2.05 -26.47 -48.47
C LYS B 391 3.26 -26.72 -47.55
N PRO B 392 3.97 -25.65 -47.15
CA PRO B 392 5.05 -25.82 -46.18
C PRO B 392 4.56 -26.27 -44.80
N SER B 393 5.42 -26.90 -44.02
CA SER B 393 5.06 -27.13 -42.62
C SER B 393 6.23 -26.83 -41.70
N LEU B 394 5.91 -26.69 -40.43
CA LEU B 394 6.84 -26.17 -39.42
C LEU B 394 6.78 -27.13 -38.28
N GLN B 395 7.92 -27.71 -38.00
CA GLN B 395 8.04 -28.73 -36.98
C GLN B 395 8.91 -28.10 -35.89
N LEU B 396 8.42 -28.02 -34.67
CA LEU B 396 9.23 -27.50 -33.53
C LEU B 396 9.75 -28.60 -32.57
N ASP B 397 10.90 -28.35 -31.94
CA ASP B 397 11.45 -29.28 -30.95
C ASP B 397 11.65 -28.55 -29.63
N ALA B 398 10.79 -28.78 -28.65
CA ALA B 398 10.81 -28.13 -27.34
C ALA B 398 10.79 -29.22 -26.24
N SER B 399 10.83 -28.84 -24.96
CA SER B 399 10.59 -29.83 -23.87
C SER B 399 9.31 -30.64 -24.14
N PRO B 400 9.36 -31.97 -24.00
CA PRO B 400 8.14 -32.76 -24.21
C PRO B 400 6.87 -32.32 -23.43
N ASP B 401 7.02 -31.67 -22.27
CA ASP B 401 5.85 -31.24 -21.49
C ASP B 401 5.23 -29.92 -21.95
N TRP B 402 5.98 -29.15 -22.75
CA TRP B 402 5.54 -27.90 -23.38
C TRP B 402 4.66 -28.23 -24.55
N GLN B 403 3.74 -27.35 -24.93
CA GLN B 403 3.04 -27.53 -26.17
C GLN B 403 3.57 -26.44 -27.05
N VAL B 404 4.19 -26.84 -28.16
CA VAL B 404 4.75 -25.90 -29.14
C VAL B 404 4.27 -26.29 -30.54
N GLN B 405 3.72 -25.33 -31.29
CA GLN B 405 3.13 -25.67 -32.60
C GLN B 405 3.06 -24.46 -33.51
N GLY B 406 3.27 -24.70 -34.79
CA GLY B 406 3.37 -23.61 -35.69
C GLY B 406 2.96 -23.94 -37.08
N SER B 407 2.78 -22.88 -37.86
CA SER B 407 2.48 -22.98 -39.27
C SER B 407 3.12 -21.84 -40.05
N VAL B 408 3.18 -21.98 -41.37
CA VAL B 408 3.72 -20.96 -42.26
C VAL B 408 2.79 -20.90 -43.48
N GLU B 409 2.54 -19.71 -44.02
CA GLU B 409 1.70 -19.55 -45.21
C GLU B 409 2.50 -20.03 -46.42
N PRO B 410 1.88 -20.25 -47.61
CA PRO B 410 2.67 -20.75 -48.76
C PRO B 410 3.86 -19.86 -49.10
N LEU B 411 4.94 -20.48 -49.61
CA LEU B 411 6.15 -19.79 -50.07
C LEU B 411 6.06 -19.44 -51.56
N MET B 412 6.48 -18.22 -51.88
CA MET B 412 6.36 -17.69 -53.23
C MET B 412 7.74 -17.16 -53.60
N PRO B 413 8.10 -17.24 -54.89
CA PRO B 413 9.39 -16.65 -55.33
C PRO B 413 9.56 -15.16 -54.90
N GLY B 414 10.74 -14.85 -54.38
CA GLY B 414 11.14 -13.48 -54.03
C GLY B 414 10.32 -12.86 -52.91
N ARG B 415 9.64 -13.70 -52.10
CA ARG B 415 8.74 -13.21 -51.03
C ARG B 415 9.09 -13.69 -49.65
N GLN B 416 8.88 -12.83 -48.66
CA GLN B 416 8.93 -13.28 -47.28
C GLN B 416 7.51 -13.78 -46.89
N ALA B 417 7.38 -15.08 -46.53
CA ALA B 417 6.13 -15.66 -46.07
C ALA B 417 6.01 -15.49 -44.55
N LYS B 418 4.78 -15.31 -44.07
CA LYS B 418 4.52 -15.21 -42.63
C LYS B 418 4.16 -16.60 -42.11
N GLY B 419 4.39 -16.82 -40.81
CA GLY B 419 3.87 -17.94 -40.06
C GLY B 419 3.76 -17.52 -38.59
N GLN B 420 3.49 -18.48 -37.73
CA GLN B 420 3.38 -18.22 -36.32
C GLN B 420 3.77 -19.45 -35.56
N VAL B 421 4.22 -19.24 -34.33
CA VAL B 421 4.44 -20.36 -33.42
C VAL B 421 3.77 -19.99 -32.10
N THR B 422 3.06 -20.92 -31.49
CA THR B 422 2.47 -20.75 -30.19
C THR B 422 3.20 -21.67 -29.20
N ILE B 423 3.58 -21.09 -28.08
CA ILE B 423 4.32 -21.79 -27.06
C ILE B 423 3.48 -21.69 -25.78
N THR B 424 3.22 -22.84 -25.16
CA THR B 424 2.63 -22.90 -23.86
C THR B 424 3.66 -23.56 -22.95
N VAL B 425 4.04 -22.87 -21.88
CA VAL B 425 4.96 -23.36 -20.91
C VAL B 425 4.14 -23.80 -19.65
N PRO B 426 4.28 -25.04 -19.21
CA PRO B 426 3.51 -25.47 -18.00
C PRO B 426 3.89 -24.75 -16.70
N ALA B 427 2.87 -24.40 -15.94
CA ALA B 427 3.12 -23.96 -14.57
C ALA B 427 4.06 -24.99 -13.94
N GLY B 428 4.99 -24.54 -13.10
CA GLY B 428 5.89 -25.48 -12.41
C GLY B 428 7.22 -25.66 -13.15
N THR B 429 7.31 -25.12 -14.36
CA THR B 429 8.57 -25.05 -15.08
C THR B 429 9.59 -24.17 -14.38
N THR B 430 10.79 -24.74 -14.17
CA THR B 430 11.99 -24.06 -13.71
C THR B 430 12.45 -22.84 -14.56
N PRO B 431 12.79 -21.72 -13.88
CA PRO B 431 13.33 -20.54 -14.55
C PRO B 431 14.53 -20.92 -15.37
N GLY B 432 14.63 -20.38 -16.57
CA GLY B 432 15.85 -20.55 -17.32
C GLY B 432 15.66 -20.14 -18.75
N ARG B 433 16.66 -20.41 -19.55
CA ARG B 433 16.56 -20.15 -20.95
C ARG B 433 16.50 -21.46 -21.68
N TYR B 434 15.50 -21.61 -22.56
CA TYR B 434 15.27 -22.85 -23.22
C TYR B 434 15.39 -22.73 -24.72
N ARG B 435 16.27 -23.50 -25.33
CA ARG B 435 16.42 -23.43 -26.78
C ARG B 435 15.34 -24.28 -27.49
N VAL B 436 14.65 -23.73 -28.47
CA VAL B 436 13.61 -24.50 -29.21
C VAL B 436 14.11 -24.59 -30.65
N GLY B 437 14.20 -25.80 -31.21
CA GLY B 437 14.56 -25.98 -32.64
C GLY B 437 13.33 -25.84 -33.53
N ALA B 438 13.50 -25.35 -34.75
CA ALA B 438 12.36 -25.28 -35.67
C ALA B 438 12.79 -25.81 -37.07
N THR B 439 11.94 -26.62 -37.69
CA THR B 439 12.30 -27.16 -39.02
C THR B 439 11.19 -26.80 -39.93
N LEU B 440 11.53 -26.11 -41.01
CA LEU B 440 10.64 -25.89 -42.11
C LEU B 440 10.77 -27.05 -43.07
N ARG B 441 9.69 -27.80 -43.29
CA ARG B 441 9.71 -28.97 -44.16
C ARG B 441 8.91 -28.68 -45.41
N THR B 442 9.48 -28.99 -46.56
CA THR B 442 8.77 -28.79 -47.85
C THR B 442 9.11 -29.99 -48.76
N SER B 443 8.37 -30.21 -49.85
CA SER B 443 8.69 -31.34 -50.76
C SER B 443 9.97 -31.04 -51.56
N ALA B 444 10.39 -29.77 -51.48
CA ALA B 444 11.60 -29.27 -52.09
C ALA B 444 12.83 -29.38 -51.18
N GLY B 445 12.63 -29.63 -49.89
CA GLY B 445 13.74 -29.76 -48.96
C GLY B 445 13.45 -28.97 -47.68
N ASN B 446 14.37 -29.04 -46.72
CA ASN B 446 14.14 -28.48 -45.41
C ASN B 446 15.09 -27.36 -45.07
N ALA B 447 14.69 -26.46 -44.16
CA ALA B 447 15.64 -25.48 -43.59
C ALA B 447 15.48 -25.50 -42.07
N SER B 448 16.46 -25.03 -41.32
CA SER B 448 16.23 -24.94 -39.85
C SER B 448 16.67 -23.65 -39.15
N THR B 449 16.05 -23.32 -38.01
CA THR B 449 16.58 -22.30 -37.13
C THR B 449 16.32 -22.70 -35.70
N THR B 450 16.76 -21.85 -34.76
CA THR B 450 16.37 -22.02 -33.35
C THR B 450 15.99 -20.64 -32.82
N PHE B 451 15.30 -20.63 -31.68
CA PHE B 451 15.13 -19.47 -30.85
C PHE B 451 15.09 -19.88 -29.36
N THR B 452 15.14 -18.88 -28.45
CA THR B 452 15.18 -19.13 -27.02
C THR B 452 13.92 -18.61 -26.37
N VAL B 453 13.38 -19.43 -25.47
CA VAL B 453 12.26 -19.02 -24.65
C VAL B 453 12.80 -18.84 -23.25
N THR B 454 12.71 -17.62 -22.75
CA THR B 454 13.18 -17.37 -21.39
C THR B 454 11.98 -17.49 -20.46
N VAL B 455 12.13 -18.22 -19.35
CA VAL B 455 11.01 -18.51 -18.44
C VAL B 455 11.36 -17.96 -17.05
N GLY B 456 10.59 -16.99 -16.57
CA GLY B 456 10.76 -16.52 -15.21
C GLY B 456 12.10 -15.87 -14.90
N LEU B 457 12.74 -15.26 -15.89
CA LEU B 457 14.01 -14.54 -15.71
C LEU B 457 13.79 -13.08 -16.06
N LEU B 458 14.52 -12.18 -15.37
CA LEU B 458 14.44 -10.75 -15.62
C LEU B 458 15.14 -10.42 -16.91
N ASP B 459 14.85 -9.24 -17.45
CA ASP B 459 15.43 -8.79 -18.71
C ASP B 459 16.86 -8.27 -18.56
N GLN B 460 17.81 -9.00 -19.15
CA GLN B 460 19.24 -8.65 -19.12
C GLN B 460 19.48 -7.28 -19.81
N ALA B 461 18.71 -7.01 -20.87
CA ALA B 461 18.89 -5.79 -21.67
C ALA B 461 18.64 -4.55 -20.80
N ARG B 462 17.92 -4.70 -19.69
CA ARG B 462 17.61 -3.61 -18.77
C ARG B 462 18.61 -3.45 -17.63
N MET B 463 19.52 -4.43 -17.47
CA MET B 463 20.56 -4.44 -16.41
C MET B 463 21.80 -3.70 -16.80
N SER B 464 22.57 -3.36 -15.76
CA SER B 464 23.88 -2.78 -15.88
C SER B 464 24.73 -3.28 -14.70
N ILE B 465 26.04 -3.17 -14.82
CA ILE B 465 26.95 -3.39 -13.71
C ILE B 465 26.96 -2.22 -12.76
N ALA B 466 26.73 -2.49 -11.49
CA ALA B 466 26.70 -1.42 -10.48
C ALA B 466 28.10 -1.26 -9.92
N ASP B 467 28.77 -2.39 -9.71
CA ASP B 467 30.15 -2.41 -9.20
C ASP B 467 30.73 -3.81 -9.48
N VAL B 468 32.05 -3.91 -9.58
CA VAL B 468 32.76 -5.20 -9.75
C VAL B 468 34.05 -4.98 -8.98
N ASP B 469 34.52 -5.98 -8.22
CA ASP B 469 35.80 -5.73 -7.48
C ASP B 469 37.04 -5.53 -8.39
N SER B 470 37.00 -6.15 -9.56
CA SER B 470 38.20 -6.30 -10.40
C SER B 470 37.78 -6.86 -11.74
N GLU B 471 38.36 -6.32 -12.81
CA GLU B 471 38.13 -6.91 -14.15
C GLU B 471 39.37 -6.72 -15.04
N GLU B 472 39.68 -7.74 -15.82
CA GLU B 472 40.69 -7.67 -16.89
C GLU B 472 40.15 -6.97 -18.13
N THR B 473 40.84 -5.96 -18.61
CA THR B 473 40.54 -5.34 -19.90
C THR B 473 41.79 -5.16 -20.77
N ALA B 474 42.98 -5.21 -20.17
CA ALA B 474 44.18 -4.85 -20.91
C ALA B 474 44.54 -5.93 -21.94
N ARG B 475 44.60 -7.19 -21.51
CA ARG B 475 45.15 -8.25 -22.34
C ARG B 475 44.04 -9.20 -22.80
N GLU B 476 42.82 -9.05 -22.28
CA GLU B 476 41.64 -9.70 -22.87
C GLU B 476 40.35 -8.99 -22.47
N ASP B 477 39.24 -9.36 -23.08
CA ASP B 477 37.95 -8.72 -22.77
C ASP B 477 37.25 -9.47 -21.61
N GLY B 478 37.58 -9.07 -20.36
CA GLY B 478 37.10 -9.69 -19.15
C GLY B 478 36.11 -8.77 -18.48
N ARG B 479 35.49 -7.86 -19.26
CA ARG B 479 34.61 -6.82 -18.73
C ARG B 479 33.50 -7.45 -17.91
N ALA B 480 33.19 -6.87 -16.76
CA ALA B 480 32.06 -7.30 -15.94
C ALA B 480 30.78 -7.47 -16.76
N SER B 481 30.56 -6.52 -17.67
CA SER B 481 29.30 -6.43 -18.39
C SER B 481 29.01 -7.66 -19.22
N ASN B 482 30.03 -8.51 -19.33
CA ASN B 482 29.97 -9.69 -20.22
C ASN B 482 29.06 -10.73 -19.56
N VAL B 483 28.77 -10.58 -18.28
CA VAL B 483 27.89 -11.51 -17.58
C VAL B 483 26.41 -11.30 -17.94
N ILE B 484 26.11 -10.13 -18.53
CA ILE B 484 24.72 -9.77 -18.88
C ILE B 484 24.49 -9.49 -20.38
N ASP B 485 25.31 -10.08 -21.23
CA ASP B 485 25.08 -10.03 -22.69
C ASP B 485 24.34 -11.25 -23.32
N GLY B 486 23.99 -12.26 -22.52
CA GLY B 486 23.25 -13.46 -23.02
C GLY B 486 24.13 -14.46 -23.79
N ASN B 487 25.44 -14.23 -23.76
CA ASN B 487 26.40 -15.01 -24.60
C ASN B 487 27.33 -15.87 -23.71
N PRO B 488 27.06 -17.20 -23.57
CA PRO B 488 27.98 -18.04 -22.80
C PRO B 488 29.46 -18.00 -23.24
N SER B 489 29.74 -17.56 -24.47
CA SER B 489 31.09 -17.43 -24.97
C SER B 489 31.91 -16.25 -24.46
N THR B 490 31.27 -15.30 -23.78
CA THR B 490 31.97 -14.13 -23.26
C THR B 490 31.81 -14.16 -21.78
N PHE B 491 32.84 -13.70 -21.08
CA PHE B 491 32.85 -13.80 -19.65
C PHE B 491 33.44 -12.55 -19.02
N TRP B 492 33.05 -12.33 -17.78
CA TRP B 492 33.77 -11.41 -16.89
C TRP B 492 34.97 -12.21 -16.44
N HIS B 493 36.14 -11.60 -16.32
CA HIS B 493 37.30 -12.27 -15.69
C HIS B 493 37.91 -11.25 -14.76
N THR B 494 38.20 -11.60 -13.51
CA THR B 494 39.02 -10.69 -12.64
C THR B 494 40.37 -10.29 -13.27
N GLU B 495 40.97 -9.17 -12.84
CA GLU B 495 42.22 -8.70 -13.47
C GLU B 495 43.31 -9.73 -13.25
N TRP B 496 44.07 -10.01 -14.29
CA TRP B 496 45.17 -10.96 -14.19
C TRP B 496 46.49 -10.44 -14.73
N SER B 497 46.49 -9.40 -15.57
CA SER B 497 47.74 -9.02 -16.30
C SER B 497 48.66 -8.12 -15.48
N ARG B 498 48.23 -7.79 -14.25
CA ARG B 498 49.13 -7.16 -13.25
C ARG B 498 49.29 -8.13 -12.08
N ALA B 499 50.53 -8.44 -11.70
CA ALA B 499 50.80 -9.28 -10.50
C ALA B 499 50.10 -8.79 -9.26
N ASP B 500 49.94 -7.45 -9.14
CA ASP B 500 49.26 -6.84 -7.99
C ASP B 500 47.74 -6.88 -8.03
N ALA B 501 47.13 -7.38 -9.10
CA ALA B 501 45.68 -7.71 -9.06
C ALA B 501 45.30 -8.44 -7.76
N PRO B 502 44.05 -8.21 -7.27
CA PRO B 502 43.67 -8.86 -6.04
C PRO B 502 43.26 -10.32 -6.27
N GLY B 503 43.35 -11.10 -5.19
CA GLY B 503 42.79 -12.45 -5.14
C GLY B 503 41.37 -12.39 -4.55
N TYR B 504 40.90 -13.55 -4.07
CA TYR B 504 39.57 -13.69 -3.50
C TYR B 504 39.54 -13.01 -2.16
N PRO B 505 38.37 -12.53 -1.71
CA PRO B 505 37.08 -12.62 -2.42
C PRO B 505 36.91 -11.67 -3.64
N HIS B 506 36.09 -12.09 -4.58
CA HIS B 506 35.75 -11.23 -5.71
C HIS B 506 34.25 -10.92 -5.60
N ARG B 507 33.78 -9.94 -6.39
CA ARG B 507 32.44 -9.34 -6.24
C ARG B 507 31.98 -8.68 -7.56
N ILE B 508 30.71 -8.89 -7.92
CA ILE B 508 30.07 -8.22 -9.03
C ILE B 508 28.61 -7.91 -8.68
N SER B 509 28.11 -6.74 -9.03
CA SER B 509 26.77 -6.36 -8.60
C SER B 509 26.01 -5.82 -9.78
N LEU B 510 24.74 -6.18 -9.85
CA LEU B 510 23.94 -5.81 -10.97
C LEU B 510 22.89 -4.84 -10.51
N ASP B 511 22.74 -3.78 -11.28
CA ASP B 511 21.60 -2.91 -11.22
C ASP B 511 20.61 -3.57 -12.19
N LEU B 512 19.41 -3.86 -11.69
CA LEU B 512 18.40 -4.54 -12.44
C LEU B 512 17.59 -3.54 -13.32
N GLY B 513 17.81 -2.25 -13.12
CA GLY B 513 17.13 -1.25 -13.95
C GLY B 513 15.77 -0.82 -13.38
N GLY B 514 15.36 -1.40 -12.24
CA GLY B 514 14.10 -1.10 -11.59
C GLY B 514 13.84 -2.17 -10.56
N THR B 515 12.78 -1.98 -9.79
CA THR B 515 12.42 -2.84 -8.71
C THR B 515 11.58 -3.96 -9.27
N HIS B 516 11.98 -5.19 -8.92
CA HIS B 516 11.30 -6.38 -9.34
C HIS B 516 11.27 -7.30 -8.16
N THR B 517 10.27 -8.18 -8.12
CA THR B 517 10.27 -9.30 -7.20
C THR B 517 11.22 -10.33 -7.76
N ILE B 518 12.23 -10.71 -6.97
CA ILE B 518 13.24 -11.67 -7.40
C ILE B 518 13.37 -12.82 -6.38
N SER B 519 13.92 -13.96 -6.79
CA SER B 519 13.95 -15.18 -5.91
C SER B 519 15.11 -16.14 -6.17
N GLY B 520 16.07 -15.69 -6.99
CA GLY B 520 17.17 -16.54 -7.35
C GLY B 520 18.21 -15.90 -8.25
N LEU B 521 19.38 -16.50 -8.24
CA LEU B 521 20.43 -16.15 -9.21
C LEU B 521 20.83 -17.42 -9.91
N GLN B 522 21.12 -17.30 -11.21
CA GLN B 522 21.77 -18.39 -11.95
C GLN B 522 23.18 -18.02 -12.46
N TYR B 523 24.12 -18.89 -12.16
CA TYR B 523 25.52 -18.68 -12.46
C TYR B 523 25.97 -19.69 -13.53
N THR B 524 26.55 -19.18 -14.61
CA THR B 524 27.23 -20.03 -15.60
C THR B 524 28.71 -19.76 -15.55
N ARG B 525 29.47 -20.81 -15.29
CA ARG B 525 30.93 -20.72 -15.33
C ARG B 525 31.55 -20.38 -16.74
N ARG B 526 32.77 -19.84 -16.74
CA ARG B 526 33.52 -19.81 -17.99
C ARG B 526 33.65 -21.19 -18.65
N GLN B 527 33.46 -21.24 -19.97
CA GLN B 527 33.37 -22.51 -20.64
C GLN B 527 34.72 -23.02 -21.16
N ASN B 528 35.67 -22.13 -21.46
CA ASN B 528 36.86 -22.62 -22.19
C ASN B 528 38.12 -22.61 -21.32
N SER B 529 37.93 -22.53 -20.00
CA SER B 529 39.00 -22.67 -19.03
C SER B 529 38.40 -23.03 -17.68
N ALA B 530 39.15 -23.77 -16.89
CA ALA B 530 38.59 -24.41 -15.71
C ALA B 530 39.23 -23.98 -14.35
N ASN B 531 40.14 -23.02 -14.37
CA ASN B 531 40.79 -22.62 -13.11
C ASN B 531 40.36 -21.27 -12.53
N GLU B 532 39.27 -20.71 -13.06
CA GLU B 532 38.69 -19.49 -12.50
C GLU B 532 37.25 -19.73 -12.08
N GLN B 533 36.92 -20.96 -11.61
CA GLN B 533 35.51 -21.25 -11.37
C GLN B 533 35.08 -20.85 -9.93
N VAL B 534 33.96 -20.13 -9.74
CA VAL B 534 33.55 -19.77 -8.40
C VAL B 534 33.16 -21.07 -7.62
N ALA B 535 33.54 -21.18 -6.33
CA ALA B 535 33.09 -22.29 -5.50
C ALA B 535 32.14 -21.76 -4.42
N ASP B 536 32.66 -21.38 -3.25
CA ASP B 536 31.86 -20.80 -2.19
C ASP B 536 31.36 -19.42 -2.59
N TYR B 537 30.08 -19.18 -2.36
CA TYR B 537 29.47 -17.91 -2.72
C TYR B 537 28.52 -17.43 -1.59
N GLU B 538 28.24 -16.11 -1.57
CA GLU B 538 27.13 -15.53 -0.82
C GLU B 538 26.42 -14.63 -1.80
N ILE B 539 25.10 -14.54 -1.70
CA ILE B 539 24.32 -13.57 -2.50
C ILE B 539 23.63 -12.50 -1.57
N TYR B 540 23.61 -11.24 -2.00
CA TYR B 540 22.87 -10.17 -1.32
C TYR B 540 21.94 -9.38 -2.24
N THR B 541 20.92 -8.77 -1.64
CA THR B 541 20.05 -7.85 -2.38
C THR B 541 20.00 -6.48 -1.76
N SER B 542 19.52 -5.52 -2.57
CA SER B 542 19.29 -4.15 -2.14
C SER B 542 18.18 -3.51 -2.97
N LEU B 543 17.43 -2.59 -2.37
CA LEU B 543 16.56 -1.63 -3.09
C LEU B 543 17.24 -0.31 -3.49
N ASN B 544 18.22 0.13 -2.69
CA ASN B 544 18.86 1.44 -2.89
C ASN B 544 20.33 1.42 -3.37
N GLY B 545 20.97 0.25 -3.35
CA GLY B 545 22.35 0.11 -3.88
C GLY B 545 23.51 0.28 -2.93
N THR B 546 23.20 0.72 -1.68
CA THR B 546 24.22 1.00 -0.66
C THR B 546 24.01 0.04 0.54
N THR B 547 22.72 -0.35 0.86
CA THR B 547 22.49 -1.29 1.96
C THR B 547 22.23 -2.72 1.41
N TRP B 548 22.97 -3.69 1.97
CA TRP B 548 22.85 -5.00 1.49
C TRP B 548 22.32 -5.99 2.52
N ASP B 549 21.26 -6.71 2.15
CA ASP B 549 20.61 -7.67 3.07
C ASP B 549 21.12 -9.05 2.77
N GLY B 550 21.49 -9.83 3.78
CA GLY B 550 21.90 -11.22 3.57
C GLY B 550 23.17 -11.61 4.34
N PRO B 551 23.83 -12.71 3.93
CA PRO B 551 23.57 -13.51 2.73
C PRO B 551 22.13 -14.04 2.70
N VAL B 552 21.44 -13.88 1.57
CA VAL B 552 20.06 -14.45 1.44
C VAL B 552 20.18 -15.87 0.85
N ALA B 553 21.36 -16.17 0.28
CA ALA B 553 21.71 -17.52 -0.17
C ALA B 553 23.22 -17.66 -0.07
N SER B 554 23.68 -18.90 0.18
CA SER B 554 25.10 -19.21 0.17
C SER B 554 25.21 -20.70 -0.04
N GLY B 555 26.41 -21.14 -0.37
CA GLY B 555 26.65 -22.53 -0.66
C GLY B 555 27.88 -22.59 -1.52
N ARG B 556 27.97 -23.62 -2.34
CA ARG B 556 29.16 -23.86 -3.10
C ARG B 556 28.68 -24.36 -4.43
N PHE B 557 29.13 -23.70 -5.50
CA PHE B 557 28.80 -24.10 -6.87
C PHE B 557 29.60 -25.36 -7.22
N THR B 558 29.15 -26.07 -8.24
CA THR B 558 29.86 -27.22 -8.73
C THR B 558 30.68 -26.78 -9.98
N THR B 559 31.30 -27.76 -10.63
CA THR B 559 32.08 -27.47 -11.83
C THR B 559 31.28 -27.69 -13.13
N SER B 560 29.98 -27.92 -12.99
CA SER B 560 29.05 -28.01 -14.11
C SER B 560 29.18 -26.84 -15.04
N LEU B 561 29.13 -27.13 -16.35
CA LEU B 561 29.16 -26.11 -17.39
C LEU B 561 27.81 -25.46 -17.66
N ALA B 562 26.74 -26.07 -17.14
CA ALA B 562 25.36 -25.52 -17.22
C ALA B 562 25.05 -24.48 -16.11
N PRO B 563 24.01 -23.64 -16.33
CA PRO B 563 23.61 -22.69 -15.29
C PRO B 563 23.28 -23.38 -13.99
N GLN B 564 23.72 -22.77 -12.90
CA GLN B 564 23.44 -23.27 -11.58
C GLN B 564 22.59 -22.28 -10.87
N ARG B 565 21.54 -22.80 -10.22
CA ARG B 565 20.60 -21.95 -9.45
C ARG B 565 21.00 -21.72 -7.99
N ALA B 566 20.91 -20.48 -7.52
CA ALA B 566 20.93 -20.19 -6.10
C ALA B 566 19.63 -19.49 -5.79
N VAL B 567 18.75 -20.17 -5.06
CA VAL B 567 17.44 -19.65 -4.78
C VAL B 567 17.31 -19.05 -3.34
N PHE B 568 16.27 -18.23 -3.17
CA PHE B 568 15.92 -17.63 -1.89
C PHE B 568 14.45 -17.18 -1.88
N PRO B 569 13.84 -17.08 -0.68
CA PRO B 569 12.42 -16.73 -0.77
C PRO B 569 12.31 -15.27 -1.28
N ALA B 570 11.28 -15.03 -2.10
CA ALA B 570 11.19 -13.83 -2.93
C ALA B 570 11.05 -12.52 -2.16
N ARG B 571 11.55 -11.45 -2.75
CA ARG B 571 11.48 -10.13 -2.20
C ARG B 571 11.76 -9.18 -3.32
N ASP B 572 11.35 -7.94 -3.13
CA ASP B 572 11.63 -6.90 -4.13
C ASP B 572 13.04 -6.43 -3.97
N ALA B 573 13.69 -6.14 -5.10
CA ALA B 573 15.04 -5.67 -5.08
C ALA B 573 15.31 -4.84 -6.33
N ARG B 574 16.18 -3.83 -6.22
CA ARG B 574 16.70 -3.18 -7.43
C ARG B 574 18.12 -3.63 -7.77
N TYR B 575 18.79 -4.24 -6.81
CA TYR B 575 20.18 -4.66 -7.04
C TYR B 575 20.42 -6.07 -6.51
N ILE B 576 21.32 -6.79 -7.14
CA ILE B 576 21.70 -8.07 -6.60
C ILE B 576 23.24 -8.17 -6.71
N ARG B 577 23.88 -8.78 -5.72
CA ARG B 577 25.32 -8.88 -5.62
C ARG B 577 25.73 -10.32 -5.35
N LEU B 578 26.75 -10.76 -6.08
CA LEU B 578 27.36 -12.08 -5.95
C LEU B 578 28.74 -11.87 -5.36
N VAL B 579 28.98 -12.47 -4.21
CA VAL B 579 30.30 -12.53 -3.67
C VAL B 579 30.86 -13.93 -3.94
N ALA B 580 31.99 -14.00 -4.65
CA ALA B 580 32.70 -15.26 -4.83
C ALA B 580 33.73 -15.32 -3.71
N LEU B 581 33.58 -16.27 -2.80
CA LEU B 581 34.50 -16.39 -1.66
C LEU B 581 35.68 -17.29 -1.94
N SER B 582 35.54 -18.25 -2.85
CA SER B 582 36.70 -19.07 -3.26
C SER B 582 36.54 -19.58 -4.70
N GLU B 583 37.63 -20.06 -5.28
CA GLU B 583 37.69 -20.75 -6.57
C GLU B 583 37.73 -22.27 -6.27
N GLN B 584 37.25 -23.10 -7.21
CA GLN B 584 37.14 -24.55 -7.05
C GLN B 584 38.39 -25.23 -6.55
N THR B 585 39.53 -24.87 -7.11
CA THR B 585 40.80 -25.43 -6.63
C THR B 585 41.74 -24.39 -6.02
N GLY B 586 41.18 -23.33 -5.42
CA GLY B 586 41.98 -22.33 -4.72
C GLY B 586 42.79 -21.36 -5.53
N HIS B 587 42.46 -21.18 -6.82
CA HIS B 587 43.21 -20.22 -7.69
C HIS B 587 42.81 -18.73 -7.48
N LYS B 588 43.53 -17.80 -8.14
CA LYS B 588 43.45 -16.34 -7.82
C LYS B 588 42.24 -15.62 -8.43
N TYR B 589 41.88 -16.04 -9.65
CA TYR B 589 40.88 -15.34 -10.49
C TYR B 589 39.54 -15.93 -10.43
N ALA B 590 38.52 -15.07 -10.70
CA ALA B 590 37.14 -15.54 -10.89
C ALA B 590 36.71 -15.16 -12.29
N ALA B 591 36.00 -16.07 -12.99
CA ALA B 591 35.40 -15.75 -14.26
C ALA B 591 33.97 -16.30 -14.32
N VAL B 592 33.08 -15.50 -14.89
CA VAL B 592 31.65 -15.86 -14.97
C VAL B 592 31.19 -15.53 -16.37
N ALA B 593 30.59 -16.49 -17.06
CA ALA B 593 30.10 -16.33 -18.40
C ALA B 593 28.74 -15.62 -18.45
N GLU B 594 27.83 -15.97 -17.54
CA GLU B 594 26.48 -15.37 -17.48
C GLU B 594 25.98 -15.28 -16.07
N LEU B 595 25.30 -14.17 -15.76
CA LEU B 595 24.39 -14.16 -14.62
C LEU B 595 22.96 -13.87 -15.07
N GLU B 596 22.01 -14.72 -14.60
CA GLU B 596 20.56 -14.49 -14.74
C GLU B 596 19.95 -14.34 -13.37
N VAL B 597 18.87 -13.55 -13.32
CA VAL B 597 18.14 -13.33 -12.07
C VAL B 597 16.75 -13.84 -12.28
N GLU B 598 16.34 -14.75 -11.40
CA GLU B 598 14.99 -15.23 -11.34
C GLU B 598 14.07 -14.18 -10.71
N GLY B 599 13.01 -13.83 -11.43
CA GLY B 599 11.98 -12.92 -10.88
C GLY B 599 11.02 -12.51 -11.97
N GLN B 600 10.15 -11.53 -11.67
CA GLN B 600 9.00 -11.16 -12.50
C GLN B 600 9.35 -9.92 -13.28
N ARG B 601 9.35 -10.02 -14.59
CA ARG B 601 9.94 -8.94 -15.37
C ARG B 601 8.95 -7.81 -15.60
N PRO C 3 17.04 3.30 18.42
CA PRO C 3 16.62 2.55 17.17
C PRO C 3 17.26 1.19 17.23
N LEU C 4 16.52 0.24 17.73
CA LEU C 4 17.09 -1.03 18.21
C LEU C 4 16.31 -2.19 17.57
N TYR C 5 17.02 -3.14 16.97
CA TYR C 5 16.45 -4.44 16.59
C TYR C 5 17.55 -5.50 16.74
N THR C 6 17.32 -6.51 17.56
CA THR C 6 18.33 -7.59 17.75
C THR C 6 17.57 -8.91 17.83
N GLU C 7 18.19 -10.05 17.44
CA GLU C 7 17.58 -11.36 17.51
C GLU C 7 18.54 -12.35 18.06
N GLN C 8 18.02 -13.45 18.62
CA GLN C 8 18.91 -14.53 18.97
C GLN C 8 18.03 -15.78 18.94
N ASP C 9 18.55 -16.88 18.43
CA ASP C 9 17.75 -18.12 18.44
C ASP C 9 17.66 -18.74 19.82
N LEU C 10 16.47 -19.22 20.22
CA LEU C 10 16.28 -19.83 21.55
C LEU C 10 16.20 -21.37 21.43
N ALA C 11 15.82 -21.84 20.24
CA ALA C 11 15.70 -23.27 19.99
C ALA C 11 16.05 -23.48 18.49
N VAL C 12 16.95 -24.41 18.20
CA VAL C 12 17.32 -24.78 16.82
C VAL C 12 17.00 -26.25 16.63
N ASN C 13 16.18 -26.57 15.64
CA ASN C 13 15.86 -27.97 15.38
C ASN C 13 17.12 -28.88 15.41
N GLY C 14 17.01 -30.00 16.13
CA GLY C 14 18.07 -30.95 16.18
C GLY C 14 18.97 -30.75 17.40
N ARG C 15 18.92 -29.57 18.05
CA ARG C 15 19.83 -29.22 19.19
C ARG C 15 18.98 -29.31 20.44
N GLU C 16 19.55 -29.88 21.49
CA GLU C 16 18.93 -29.89 22.86
C GLU C 16 17.73 -30.85 23.00
N GLY C 17 17.70 -31.88 22.17
CA GLY C 17 16.85 -33.03 22.52
C GLY C 17 15.66 -33.23 21.61
N PHE C 18 15.36 -32.26 20.73
CA PHE C 18 14.23 -32.43 19.76
C PHE C 18 14.66 -32.18 18.31
N PRO C 19 14.16 -32.99 17.34
CA PRO C 19 14.49 -32.75 15.92
C PRO C 19 13.75 -31.55 15.39
N ASN C 20 12.74 -31.07 16.15
CA ASN C 20 11.89 -30.00 15.64
C ASN C 20 11.26 -29.19 16.75
N TYR C 21 11.23 -27.87 16.57
CA TYR C 21 10.63 -26.95 17.52
C TYR C 21 9.73 -26.00 16.79
N ARG C 22 8.56 -25.73 17.37
CA ARG C 22 7.61 -24.86 16.70
C ARG C 22 6.63 -24.32 17.71
N ILE C 23 5.95 -23.24 17.36
CA ILE C 23 4.75 -22.72 18.07
C ILE C 23 5.08 -21.89 19.31
N PRO C 24 5.41 -20.59 19.07
CA PRO C 24 5.90 -19.69 20.12
C PRO C 24 4.81 -19.05 21.03
N ALA C 25 5.20 -18.89 22.31
CA ALA C 25 4.43 -18.17 23.31
C ALA C 25 5.43 -17.40 24.15
N LEU C 26 5.08 -16.14 24.43
CA LEU C 26 6.04 -15.19 25.03
C LEU C 26 5.21 -14.31 26.05
N THR C 27 5.79 -14.06 27.20
CA THR C 27 5.15 -13.27 28.25
C THR C 27 6.21 -12.75 29.19
N VAL C 28 5.82 -11.76 30.00
CA VAL C 28 6.63 -11.16 31.06
C VAL C 28 5.95 -11.54 32.39
N THR C 29 6.71 -12.08 33.34
CA THR C 29 6.18 -12.37 34.66
C THR C 29 6.00 -11.08 35.48
N PRO C 30 5.19 -11.18 36.55
CA PRO C 30 4.98 -10.03 37.42
C PRO C 30 6.28 -9.49 37.95
N ASP C 31 7.28 -10.34 38.21
CA ASP C 31 8.58 -9.85 38.69
C ASP C 31 9.53 -9.33 37.56
N GLY C 32 9.11 -9.38 36.30
CA GLY C 32 9.95 -8.85 35.21
C GLY C 32 10.65 -9.87 34.35
N ASP C 33 10.59 -11.16 34.71
CA ASP C 33 11.25 -12.19 33.92
C ASP C 33 10.56 -12.34 32.58
N LEU C 34 11.31 -12.69 31.52
CA LEU C 34 10.69 -13.12 30.28
C LEU C 34 10.60 -14.65 30.22
N LEU C 35 9.48 -15.14 29.69
CA LEU C 35 9.23 -16.57 29.51
C LEU C 35 8.88 -16.79 28.07
N ALA C 36 9.63 -17.68 27.45
CA ALA C 36 9.40 -18.13 26.05
C ALA C 36 8.94 -19.58 26.10
N SER C 37 7.85 -20.00 25.43
CA SER C 37 7.41 -21.38 25.55
C SER C 37 7.13 -21.79 24.12
N TYR C 38 7.30 -23.06 23.84
CA TYR C 38 7.19 -23.56 22.47
C TYR C 38 7.10 -25.09 22.58
N ASP C 39 6.68 -25.75 21.50
CA ASP C 39 6.70 -27.23 21.41
C ASP C 39 8.11 -27.81 21.13
N GLY C 40 8.46 -28.92 21.79
CA GLY C 40 9.49 -29.82 21.27
C GLY C 40 8.70 -30.98 20.64
N ARG C 41 9.04 -31.32 19.41
CA ARG C 41 8.22 -32.27 18.58
C ARG C 41 9.07 -33.46 18.15
N PRO C 42 9.04 -34.57 18.90
CA PRO C 42 9.86 -35.75 18.62
C PRO C 42 9.71 -36.28 17.23
N THR C 43 8.55 -36.11 16.61
CA THR C 43 8.30 -36.68 15.28
C THR C 43 7.87 -35.54 14.33
N GLY C 44 8.15 -34.29 14.71
CA GLY C 44 8.02 -33.13 13.80
C GLY C 44 6.63 -32.78 13.34
N ILE C 45 5.60 -33.08 14.14
CA ILE C 45 4.25 -32.83 13.64
C ILE C 45 3.37 -32.14 14.72
N ASP C 46 2.22 -31.58 14.29
CA ASP C 46 1.22 -31.07 15.20
C ASP C 46 0.59 -32.22 16.02
N ALA C 47 -0.25 -31.89 16.99
CA ALA C 47 -1.09 -32.93 17.66
C ALA C 47 -1.76 -33.82 16.55
N PRO C 48 -1.74 -35.16 16.71
CA PRO C 48 -1.38 -35.91 17.90
C PRO C 48 0.10 -36.43 17.98
N GLY C 49 1.06 -35.74 17.35
CA GLY C 49 2.46 -35.98 17.68
C GLY C 49 2.68 -35.91 19.20
N PRO C 50 3.60 -36.75 19.75
CA PRO C 50 3.84 -36.87 21.21
C PRO C 50 4.64 -35.70 21.73
N ASN C 51 4.09 -34.50 21.61
CA ASN C 51 4.82 -33.25 21.83
C ASN C 51 4.97 -32.92 23.30
N SER C 52 5.90 -32.00 23.58
CA SER C 52 6.12 -31.51 24.95
C SER C 52 6.03 -29.97 24.90
N ILE C 53 5.61 -29.35 26.01
CA ILE C 53 5.63 -27.88 26.10
C ILE C 53 6.88 -27.57 26.88
N LEU C 54 7.70 -26.65 26.36
CA LEU C 54 9.06 -26.41 26.87
C LEU C 54 9.06 -24.93 27.25
N GLN C 55 10.02 -24.49 28.04
CA GLN C 55 10.06 -23.07 28.44
C GLN C 55 11.54 -22.64 28.67
N ARG C 56 11.86 -21.39 28.34
CA ARG C 56 13.12 -20.80 28.76
C ARG C 56 12.80 -19.46 29.45
N ARG C 57 13.61 -19.10 30.44
CA ARG C 57 13.47 -17.88 31.21
C ARG C 57 14.66 -16.96 30.99
N SER C 58 14.33 -15.68 30.82
CA SER C 58 15.34 -14.62 30.85
C SER C 58 15.04 -13.77 32.06
N THR C 59 16.02 -13.61 32.93
CA THR C 59 15.89 -12.72 34.07
C THR C 59 16.65 -11.39 33.89
N ASP C 60 17.14 -11.06 32.69
CA ASP C 60 17.84 -9.80 32.48
C ASP C 60 17.27 -9.02 31.29
N GLY C 61 15.97 -9.16 31.08
CA GLY C 61 15.27 -8.32 30.11
C GLY C 61 15.36 -8.89 28.72
N GLY C 62 15.73 -10.17 28.62
CA GLY C 62 15.81 -10.77 27.29
C GLY C 62 17.21 -10.94 26.70
N ARG C 63 18.24 -10.52 27.44
CA ARG C 63 19.66 -10.57 26.98
C ARG C 63 20.20 -12.01 26.97
N THR C 64 20.02 -12.72 28.07
CA THR C 64 20.44 -14.11 28.16
C THR C 64 19.29 -14.98 28.62
N TRP C 65 19.39 -16.28 28.35
CA TRP C 65 18.27 -17.20 28.55
C TRP C 65 18.80 -18.41 29.23
N GLY C 66 18.04 -18.97 30.20
CA GLY C 66 18.43 -20.19 30.94
C GLY C 66 18.11 -21.49 30.17
N GLU C 67 18.14 -22.60 30.91
CA GLU C 67 17.89 -23.92 30.36
C GLU C 67 16.50 -24.11 29.81
N GLN C 68 16.44 -24.89 28.74
CA GLN C 68 15.16 -25.32 28.21
C GLN C 68 14.59 -26.36 29.20
N GLN C 69 13.42 -26.04 29.80
CA GLN C 69 12.76 -26.91 30.77
C GLN C 69 11.43 -27.39 30.19
N VAL C 70 10.90 -28.46 30.75
CA VAL C 70 9.70 -29.08 30.23
C VAL C 70 8.53 -28.57 31.09
N VAL C 71 7.54 -27.93 30.48
CA VAL C 71 6.32 -27.58 31.22
C VAL C 71 5.36 -28.78 31.30
N SER C 72 5.21 -29.46 30.17
CA SER C 72 4.29 -30.59 30.04
C SER C 72 4.97 -31.59 29.16
N ALA C 73 5.24 -32.78 29.71
CA ALA C 73 6.04 -33.81 29.08
C ALA C 73 5.22 -34.78 28.25
N GLY C 74 5.49 -34.78 26.94
CA GLY C 74 4.89 -35.78 26.04
C GLY C 74 5.39 -37.20 26.32
N GLN C 75 4.63 -38.19 25.85
CA GLN C 75 4.96 -39.61 26.04
C GLN C 75 5.04 -40.28 24.69
N THR C 76 6.25 -40.64 24.26
CA THR C 76 6.48 -41.18 22.92
C THR C 76 6.20 -42.73 22.82
N THR C 77 6.16 -43.42 23.94
CA THR C 77 5.83 -44.84 23.99
C THR C 77 4.32 -45.04 24.24
N ALA C 78 3.75 -46.12 23.68
CA ALA C 78 2.33 -46.34 23.86
C ALA C 78 2.08 -46.57 25.36
N PRO C 79 0.97 -46.03 25.92
CA PRO C 79 -0.04 -45.13 25.33
C PRO C 79 0.49 -43.68 25.16
N ILE C 80 0.43 -43.18 23.94
CA ILE C 80 0.99 -41.89 23.58
C ILE C 80 0.24 -40.71 24.21
N LYS C 81 1.01 -39.67 24.61
CA LYS C 81 0.40 -38.42 25.06
C LYS C 81 1.16 -37.26 24.42
N GLY C 82 0.42 -36.22 24.05
CA GLY C 82 1.06 -35.02 23.56
C GLY C 82 0.51 -33.77 24.17
N PHE C 83 1.38 -32.76 24.33
CA PHE C 83 1.03 -31.43 24.82
C PHE C 83 1.60 -30.42 23.80
N SER C 84 0.77 -29.55 23.24
CA SER C 84 1.15 -28.86 22.02
C SER C 84 0.46 -27.49 21.93
N ASP C 85 1.10 -26.48 21.34
CA ASP C 85 0.51 -25.16 21.08
C ASP C 85 0.25 -24.33 22.33
N PRO C 86 1.31 -23.77 22.97
CA PRO C 86 1.18 -23.05 24.23
C PRO C 86 0.65 -21.62 24.04
N SER C 87 -0.13 -21.14 25.00
CA SER C 87 -0.46 -19.74 25.09
C SER C 87 -0.25 -19.41 26.55
N TYR C 88 0.61 -18.44 26.82
CA TYR C 88 0.71 -17.84 28.18
C TYR C 88 -0.38 -16.81 28.46
N LEU C 89 -0.73 -16.69 29.75
CA LEU C 89 -1.66 -15.68 30.23
C LEU C 89 -1.28 -15.34 31.68
N VAL C 90 -0.98 -14.07 31.93
CA VAL C 90 -0.52 -13.65 33.24
C VAL C 90 -1.69 -12.91 33.88
N ASP C 91 -2.11 -13.35 35.08
CA ASP C 91 -3.03 -12.59 35.88
C ASP C 91 -2.18 -11.60 36.63
N ARG C 92 -2.25 -10.34 36.20
CA ARG C 92 -1.41 -9.29 36.76
C ARG C 92 -1.92 -8.82 38.15
N GLU C 93 -3.08 -9.31 38.59
CA GLU C 93 -3.62 -8.90 39.85
C GLU C 93 -3.25 -9.85 40.98
N THR C 94 -3.25 -11.16 40.72
CA THR C 94 -2.86 -12.15 41.73
C THR C 94 -1.43 -12.64 41.55
N GLY C 95 -0.84 -12.46 40.37
CA GLY C 95 0.54 -12.93 40.13
C GLY C 95 0.68 -14.31 39.46
N THR C 96 -0.46 -14.93 39.14
CA THR C 96 -0.55 -16.32 38.66
C THR C 96 -0.29 -16.34 37.16
N ILE C 97 0.30 -17.42 36.66
CA ILE C 97 0.64 -17.49 35.22
C ILE C 97 0.04 -18.79 34.75
N PHE C 98 -0.58 -18.73 33.58
CA PHE C 98 -1.20 -19.91 32.97
C PHE C 98 -0.46 -20.19 31.66
N ASN C 99 -0.34 -21.49 31.35
CA ASN C 99 0.06 -21.92 30.02
C ASN C 99 -0.96 -22.93 29.50
N PHE C 100 -1.76 -22.48 28.52
CA PHE C 100 -2.86 -23.23 27.90
C PHE C 100 -2.21 -24.04 26.77
N HIS C 101 -2.68 -25.24 26.51
CA HIS C 101 -2.10 -26.11 25.44
C HIS C 101 -3.03 -27.31 25.27
N VAL C 102 -2.92 -28.04 24.16
CA VAL C 102 -3.75 -29.18 23.92
C VAL C 102 -3.22 -30.35 24.75
N TYR C 103 -4.09 -31.31 25.04
CA TYR C 103 -3.62 -32.60 25.52
C TYR C 103 -4.20 -33.58 24.52
N SER C 104 -3.33 -34.19 23.70
CA SER C 104 -3.73 -35.13 22.75
C SER C 104 -3.37 -36.57 23.19
N GLN C 105 -4.11 -37.52 22.63
CA GLN C 105 -3.75 -38.93 22.77
C GLN C 105 -3.71 -39.54 21.35
N ARG C 106 -4.87 -40.01 20.87
CA ARG C 106 -5.01 -40.60 19.51
C ARG C 106 -5.34 -39.59 18.43
N GLN C 107 -5.97 -38.49 18.81
CA GLN C 107 -6.48 -37.55 17.81
C GLN C 107 -5.94 -36.12 18.00
N GLY C 108 -5.77 -35.45 16.85
CA GLY C 108 -5.54 -34.02 16.80
C GLY C 108 -6.80 -33.25 16.62
N PHE C 109 -6.64 -32.04 16.11
CA PHE C 109 -7.73 -31.10 15.96
C PHE C 109 -8.79 -31.58 14.98
N ALA C 110 -8.38 -32.03 13.78
CA ALA C 110 -9.33 -32.52 12.76
C ALA C 110 -10.01 -33.82 13.20
N GLY C 111 -9.29 -34.66 13.94
CA GLY C 111 -9.80 -35.98 14.32
C GLY C 111 -10.61 -36.10 15.61
N SER C 112 -10.56 -35.09 16.49
CA SER C 112 -11.22 -35.12 17.81
C SER C 112 -12.71 -35.40 17.72
N ARG C 113 -13.23 -36.19 18.69
CA ARG C 113 -14.62 -36.59 18.69
C ARG C 113 -15.37 -35.93 19.85
N PRO C 114 -16.73 -35.85 19.74
CA PRO C 114 -17.48 -35.29 20.83
C PRO C 114 -17.20 -36.03 22.14
N GLY C 115 -17.23 -35.29 23.23
CA GLY C 115 -16.98 -35.87 24.56
C GLY C 115 -16.16 -34.87 25.34
N THR C 116 -16.20 -34.95 26.67
CA THR C 116 -15.36 -34.07 27.46
C THR C 116 -14.65 -34.80 28.61
N ASP C 117 -14.78 -36.13 28.69
CA ASP C 117 -14.17 -36.83 29.82
C ASP C 117 -12.65 -36.81 29.71
N PRO C 118 -11.94 -36.33 30.78
CA PRO C 118 -10.48 -36.14 30.78
C PRO C 118 -9.63 -37.31 30.25
N ALA C 119 -10.06 -38.57 30.40
CA ALA C 119 -9.31 -39.76 30.02
C ALA C 119 -9.62 -40.20 28.60
N ASP C 120 -10.65 -39.67 27.98
CA ASP C 120 -11.06 -40.13 26.64
C ASP C 120 -9.88 -40.02 25.55
N PRO C 121 -9.38 -41.19 25.05
CA PRO C 121 -8.18 -41.08 24.21
C PRO C 121 -8.51 -40.47 22.82
N ASN C 122 -9.80 -40.31 22.50
CA ASN C 122 -10.19 -39.75 21.19
C ASN C 122 -10.71 -38.29 21.20
N VAL C 123 -10.55 -37.60 22.33
CA VAL C 123 -10.81 -36.18 22.46
C VAL C 123 -9.50 -35.37 22.48
N LEU C 124 -9.48 -34.25 21.76
CA LEU C 124 -8.40 -33.29 21.90
C LEU C 124 -8.78 -32.38 23.07
N HIS C 125 -8.08 -32.54 24.19
CA HIS C 125 -8.46 -31.86 25.39
C HIS C 125 -7.82 -30.50 25.37
N ALA C 126 -8.48 -29.62 26.11
CA ALA C 126 -7.99 -28.31 26.51
C ALA C 126 -7.33 -28.42 27.87
N ASN C 127 -6.00 -28.30 27.94
CA ASN C 127 -5.31 -28.30 29.19
C ASN C 127 -4.82 -26.92 29.57
N VAL C 128 -4.55 -26.71 30.83
CA VAL C 128 -3.88 -25.49 31.20
C VAL C 128 -2.97 -25.86 32.35
N ALA C 129 -1.76 -25.31 32.33
CA ALA C 129 -0.78 -25.48 33.37
C ALA C 129 -0.81 -24.18 34.14
N THR C 130 -0.83 -24.27 35.47
CA THR C 130 -0.92 -23.09 36.36
C THR C 130 0.33 -22.99 37.20
N SER C 131 0.90 -21.79 37.26
CA SER C 131 2.05 -21.59 38.14
C SER C 131 1.83 -20.42 39.10
N THR C 132 2.07 -20.67 40.38
CA THR C 132 2.01 -19.57 41.36
C THR C 132 3.37 -19.09 41.81
N ASP C 133 4.45 -19.59 41.20
CA ASP C 133 5.77 -19.15 41.61
C ASP C 133 6.56 -18.52 40.48
N GLY C 134 5.90 -17.84 39.56
CA GLY C 134 6.62 -17.10 38.52
C GLY C 134 6.99 -18.00 37.34
N GLY C 135 6.31 -19.13 37.22
CA GLY C 135 6.65 -20.05 36.14
C GLY C 135 7.74 -21.06 36.44
N LEU C 136 8.17 -21.13 37.69
CA LEU C 136 9.15 -22.14 38.14
C LEU C 136 8.59 -23.58 38.16
N THR C 137 7.45 -23.80 38.79
CA THR C 137 6.78 -25.11 38.79
C THR C 137 5.31 -24.95 38.33
N TRP C 138 4.72 -26.05 37.87
CA TRP C 138 3.43 -25.99 37.19
C TRP C 138 2.58 -27.08 37.76
N SER C 139 1.33 -26.77 38.10
CA SER C 139 0.28 -27.82 38.19
C SER C 139 -0.58 -27.88 36.90
N HIS C 140 -1.25 -29.00 36.65
CA HIS C 140 -1.94 -29.26 35.35
C HIS C 140 -3.38 -29.69 35.56
N ARG C 141 -4.27 -29.21 34.68
CA ARG C 141 -5.69 -29.66 34.68
C ARG C 141 -6.24 -29.63 33.28
N THR C 142 -7.34 -30.35 33.08
CA THR C 142 -8.09 -30.36 31.84
C THR C 142 -9.36 -29.59 32.10
N ILE C 143 -9.63 -28.57 31.29
CA ILE C 143 -10.84 -27.76 31.52
C ILE C 143 -11.88 -27.95 30.40
N THR C 144 -11.69 -28.96 29.57
CA THR C 144 -12.60 -29.21 28.43
C THR C 144 -14.13 -29.19 28.76
N ALA C 145 -14.54 -29.93 29.78
CA ALA C 145 -15.94 -29.90 30.20
C ALA C 145 -16.38 -28.49 30.53
N ASP C 146 -15.53 -27.71 31.20
CA ASP C 146 -15.84 -26.35 31.63
C ASP C 146 -16.11 -25.40 30.47
N ILE C 147 -15.52 -25.70 29.31
CA ILE C 147 -15.51 -24.80 28.17
C ILE C 147 -16.25 -25.40 26.96
N THR C 148 -16.98 -26.46 27.18
CA THR C 148 -17.78 -27.09 26.11
C THR C 148 -19.30 -27.06 26.49
N PRO C 149 -19.96 -25.85 26.42
CA PRO C 149 -21.37 -25.74 26.77
C PRO C 149 -22.28 -26.39 25.73
N ASP C 150 -21.78 -26.47 24.49
CA ASP C 150 -22.56 -27.06 23.39
C ASP C 150 -21.95 -28.43 23.10
N PRO C 151 -22.72 -29.50 23.21
CA PRO C 151 -22.03 -30.83 23.05
C PRO C 151 -21.64 -31.17 21.59
N GLY C 152 -22.09 -30.36 20.63
CA GLY C 152 -21.68 -30.49 19.23
C GLY C 152 -20.31 -29.92 18.93
N TRP C 153 -19.73 -29.18 19.88
CA TRP C 153 -18.36 -28.73 19.76
C TRP C 153 -17.46 -29.94 20.03
N ARG C 154 -16.98 -30.57 18.96
CA ARG C 154 -16.24 -31.82 19.12
C ARG C 154 -14.72 -31.71 19.16
N SER C 155 -14.18 -30.51 18.99
CA SER C 155 -12.76 -30.28 18.97
C SER C 155 -12.51 -28.83 19.42
N ARG C 156 -11.37 -28.55 20.07
CA ARG C 156 -10.95 -27.12 20.32
C ARG C 156 -9.44 -27.09 20.51
N PHE C 157 -8.80 -25.95 20.24
CA PHE C 157 -7.46 -25.69 20.78
C PHE C 157 -7.33 -24.18 21.03
N ALA C 158 -6.64 -23.83 22.12
CA ALA C 158 -6.29 -22.46 22.39
C ALA C 158 -5.32 -21.95 21.33
N ALA C 159 -5.56 -20.73 20.86
CA ALA C 159 -4.65 -20.08 19.94
C ALA C 159 -3.35 -19.81 20.62
N SER C 160 -2.26 -20.34 20.04
CA SER C 160 -0.94 -20.22 20.65
C SER C 160 -0.49 -18.78 20.58
N GLY C 161 0.26 -18.37 21.59
CA GLY C 161 0.77 -17.01 21.68
C GLY C 161 0.60 -16.50 23.11
N GLU C 162 -0.27 -15.50 23.30
CA GLU C 162 -0.43 -14.87 24.62
C GLU C 162 -1.84 -14.25 24.80
N GLY C 163 -2.56 -14.67 25.87
CA GLY C 163 -3.85 -14.06 26.18
C GLY C 163 -3.72 -12.76 26.97
N ILE C 164 -4.87 -12.21 27.41
CA ILE C 164 -4.93 -10.92 28.06
C ILE C 164 -5.74 -10.96 29.36
N GLN C 165 -5.51 -9.93 30.18
CA GLN C 165 -6.34 -9.61 31.30
C GLN C 165 -6.93 -8.23 31.03
N LEU C 166 -8.24 -8.07 31.17
CA LEU C 166 -8.89 -6.75 31.04
C LEU C 166 -8.47 -5.79 32.15
N ARG C 167 -8.28 -4.53 31.75
CA ARG C 167 -7.94 -3.42 32.66
C ARG C 167 -9.10 -2.47 32.90
N TYR C 168 -10.08 -2.41 31.99
CA TYR C 168 -11.17 -1.41 32.04
C TYR C 168 -12.58 -1.99 32.26
N GLY C 169 -13.48 -1.11 32.73
CA GLY C 169 -14.90 -1.39 32.86
C GLY C 169 -15.28 -2.38 33.94
N PRO C 170 -16.45 -3.02 33.80
CA PRO C 170 -17.05 -3.85 34.85
C PRO C 170 -16.41 -5.24 34.91
N HIS C 171 -15.63 -5.60 33.89
CA HIS C 171 -14.95 -6.89 33.90
C HIS C 171 -13.45 -6.75 34.12
N ALA C 172 -12.99 -5.54 34.43
CA ALA C 172 -11.63 -5.34 34.79
C ALA C 172 -11.12 -6.50 35.65
N GLY C 173 -10.01 -7.11 35.24
CA GLY C 173 -9.45 -8.26 35.92
C GLY C 173 -9.82 -9.61 35.32
N ARG C 174 -10.72 -9.63 34.34
CA ARG C 174 -11.05 -10.88 33.59
C ARG C 174 -9.87 -11.40 32.75
N LEU C 175 -9.63 -12.72 32.82
CA LEU C 175 -8.62 -13.42 31.97
C LEU C 175 -9.29 -13.96 30.68
N ILE C 176 -8.71 -13.66 29.51
CA ILE C 176 -9.29 -14.12 28.24
C ILE C 176 -8.25 -14.84 27.35
N GLN C 177 -8.55 -16.10 27.01
CA GLN C 177 -7.69 -16.88 26.15
C GLN C 177 -8.60 -17.24 25.00
N GLN C 178 -8.14 -17.03 23.78
CA GLN C 178 -8.92 -17.38 22.57
C GLN C 178 -8.79 -18.85 22.24
N TYR C 179 -9.88 -19.42 21.78
CA TYR C 179 -9.90 -20.77 21.19
C TYR C 179 -10.52 -20.80 19.80
N THR C 180 -10.16 -21.88 19.09
CA THR C 180 -10.85 -22.32 17.89
C THR C 180 -11.60 -23.62 18.24
N ILE C 181 -12.87 -23.70 17.82
CA ILE C 181 -13.64 -24.93 18.00
C ILE C 181 -14.11 -25.43 16.62
N ILE C 182 -14.46 -26.71 16.54
CA ILE C 182 -15.20 -27.27 15.38
C ILE C 182 -16.60 -27.61 15.91
N ASN C 183 -17.65 -26.99 15.35
CA ASN C 183 -19.04 -27.30 15.72
C ASN C 183 -19.64 -28.54 14.97
N ALA C 184 -20.92 -28.84 15.23
CA ALA C 184 -21.55 -30.09 14.71
C ALA C 184 -21.69 -30.05 13.18
N ALA C 185 -21.82 -28.84 12.62
CA ALA C 185 -21.89 -28.61 11.17
C ALA C 185 -20.52 -28.77 10.50
N GLY C 186 -19.44 -28.75 11.28
CA GLY C 186 -18.12 -28.89 10.70
C GLY C 186 -17.43 -27.55 10.50
N ALA C 187 -18.12 -26.46 10.88
CA ALA C 187 -17.53 -25.11 10.90
C ALA C 187 -16.43 -24.88 11.92
N PHE C 188 -15.46 -24.06 11.55
CA PHE C 188 -14.42 -23.63 12.50
C PHE C 188 -14.90 -22.29 13.05
N GLN C 189 -15.04 -22.17 14.37
CA GLN C 189 -15.56 -20.90 14.95
C GLN C 189 -14.51 -20.38 15.97
N ALA C 190 -14.50 -19.07 16.26
CA ALA C 190 -13.67 -18.49 17.30
C ALA C 190 -14.48 -18.45 18.57
N VAL C 191 -13.84 -18.64 19.70
CA VAL C 191 -14.56 -18.40 20.95
C VAL C 191 -13.59 -17.93 22.03
N SER C 192 -14.02 -16.99 22.85
CA SER C 192 -13.25 -16.57 23.99
C SER C 192 -13.53 -17.47 25.18
N VAL C 193 -12.47 -17.99 25.81
CA VAL C 193 -12.66 -18.69 27.07
C VAL C 193 -12.15 -17.77 28.20
N TYR C 194 -12.90 -17.64 29.28
CA TYR C 194 -12.53 -16.61 30.23
C TYR C 194 -12.82 -17.02 31.66
N SER C 195 -12.13 -16.35 32.56
CA SER C 195 -12.28 -16.54 33.99
C SER C 195 -12.51 -15.21 34.66
N ASP C 196 -13.55 -15.11 35.49
CA ASP C 196 -13.73 -13.95 36.36
C ASP C 196 -13.25 -14.21 37.81
N ASP C 197 -12.51 -15.31 38.01
CA ASP C 197 -12.12 -15.65 39.37
C ASP C 197 -10.60 -16.01 39.49
N HIS C 198 -9.81 -15.29 38.69
CA HIS C 198 -8.36 -15.37 38.68
C HIS C 198 -7.91 -16.77 38.35
N GLY C 199 -8.66 -17.41 37.44
CA GLY C 199 -8.26 -18.69 36.90
C GLY C 199 -8.77 -19.89 37.67
N ARG C 200 -9.53 -19.67 38.75
CA ARG C 200 -10.18 -20.77 39.48
C ARG C 200 -11.13 -21.56 38.58
N THR C 201 -12.00 -20.86 37.88
CA THR C 201 -12.87 -21.53 36.90
C THR C 201 -12.85 -20.78 35.56
N TRP C 202 -13.12 -21.54 34.48
CA TRP C 202 -13.04 -21.03 33.10
C TRP C 202 -14.35 -21.45 32.47
N ARG C 203 -14.84 -20.62 31.54
CA ARG C 203 -16.04 -20.93 30.77
C ARG C 203 -15.83 -20.38 29.38
N ALA C 204 -16.55 -20.96 28.42
CA ALA C 204 -16.54 -20.46 27.07
C ALA C 204 -17.65 -19.37 26.90
N GLY C 205 -17.37 -18.30 26.17
CA GLY C 205 -18.41 -17.35 25.79
C GLY C 205 -19.22 -17.89 24.59
N GLU C 206 -19.80 -16.99 23.79
CA GLU C 206 -20.53 -17.41 22.58
C GLU C 206 -19.61 -17.50 21.37
N ALA C 207 -19.76 -18.56 20.58
CA ALA C 207 -18.92 -18.78 19.38
C ALA C 207 -19.23 -17.70 18.39
N VAL C 208 -18.27 -17.34 17.55
CA VAL C 208 -18.52 -16.36 16.50
C VAL C 208 -17.86 -16.77 15.19
N GLY C 209 -18.57 -16.59 14.10
CA GLY C 209 -18.06 -16.76 12.74
C GLY C 209 -18.03 -18.15 12.11
N VAL C 210 -17.66 -18.16 10.82
CA VAL C 210 -17.34 -19.39 10.13
C VAL C 210 -16.04 -19.13 9.36
N GLY C 211 -15.42 -20.20 8.85
CA GLY C 211 -14.07 -20.06 8.29
C GLY C 211 -13.07 -19.40 9.25
N MET C 212 -13.29 -19.61 10.57
CA MET C 212 -12.39 -19.07 11.61
C MET C 212 -11.17 -19.97 11.86
N ASP C 213 -10.26 -19.51 12.75
CA ASP C 213 -9.08 -20.28 13.12
C ASP C 213 -8.43 -19.59 14.29
N GLU C 214 -7.11 -19.79 14.44
CA GLU C 214 -6.31 -19.21 15.51
C GLU C 214 -6.57 -17.74 15.47
N ASN C 215 -6.91 -17.17 16.63
CA ASN C 215 -7.44 -15.84 16.70
C ASN C 215 -6.96 -15.26 18.01
N LYS C 216 -6.83 -13.94 18.03
CA LYS C 216 -6.24 -13.22 19.17
C LYS C 216 -7.14 -12.05 19.58
N THR C 217 -7.18 -11.70 20.87
CA THR C 217 -7.96 -10.55 21.32
C THR C 217 -7.10 -9.49 22.00
N VAL C 218 -7.61 -8.27 22.00
CA VAL C 218 -6.85 -7.12 22.52
C VAL C 218 -7.91 -6.17 23.06
N GLU C 219 -7.65 -5.54 24.23
CA GLU C 219 -8.62 -4.60 24.83
C GLU C 219 -8.36 -3.20 24.27
N LEU C 220 -9.40 -2.56 23.72
CA LEU C 220 -9.23 -1.22 23.08
C LEU C 220 -9.27 -0.08 24.09
N SER C 221 -9.04 1.13 23.63
CA SER C 221 -8.97 2.34 24.51
C SER C 221 -10.27 2.61 25.24
N ASP C 222 -11.36 2.19 24.64
CA ASP C 222 -12.67 2.33 25.27
C ASP C 222 -13.17 1.03 25.92
N GLY C 223 -12.32 0.01 26.02
CA GLY C 223 -12.62 -1.25 26.74
C GLY C 223 -13.34 -2.37 25.98
N ARG C 224 -13.71 -2.07 24.72
CA ARG C 224 -14.16 -3.11 23.75
C ARG C 224 -13.03 -4.13 23.49
N VAL C 225 -13.39 -5.37 23.18
CA VAL C 225 -12.40 -6.36 22.90
C VAL C 225 -12.40 -6.60 21.40
N LEU C 226 -11.24 -6.45 20.77
CA LEU C 226 -11.13 -6.63 19.34
C LEU C 226 -10.59 -8.04 19.08
N LEU C 227 -11.25 -8.78 18.20
CA LEU C 227 -10.76 -10.11 17.83
C LEU C 227 -10.16 -10.06 16.43
N ASN C 228 -8.98 -10.65 16.25
CA ASN C 228 -8.26 -10.68 14.95
C ASN C 228 -7.91 -12.13 14.63
N SER C 229 -8.51 -12.68 13.59
CA SER C 229 -8.43 -14.14 13.33
C SER C 229 -7.69 -14.47 12.01
N ARG C 230 -7.00 -15.61 12.02
CA ARG C 230 -6.58 -16.37 10.86
C ARG C 230 -7.83 -16.85 10.13
N ASP C 231 -7.78 -16.80 8.80
CA ASP C 231 -8.97 -17.12 7.97
C ASP C 231 -8.78 -18.53 7.41
N SER C 232 -9.47 -19.52 7.96
CA SER C 232 -9.37 -20.89 7.40
C SER C 232 -10.06 -21.04 6.00
N ALA C 233 -10.86 -20.03 5.60
CA ALA C 233 -11.38 -19.93 4.26
C ALA C 233 -10.41 -19.24 3.26
N ARG C 234 -9.25 -18.81 3.72
CA ARG C 234 -8.11 -18.41 2.83
C ARG C 234 -8.32 -17.21 1.90
N SER C 235 -8.88 -16.13 2.46
CA SER C 235 -9.07 -14.88 1.73
C SER C 235 -7.75 -14.22 1.38
N GLY C 236 -6.67 -14.57 2.12
CA GLY C 236 -5.43 -13.86 2.05
C GLY C 236 -5.45 -12.60 2.94
N TYR C 237 -6.34 -12.59 3.93
CA TYR C 237 -6.41 -11.48 4.93
C TYR C 237 -6.77 -12.03 6.25
N ARG C 238 -6.59 -11.18 7.27
CA ARG C 238 -7.11 -11.39 8.60
C ARG C 238 -8.60 -11.09 8.70
N LYS C 239 -9.29 -11.84 9.57
CA LYS C 239 -10.71 -11.60 9.87
C LYS C 239 -10.81 -10.82 11.17
N VAL C 240 -11.83 -9.95 11.29
CA VAL C 240 -11.94 -9.14 12.52
C VAL C 240 -13.42 -9.05 13.01
N ALA C 241 -13.57 -8.89 14.32
CA ALA C 241 -14.88 -8.76 14.98
C ALA C 241 -14.63 -8.00 16.27
N VAL C 242 -15.66 -7.39 16.81
CA VAL C 242 -15.49 -6.66 18.07
C VAL C 242 -16.60 -7.06 19.11
N SER C 243 -16.25 -7.04 20.40
CA SER C 243 -17.14 -7.33 21.55
C SER C 243 -17.30 -6.08 22.44
N THR C 244 -18.53 -5.74 22.74
CA THR C 244 -18.84 -4.71 23.72
C THR C 244 -19.14 -5.30 25.13
N ASP C 245 -18.96 -6.63 25.34
CA ASP C 245 -19.31 -7.24 26.62
C ASP C 245 -18.17 -8.01 27.30
N GLY C 246 -16.95 -7.47 27.16
CA GLY C 246 -15.76 -8.09 27.73
C GLY C 246 -15.37 -9.41 27.10
N GLY C 247 -15.74 -9.62 25.82
CA GLY C 247 -15.37 -10.84 25.10
C GLY C 247 -16.31 -12.05 25.26
N HIS C 248 -17.43 -11.90 25.96
CA HIS C 248 -18.45 -12.94 26.01
C HIS C 248 -19.09 -13.19 24.61
N SER C 249 -19.41 -12.13 23.87
CA SER C 249 -19.90 -12.28 22.49
C SER C 249 -19.35 -11.20 21.52
N TYR C 250 -19.41 -11.48 20.21
CA TYR C 250 -18.79 -10.62 19.22
C TYR C 250 -19.79 -10.21 18.18
N GLY C 251 -19.62 -9.03 17.60
CA GLY C 251 -20.54 -8.66 16.51
C GLY C 251 -20.14 -9.46 15.25
N PRO C 252 -20.57 -8.99 14.06
CA PRO C 252 -20.19 -9.68 12.80
C PRO C 252 -18.69 -9.72 12.51
N VAL C 253 -18.27 -10.80 11.89
CA VAL C 253 -16.91 -10.96 11.42
C VAL C 253 -16.80 -10.39 10.00
N THR C 254 -15.76 -9.61 9.71
CA THR C 254 -15.55 -9.11 8.35
C THR C 254 -14.09 -9.30 7.98
N ILE C 255 -13.79 -9.16 6.70
CA ILE C 255 -12.40 -9.23 6.23
C ILE C 255 -11.67 -7.88 6.39
N ASP C 256 -10.47 -7.92 7.00
CA ASP C 256 -9.70 -6.69 7.17
C ASP C 256 -8.64 -6.54 6.06
N ARG C 257 -8.96 -5.78 5.02
CA ARG C 257 -8.08 -5.72 3.83
C ARG C 257 -6.79 -4.95 4.09
N ASP C 258 -6.64 -4.29 5.24
CA ASP C 258 -5.39 -3.60 5.53
C ASP C 258 -4.36 -4.63 5.99
N LEU C 259 -4.80 -5.87 6.27
CA LEU C 259 -3.91 -6.87 6.85
C LEU C 259 -3.82 -8.14 5.99
N PRO C 260 -2.93 -8.16 4.96
CA PRO C 260 -2.78 -9.42 4.21
C PRO C 260 -2.14 -10.51 5.09
N ASP C 261 -2.50 -11.78 4.82
CA ASP C 261 -2.10 -12.93 5.60
C ASP C 261 -2.12 -14.18 4.72
N PRO C 262 -1.12 -15.09 4.85
CA PRO C 262 -1.13 -16.28 3.97
C PRO C 262 -1.86 -17.49 4.61
N THR C 263 -2.72 -17.20 5.61
CA THR C 263 -3.40 -18.22 6.42
C THR C 263 -2.43 -18.82 7.45
N ASN C 264 -2.22 -18.02 8.53
CA ASN C 264 -1.09 -18.21 9.42
C ASN C 264 -1.44 -17.57 10.76
N ASN C 265 -0.71 -17.89 11.83
CA ASN C 265 -1.02 -17.25 13.11
C ASN C 265 -0.40 -15.85 13.04
N ALA C 266 -0.71 -15.03 14.04
CA ALA C 266 -0.28 -13.63 14.10
C ALA C 266 -0.55 -13.23 15.53
N SER C 267 -0.21 -11.99 15.83
CA SER C 267 -0.43 -11.49 17.19
C SER C 267 -0.73 -10.00 17.15
N ILE C 268 -1.48 -9.54 18.16
CA ILE C 268 -1.96 -8.17 18.25
C ILE C 268 -1.91 -7.75 19.72
N ILE C 269 -1.25 -6.64 20.02
CA ILE C 269 -1.15 -6.20 21.40
C ILE C 269 -1.27 -4.70 21.52
N ARG C 270 -1.55 -4.23 22.73
CA ARG C 270 -1.45 -2.80 23.10
C ARG C 270 0.01 -2.34 23.22
N ALA C 271 0.36 -1.20 22.60
CA ALA C 271 1.74 -0.74 22.70
C ALA C 271 2.00 -0.25 24.11
N PHE C 272 0.94 0.29 24.72
CA PHE C 272 0.98 0.91 26.06
C PHE C 272 -0.09 0.33 26.98
N PRO C 273 0.21 -0.86 27.52
CA PRO C 273 -0.89 -1.57 28.15
C PRO C 273 -1.43 -0.89 29.43
N ASP C 274 -0.66 0.01 30.05
CA ASP C 274 -1.05 0.61 31.31
C ASP C 274 -1.75 1.96 31.09
N ALA C 275 -1.85 2.39 29.83
CA ALA C 275 -2.41 3.72 29.50
C ALA C 275 -3.90 3.82 29.91
N PRO C 276 -4.33 5.01 30.38
CA PRO C 276 -5.71 5.26 30.81
C PRO C 276 -6.73 5.11 29.68
N ALA C 277 -7.95 4.69 30.04
CA ALA C 277 -9.06 4.53 29.08
C ALA C 277 -9.23 5.84 28.30
N GLY C 278 -9.49 5.74 26.99
CA GLY C 278 -9.72 6.94 26.18
C GLY C 278 -8.52 7.84 25.86
N SER C 279 -7.32 7.49 26.31
CA SER C 279 -6.14 8.33 26.01
C SER C 279 -5.59 8.04 24.60
N ALA C 280 -4.82 8.97 24.05
CA ALA C 280 -4.15 8.76 22.77
C ALA C 280 -3.31 7.46 22.80
N ARG C 281 -2.54 7.24 23.87
CA ARG C 281 -1.62 6.10 23.95
C ARG C 281 -2.35 4.73 24.05
N ALA C 282 -3.50 4.70 24.76
CA ALA C 282 -4.38 3.54 24.85
C ALA C 282 -4.96 3.07 23.50
N LYS C 283 -4.93 3.93 22.48
CA LYS C 283 -5.40 3.57 21.13
C LYS C 283 -4.32 2.86 20.25
N VAL C 284 -3.09 2.79 20.73
CA VAL C 284 -1.98 2.32 19.90
C VAL C 284 -1.86 0.78 20.01
N LEU C 285 -1.90 0.11 18.85
CA LEU C 285 -1.79 -1.32 18.73
C LEU C 285 -0.56 -1.68 17.91
N LEU C 286 0.00 -2.84 18.20
CA LEU C 286 1.05 -3.46 17.32
C LEU C 286 0.55 -4.83 16.84
N PHE C 287 0.87 -5.17 15.60
CA PHE C 287 0.46 -6.41 15.02
C PHE C 287 1.70 -7.02 14.33
N SER C 288 1.94 -8.32 14.54
CA SER C 288 2.94 -9.08 13.76
C SER C 288 2.27 -10.22 12.99
N ASN C 289 2.69 -10.38 11.75
CA ASN C 289 2.30 -11.53 10.97
C ASN C 289 3.21 -11.68 9.76
N ALA C 290 2.94 -12.69 8.95
CA ALA C 290 3.52 -12.83 7.60
C ALA C 290 2.63 -12.08 6.61
N ALA C 291 3.17 -11.00 6.01
CA ALA C 291 2.46 -10.07 5.15
C ALA C 291 2.25 -10.56 3.71
N SER C 292 3.01 -11.56 3.29
CA SER C 292 2.80 -12.21 2.04
C SER C 292 1.47 -12.92 2.08
N GLN C 293 0.72 -12.92 0.96
CA GLN C 293 -0.55 -13.67 0.85
C GLN C 293 -0.32 -15.08 0.31
N THR C 294 0.90 -15.32 -0.18
CA THR C 294 1.27 -16.50 -0.96
C THR C 294 2.13 -17.49 -0.17
N SER C 295 2.94 -16.97 0.76
CA SER C 295 3.81 -17.84 1.56
C SER C 295 4.01 -17.27 2.98
N ARG C 296 4.49 -18.14 3.85
CA ARG C 296 4.81 -17.75 5.20
C ARG C 296 6.14 -17.05 5.14
N SER C 297 6.14 -15.76 4.75
CA SER C 297 7.36 -14.97 4.71
C SER C 297 6.99 -13.47 4.78
N GLN C 298 8.01 -12.61 4.75
CA GLN C 298 7.83 -11.16 4.88
C GLN C 298 7.21 -10.84 6.24
N GLY C 299 7.82 -11.34 7.34
CA GLY C 299 7.36 -10.95 8.66
C GLY C 299 7.40 -9.43 8.77
N THR C 300 6.28 -8.81 9.17
CA THR C 300 6.12 -7.36 9.24
C THR C 300 5.48 -6.98 10.59
N ILE C 301 5.97 -5.91 11.23
CA ILE C 301 5.30 -5.30 12.37
C ILE C 301 4.48 -4.14 11.80
N ARG C 302 3.20 -4.08 12.16
CA ARG C 302 2.33 -2.91 11.88
C ARG C 302 1.92 -2.15 13.18
N MET C 303 1.75 -0.83 13.08
CA MET C 303 1.24 -0.04 14.21
C MET C 303 0.02 0.73 13.77
N SER C 304 -0.97 0.78 14.68
CA SER C 304 -2.17 1.60 14.57
C SER C 304 -2.18 2.60 15.72
N CYS C 305 -2.63 3.83 15.45
CA CYS C 305 -2.79 4.86 16.51
C CYS C 305 -4.29 5.21 16.78
N ASP C 306 -5.18 4.39 16.23
CA ASP C 306 -6.63 4.60 16.33
C ASP C 306 -7.40 3.28 16.52
N ASP C 307 -6.97 2.47 17.47
CA ASP C 307 -7.75 1.32 17.92
C ASP C 307 -7.90 0.26 16.81
N GLY C 308 -6.98 0.24 15.86
CA GLY C 308 -7.02 -0.79 14.82
C GLY C 308 -7.89 -0.43 13.63
N GLN C 309 -8.27 0.83 13.55
CA GLN C 309 -8.98 1.33 12.39
C GLN C 309 -8.09 1.37 11.13
N THR C 310 -6.88 1.90 11.27
CA THR C 310 -6.04 2.02 10.12
C THR C 310 -4.69 1.64 10.66
N TRP C 311 -3.77 1.30 9.74
CA TRP C 311 -2.46 0.79 10.10
C TRP C 311 -1.48 1.53 9.23
N PRO C 312 -1.21 2.81 9.57
CA PRO C 312 -0.32 3.62 8.72
C PRO C 312 1.14 3.17 8.74
N VAL C 313 1.57 2.60 9.88
CA VAL C 313 2.95 2.24 10.08
C VAL C 313 3.25 0.74 9.83
N SER C 314 4.29 0.47 9.01
CA SER C 314 4.72 -0.93 8.87
C SER C 314 6.23 -1.05 8.64
N LYS C 315 6.82 -2.13 9.16
CA LYS C 315 8.22 -2.45 8.86
C LYS C 315 8.49 -3.93 8.82
N VAL C 316 9.26 -4.36 7.81
CA VAL C 316 9.62 -5.78 7.68
C VAL C 316 10.70 -6.14 8.72
N PHE C 317 10.43 -7.14 9.54
CA PHE C 317 11.48 -7.67 10.44
C PHE C 317 12.17 -8.89 9.86
N GLN C 318 11.52 -9.60 8.93
CA GLN C 318 12.13 -10.83 8.41
C GLN C 318 11.68 -11.03 6.97
N PRO C 319 12.52 -10.59 6.03
CA PRO C 319 12.19 -10.72 4.63
C PRO C 319 11.98 -12.15 4.18
N GLY C 320 12.70 -13.11 4.78
CA GLY C 320 12.58 -14.52 4.34
C GLY C 320 11.45 -15.28 5.05
N SER C 321 11.67 -16.57 5.29
CA SER C 321 10.69 -17.45 5.95
C SER C 321 10.29 -16.95 7.36
N MET C 322 8.99 -16.82 7.57
CA MET C 322 8.44 -16.39 8.83
C MET C 322 7.02 -16.94 9.03
N SER C 323 6.86 -17.87 9.99
CA SER C 323 5.56 -18.49 10.21
C SER C 323 4.89 -17.87 11.43
N PHE C 324 4.90 -18.53 12.60
CA PHE C 324 4.17 -18.00 13.80
C PHE C 324 5.03 -16.94 14.48
N SER C 325 4.37 -15.89 14.98
CA SER C 325 5.04 -14.81 15.73
C SER C 325 4.12 -14.38 16.86
N THR C 326 4.70 -13.92 17.96
CA THR C 326 3.93 -13.38 19.06
C THR C 326 4.70 -12.24 19.75
N LEU C 327 3.97 -11.13 19.98
CA LEU C 327 4.46 -9.89 20.58
C LEU C 327 4.20 -9.79 22.01
N THR C 328 5.07 -9.10 22.74
CA THR C 328 4.68 -8.76 24.11
C THR C 328 5.38 -7.46 24.50
N ALA C 329 4.74 -6.65 25.29
CA ALA C 329 5.31 -5.34 25.68
C ALA C 329 6.24 -5.54 26.86
N LEU C 330 7.47 -5.05 26.80
CA LEU C 330 8.42 -5.25 27.91
C LEU C 330 8.42 -4.07 28.89
N PRO C 331 8.80 -4.32 30.16
CA PRO C 331 8.87 -3.23 31.15
C PRO C 331 9.84 -2.10 30.83
N ASP C 332 10.81 -2.34 29.95
CA ASP C 332 11.73 -1.27 29.56
C ASP C 332 11.23 -0.36 28.41
N GLY C 333 9.97 -0.55 28.01
CA GLY C 333 9.29 0.19 26.96
C GLY C 333 9.59 -0.29 25.55
N THR C 334 10.20 -1.47 25.42
CA THR C 334 10.44 -2.07 24.10
C THR C 334 9.54 -3.30 23.97
N TYR C 335 9.65 -4.02 22.86
CA TYR C 335 8.78 -5.16 22.52
C TYR C 335 9.60 -6.44 22.28
N GLY C 336 9.09 -7.54 22.79
CA GLY C 336 9.73 -8.82 22.49
C GLY C 336 8.90 -9.44 21.43
N LEU C 337 9.51 -10.25 20.58
CA LEU C 337 8.86 -10.86 19.48
C LEU C 337 9.40 -12.31 19.34
N LEU C 338 8.58 -13.31 19.62
CA LEU C 338 9.02 -14.70 19.50
C LEU C 338 8.46 -15.29 18.22
N TYR C 339 9.33 -15.79 17.34
CA TYR C 339 8.85 -16.16 16.03
C TYR C 339 9.54 -17.39 15.42
N GLU C 340 8.93 -17.93 14.38
CA GLU C 340 9.49 -19.09 13.65
C GLU C 340 10.19 -18.74 12.33
N PRO C 341 11.55 -18.84 12.27
CA PRO C 341 12.26 -18.54 11.02
C PRO C 341 12.48 -19.76 10.17
N GLY C 342 12.07 -20.94 10.66
CA GLY C 342 12.17 -22.18 9.86
C GLY C 342 13.13 -23.14 10.52
N THR C 343 13.99 -22.64 11.42
CA THR C 343 15.03 -23.45 12.00
C THR C 343 14.73 -23.70 13.47
N GLY C 344 13.52 -23.33 13.91
CA GLY C 344 13.19 -23.42 15.33
C GLY C 344 12.46 -22.19 15.84
N ILE C 345 12.95 -21.64 16.96
CA ILE C 345 12.25 -20.57 17.60
C ILE C 345 13.25 -19.44 17.84
N ARG C 346 12.89 -18.22 17.45
CA ARG C 346 13.81 -17.10 17.54
C ARG C 346 13.23 -15.95 18.37
N TYR C 347 14.05 -15.32 19.25
CA TYR C 347 13.57 -14.23 20.12
C TYR C 347 14.11 -12.88 19.56
N ALA C 348 13.24 -11.95 19.18
CA ALA C 348 13.65 -10.64 18.72
C ALA C 348 13.25 -9.56 19.70
N ASN C 349 13.97 -8.46 19.75
CA ASN C 349 13.61 -7.35 20.63
C ASN C 349 13.71 -6.07 19.77
N PHE C 350 12.68 -5.23 19.76
CA PHE C 350 12.70 -3.96 18.95
C PHE C 350 12.09 -2.84 19.73
N ASN C 351 12.37 -1.59 19.34
CA ASN C 351 11.68 -0.41 19.92
C ASN C 351 10.87 0.39 18.89
N LEU C 352 10.08 1.36 19.32
CA LEU C 352 9.28 2.15 18.35
C LEU C 352 10.12 2.90 17.36
N ALA C 353 11.30 3.32 17.78
CA ALA C 353 12.21 4.08 16.92
C ALA C 353 12.71 3.23 15.74
N TRP C 354 12.87 1.94 15.93
CA TRP C 354 13.24 1.07 14.82
C TRP C 354 12.09 1.01 13.79
N LEU C 355 10.86 0.96 14.31
CA LEU C 355 9.65 0.95 13.50
C LEU C 355 9.56 2.14 12.54
N GLY C 356 10.00 3.31 13.00
CA GLY C 356 10.29 4.48 12.14
C GLY C 356 9.06 5.16 11.51
N GLY C 357 7.93 5.10 12.23
CA GLY C 357 6.69 5.52 11.63
C GLY C 357 6.18 6.85 12.08
N ILE C 358 5.20 7.37 11.34
CA ILE C 358 4.41 8.51 11.78
C ILE C 358 2.96 8.08 11.75
N CYS C 359 2.19 8.43 12.79
CA CYS C 359 0.76 8.16 12.83
C CYS C 359 0.00 9.10 11.92
N ALA C 360 0.15 8.97 10.62
CA ALA C 360 -0.57 9.80 9.68
C ALA C 360 -1.20 8.92 8.58
N PRO C 361 -2.24 8.14 8.96
CA PRO C 361 -2.88 7.27 7.98
C PRO C 361 -3.46 8.14 6.85
N PHE C 362 -3.43 7.63 5.63
CA PHE C 362 -3.95 8.38 4.52
C PHE C 362 -4.59 7.41 3.55
N THR C 363 -5.47 7.94 2.70
CA THR C 363 -6.17 7.13 1.72
C THR C 363 -5.96 7.70 0.33
N ILE C 364 -5.88 6.82 -0.66
CA ILE C 364 -5.94 7.21 -2.07
C ILE C 364 -7.01 6.25 -2.66
N PRO C 365 -8.03 6.78 -3.38
CA PRO C 365 -9.03 5.87 -3.98
C PRO C 365 -8.48 4.90 -5.09
N ASP C 366 -9.02 3.70 -5.19
CA ASP C 366 -8.79 2.88 -6.38
C ASP C 366 -9.31 3.63 -7.59
N VAL C 367 -8.61 3.56 -8.71
CA VAL C 367 -9.11 4.20 -9.93
C VAL C 367 -9.13 3.21 -11.06
N ALA C 368 -10.09 3.36 -11.96
CA ALA C 368 -10.13 2.58 -13.19
C ALA C 368 -9.83 3.53 -14.35
N LEU C 369 -8.97 3.11 -15.27
CA LEU C 369 -8.76 3.86 -16.51
C LEU C 369 -8.43 2.91 -17.68
N GLU C 370 -8.20 3.49 -18.86
CA GLU C 370 -7.87 2.70 -20.04
C GLU C 370 -6.40 2.95 -20.43
N PRO C 371 -5.76 1.98 -21.12
CA PRO C 371 -4.37 2.14 -21.55
C PRO C 371 -4.29 3.45 -22.33
N GLY C 372 -3.22 4.22 -22.12
CA GLY C 372 -3.05 5.49 -22.83
C GLY C 372 -3.46 6.71 -21.97
N GLN C 373 -4.38 6.43 -21.00
CA GLN C 373 -4.96 7.55 -20.24
C GLN C 373 -4.21 8.05 -19.01
N GLN C 374 -4.47 9.31 -18.67
CA GLN C 374 -4.00 9.91 -17.44
C GLN C 374 -5.18 10.31 -16.56
N VAL C 375 -4.95 10.16 -15.25
CA VAL C 375 -5.92 10.50 -14.23
C VAL C 375 -5.14 11.10 -13.04
N THR C 376 -5.77 12.03 -12.35
CA THR C 376 -5.24 12.62 -11.14
C THR C 376 -6.22 12.32 -10.02
N VAL C 377 -5.78 11.56 -9.01
CA VAL C 377 -6.59 11.20 -7.83
C VAL C 377 -6.22 12.06 -6.57
N PRO C 378 -7.19 12.27 -5.66
CA PRO C 378 -6.95 12.98 -4.41
C PRO C 378 -6.41 12.10 -3.27
N VAL C 379 -5.52 12.68 -2.47
CA VAL C 379 -4.99 12.02 -1.28
C VAL C 379 -5.62 12.75 -0.08
N ALA C 380 -6.16 11.98 0.87
CA ALA C 380 -6.62 12.53 2.14
C ALA C 380 -5.76 11.99 3.30
N VAL C 381 -5.02 12.88 3.94
CA VAL C 381 -4.20 12.48 5.09
C VAL C 381 -4.91 12.80 6.41
N THR C 382 -4.96 11.83 7.31
CA THR C 382 -5.53 12.09 8.64
C THR C 382 -4.33 12.16 9.58
N ASN C 383 -4.00 13.36 10.08
CA ASN C 383 -2.81 13.53 10.88
C ASN C 383 -3.11 13.23 12.33
N GLN C 384 -2.62 12.07 12.81
CA GLN C 384 -2.86 11.65 14.19
C GLN C 384 -1.61 11.82 15.06
N SER C 385 -0.55 12.41 14.51
CA SER C 385 0.76 12.42 15.19
C SER C 385 0.86 13.45 16.30
N GLY C 386 0.01 14.47 16.23
CA GLY C 386 0.05 15.54 17.22
C GLY C 386 1.08 16.63 16.91
N ILE C 387 1.74 16.56 15.74
CA ILE C 387 2.78 17.55 15.39
C ILE C 387 2.51 18.13 14.01
N ALA C 388 3.17 19.25 13.67
CA ALA C 388 3.20 19.72 12.29
C ALA C 388 4.34 19.07 11.45
N VAL C 389 4.19 19.03 10.13
CA VAL C 389 5.29 18.57 9.26
C VAL C 389 5.36 19.56 8.07
N PRO C 390 6.25 20.59 8.18
CA PRO C 390 6.35 21.60 7.13
C PRO C 390 6.60 21.06 5.72
N LYS C 391 7.39 19.98 5.57
CA LYS C 391 7.80 19.53 4.21
C LYS C 391 7.68 18.00 4.00
N PRO C 392 6.45 17.48 3.93
CA PRO C 392 6.27 16.05 3.74
C PRO C 392 6.42 15.72 2.25
N SER C 393 6.64 14.45 1.93
CA SER C 393 6.66 14.08 0.53
C SER C 393 5.94 12.76 0.30
N LEU C 394 5.51 12.55 -0.92
CA LEU C 394 4.75 11.37 -1.30
C LEU C 394 5.49 10.68 -2.43
N GLN C 395 5.97 9.48 -2.13
CA GLN C 395 6.65 8.63 -3.08
C GLN C 395 5.74 7.44 -3.41
N LEU C 396 5.60 7.17 -4.71
CA LEU C 396 4.69 6.15 -5.22
C LEU C 396 5.51 5.06 -5.92
N ASP C 397 5.08 3.81 -5.72
CA ASP C 397 5.74 2.61 -6.22
C ASP C 397 4.78 1.95 -7.19
N ALA C 398 5.08 2.10 -8.48
CA ALA C 398 4.22 1.55 -9.49
C ALA C 398 5.12 0.93 -10.55
N SER C 399 4.51 0.44 -11.63
CA SER C 399 5.25 -0.14 -12.75
C SER C 399 6.28 0.84 -13.32
N PRO C 400 7.43 0.30 -13.78
CA PRO C 400 8.59 1.11 -14.11
C PRO C 400 8.29 2.07 -15.27
N ASP C 401 7.32 1.68 -16.10
CA ASP C 401 6.97 2.34 -17.36
C ASP C 401 5.88 3.39 -17.20
N TRP C 402 5.18 3.34 -16.05
CA TRP C 402 4.15 4.32 -15.69
C TRP C 402 4.80 5.58 -15.12
N GLN C 403 4.27 6.75 -15.49
CA GLN C 403 4.68 7.99 -14.83
C GLN C 403 3.76 8.25 -13.64
N VAL C 404 4.25 8.00 -12.42
CA VAL C 404 3.46 8.20 -11.19
C VAL C 404 4.16 9.17 -10.24
N GLN C 405 3.56 10.34 -10.07
CA GLN C 405 4.09 11.41 -9.20
C GLN C 405 3.03 11.86 -8.19
N GLY C 406 3.47 12.37 -7.03
CA GLY C 406 2.51 12.80 -6.01
C GLY C 406 3.00 13.90 -5.09
N SER C 407 2.08 14.56 -4.42
CA SER C 407 2.43 15.57 -3.43
C SER C 407 1.35 15.64 -2.35
N VAL C 408 1.68 16.37 -1.29
CA VAL C 408 0.83 16.45 -0.13
C VAL C 408 1.19 17.72 0.55
N GLU C 409 0.17 18.41 1.07
CA GLU C 409 0.39 19.70 1.69
C GLU C 409 0.96 19.52 3.12
N PRO C 410 1.57 20.59 3.68
CA PRO C 410 2.11 20.50 5.05
C PRO C 410 1.09 19.91 6.04
N LEU C 411 1.56 19.01 6.91
CA LEU C 411 0.70 18.45 7.94
C LEU C 411 0.58 19.42 9.13
N MET C 412 -0.58 19.43 9.75
CA MET C 412 -0.86 20.31 10.89
C MET C 412 -1.45 19.45 12.00
N PRO C 413 -1.19 19.80 13.29
CA PRO C 413 -1.70 18.91 14.35
C PRO C 413 -3.21 18.86 14.36
N GLY C 414 -3.76 17.67 14.50
CA GLY C 414 -5.21 17.53 14.60
C GLY C 414 -5.98 17.79 13.32
N ARG C 415 -5.32 17.81 12.16
CA ARG C 415 -6.00 18.22 10.90
C ARG C 415 -5.77 17.26 9.76
N GLN C 416 -6.79 17.11 8.92
CA GLN C 416 -6.63 16.49 7.61
C GLN C 416 -5.71 17.32 6.76
N ALA C 417 -4.93 16.67 5.90
CA ALA C 417 -4.29 17.37 4.80
C ALA C 417 -4.70 16.69 3.50
N LYS C 418 -4.85 17.53 2.48
CA LYS C 418 -5.09 17.03 1.13
C LYS C 418 -3.76 16.92 0.33
N GLY C 419 -3.79 16.05 -0.66
CA GLY C 419 -2.69 15.85 -1.61
C GLY C 419 -3.26 15.34 -2.93
N GLN C 420 -2.39 14.99 -3.85
CA GLN C 420 -2.87 14.50 -5.13
C GLN C 420 -1.79 13.60 -5.68
N VAL C 421 -2.18 12.71 -6.57
CA VAL C 421 -1.33 11.75 -7.24
C VAL C 421 -1.69 11.77 -8.73
N THR C 422 -0.69 11.75 -9.62
CA THR C 422 -0.91 11.72 -11.07
C THR C 422 -0.36 10.45 -11.71
N ILE C 423 -1.23 9.72 -12.41
CA ILE C 423 -0.90 8.39 -12.93
C ILE C 423 -1.03 8.32 -14.45
N THR C 424 0.07 7.95 -15.13
CA THR C 424 0.02 7.78 -16.57
C THR C 424 0.22 6.32 -16.94
N VAL C 425 -0.70 5.83 -17.81
CA VAL C 425 -0.65 4.40 -18.12
C VAL C 425 -0.32 4.24 -19.67
N PRO C 426 0.87 3.61 -19.94
CA PRO C 426 1.38 3.81 -21.30
C PRO C 426 0.64 2.96 -22.33
N ALA C 427 0.96 3.24 -23.62
CA ALA C 427 0.45 2.43 -24.72
C ALA C 427 0.77 0.96 -24.40
N GLY C 428 -0.15 0.05 -24.73
CA GLY C 428 0.15 -1.38 -24.69
C GLY C 428 0.09 -2.03 -23.32
N THR C 429 -0.28 -1.24 -22.28
CA THR C 429 -0.34 -1.80 -20.93
C THR C 429 -1.32 -2.97 -20.83
N THR C 430 -0.80 -4.10 -20.40
CA THR C 430 -1.61 -5.30 -20.29
C THR C 430 -2.84 -4.97 -19.40
N PRO C 431 -4.07 -5.19 -19.92
CA PRO C 431 -5.24 -5.05 -19.05
C PRO C 431 -5.08 -5.78 -17.69
N GLY C 432 -5.37 -5.10 -16.58
CA GLY C 432 -5.35 -5.75 -15.25
C GLY C 432 -5.57 -4.79 -14.10
N ARG C 433 -5.51 -5.34 -12.89
CA ARG C 433 -5.68 -4.66 -11.60
C ARG C 433 -4.28 -4.44 -10.97
N TYR C 434 -3.81 -3.20 -10.94
CA TYR C 434 -2.41 -2.97 -10.47
C TYR C 434 -2.33 -2.31 -9.13
N ARG C 435 -1.60 -2.94 -8.21
CA ARG C 435 -1.41 -2.41 -6.89
C ARG C 435 -0.31 -1.36 -6.97
N VAL C 436 -0.63 -0.14 -6.50
CA VAL C 436 0.38 0.92 -6.45
C VAL C 436 0.55 1.22 -4.96
N GLY C 437 1.80 1.18 -4.49
CA GLY C 437 2.13 1.55 -3.12
C GLY C 437 2.44 3.05 -3.04
N ALA C 438 2.28 3.61 -1.87
CA ALA C 438 2.44 5.04 -1.66
C ALA C 438 3.04 5.21 -0.29
N THR C 439 4.08 6.05 -0.19
CA THR C 439 4.75 6.33 1.10
C THR C 439 4.76 7.80 1.34
N LEU C 440 4.20 8.18 2.47
CA LEU C 440 4.30 9.52 2.98
C LEU C 440 5.61 9.60 3.83
N ARG C 441 6.61 10.35 3.35
CA ARG C 441 7.91 10.48 4.03
C ARG C 441 7.97 11.79 4.82
N THR C 442 8.21 11.70 6.14
CA THR C 442 8.29 12.90 6.98
C THR C 442 9.52 12.75 7.84
N SER C 443 9.89 13.83 8.53
CA SER C 443 10.98 13.83 9.51
C SER C 443 10.67 13.01 10.80
N ALA C 444 9.38 12.87 11.14
CA ALA C 444 8.92 12.08 12.28
C ALA C 444 8.89 10.59 11.97
N GLY C 445 8.81 10.28 10.68
CA GLY C 445 8.83 8.89 10.22
C GLY C 445 7.92 8.78 9.01
N ASN C 446 7.64 7.54 8.60
CA ASN C 446 6.85 7.28 7.39
C ASN C 446 5.51 6.59 7.65
N ALA C 447 4.58 6.75 6.73
CA ALA C 447 3.33 6.05 6.73
C ALA C 447 3.11 5.58 5.32
N SER C 448 2.23 4.59 5.16
CA SER C 448 1.96 4.10 3.82
C SER C 448 0.53 3.53 3.61
N THR C 449 0.20 3.25 2.36
CA THR C 449 -1.07 2.71 1.92
C THR C 449 -0.81 2.18 0.50
N THR C 450 -1.81 1.53 -0.08
CA THR C 450 -1.72 1.05 -1.46
C THR C 450 -3.13 1.36 -1.98
N PHE C 451 -3.27 1.47 -3.29
CA PHE C 451 -4.58 1.55 -3.91
C PHE C 451 -4.43 0.81 -5.21
N THR C 452 -5.53 0.50 -5.87
CA THR C 452 -5.45 -0.30 -7.06
C THR C 452 -5.77 0.54 -8.27
N VAL C 453 -4.92 0.49 -9.27
CA VAL C 453 -5.27 1.06 -10.54
C VAL C 453 -5.65 -0.08 -11.44
N THR C 454 -6.94 -0.12 -11.83
CA THR C 454 -7.44 -1.03 -12.84
C THR C 454 -7.31 -0.52 -14.27
N VAL C 455 -6.64 -1.26 -15.12
CA VAL C 455 -6.47 -0.87 -16.53
C VAL C 455 -7.28 -1.77 -17.44
N GLY C 456 -8.17 -1.16 -18.24
CA GLY C 456 -8.85 -1.83 -19.38
C GLY C 456 -9.67 -3.07 -19.03
N LEU C 457 -10.30 -3.07 -17.86
CA LEU C 457 -11.25 -4.10 -17.47
C LEU C 457 -12.54 -3.45 -17.01
N LEU C 458 -13.65 -4.07 -17.38
CA LEU C 458 -14.97 -3.66 -17.00
C LEU C 458 -15.18 -3.86 -15.51
N ASP C 459 -16.26 -3.27 -15.02
CA ASP C 459 -16.58 -3.26 -13.59
C ASP C 459 -17.45 -4.46 -13.22
N GLN C 460 -16.88 -5.43 -12.52
CA GLN C 460 -17.63 -6.59 -11.98
C GLN C 460 -18.86 -6.22 -11.13
N ALA C 461 -18.81 -5.10 -10.41
CA ALA C 461 -19.92 -4.65 -9.57
C ALA C 461 -21.20 -4.40 -10.39
N ARG C 462 -21.03 -4.09 -11.68
CA ARG C 462 -22.14 -3.93 -12.62
C ARG C 462 -22.58 -5.25 -13.30
N MET C 463 -21.77 -6.30 -13.20
CA MET C 463 -22.12 -7.57 -13.79
C MET C 463 -23.12 -8.40 -12.97
N SER C 464 -23.77 -9.34 -13.63
CA SER C 464 -24.54 -10.42 -12.99
C SER C 464 -24.46 -11.70 -13.85
N ILE C 465 -24.86 -12.83 -13.26
CA ILE C 465 -24.86 -14.12 -13.93
C ILE C 465 -26.12 -14.18 -14.80
N ALA C 466 -25.93 -14.33 -16.13
CA ALA C 466 -27.04 -14.61 -17.05
C ALA C 466 -27.54 -16.03 -16.92
N ASP C 467 -26.63 -16.99 -16.92
CA ASP C 467 -26.97 -18.43 -16.84
C ASP C 467 -25.76 -19.24 -16.41
N VAL C 468 -25.99 -20.47 -15.94
CA VAL C 468 -24.85 -21.34 -15.60
C VAL C 468 -25.39 -22.77 -15.71
N ASP C 469 -24.59 -23.70 -16.20
CA ASP C 469 -25.20 -25.02 -16.48
C ASP C 469 -25.41 -25.79 -15.18
N SER C 470 -24.56 -25.53 -14.18
CA SER C 470 -24.57 -26.30 -12.95
C SER C 470 -23.79 -25.58 -11.84
N GLU C 471 -24.26 -25.67 -10.59
CA GLU C 471 -23.48 -25.06 -9.45
C GLU C 471 -23.79 -25.82 -8.16
N GLU C 472 -22.77 -25.97 -7.29
CA GLU C 472 -22.99 -26.61 -5.98
C GLU C 472 -23.35 -25.53 -5.01
N THR C 473 -24.43 -25.74 -4.27
CA THR C 473 -24.76 -24.89 -3.14
C THR C 473 -25.12 -25.65 -1.86
N ALA C 474 -25.43 -26.95 -1.97
CA ALA C 474 -25.87 -27.69 -0.78
C ALA C 474 -24.68 -27.95 0.16
N ARG C 475 -23.54 -28.36 -0.38
CA ARG C 475 -22.43 -28.85 0.50
C ARG C 475 -21.28 -27.87 0.57
N GLU C 476 -21.37 -26.81 -0.22
CA GLU C 476 -20.46 -25.68 -0.15
C GLU C 476 -20.95 -24.53 -1.03
N ASP C 477 -20.41 -23.34 -0.82
CA ASP C 477 -20.80 -22.18 -1.62
C ASP C 477 -19.98 -22.19 -2.94
N GLY C 478 -20.55 -22.88 -3.93
CA GLY C 478 -19.97 -22.93 -5.30
C GLY C 478 -20.78 -22.07 -6.24
N ARG C 479 -21.48 -21.05 -5.70
CA ARG C 479 -22.40 -20.16 -6.55
C ARG C 479 -21.66 -19.55 -7.72
N ALA C 480 -22.31 -19.48 -8.89
CA ALA C 480 -21.74 -18.89 -10.13
C ALA C 480 -21.35 -17.42 -9.97
N SER C 481 -22.12 -16.67 -9.20
CA SER C 481 -21.82 -15.25 -8.90
C SER C 481 -20.46 -15.07 -8.24
N ASN C 482 -19.93 -16.15 -7.66
CA ASN C 482 -18.61 -16.06 -7.05
C ASN C 482 -17.48 -15.73 -8.06
N VAL C 483 -17.71 -15.74 -9.38
CA VAL C 483 -16.66 -15.39 -10.40
C VAL C 483 -16.51 -13.88 -10.66
N ILE C 484 -17.50 -13.13 -10.19
CA ILE C 484 -17.47 -11.64 -10.29
C ILE C 484 -17.49 -10.85 -8.96
N ASP C 485 -16.88 -11.38 -7.90
CA ASP C 485 -16.97 -10.74 -6.60
C ASP C 485 -15.64 -10.12 -6.18
N GLY C 486 -14.67 -10.12 -7.10
CA GLY C 486 -13.37 -9.49 -6.82
C GLY C 486 -12.58 -10.28 -5.78
N ASN C 487 -12.92 -11.56 -5.58
CA ASN C 487 -12.30 -12.36 -4.52
C ASN C 487 -11.81 -13.75 -5.06
N PRO C 488 -10.49 -13.91 -5.24
CA PRO C 488 -9.99 -15.20 -5.78
C PRO C 488 -10.11 -16.41 -4.80
N SER C 489 -10.44 -16.13 -3.53
CA SER C 489 -10.74 -17.17 -2.55
C SER C 489 -12.18 -17.76 -2.65
N THR C 490 -13.03 -17.09 -3.44
CA THR C 490 -14.38 -17.62 -3.66
C THR C 490 -14.47 -18.05 -5.09
N PHE C 491 -15.16 -19.18 -5.36
CA PHE C 491 -15.24 -19.72 -6.73
C PHE C 491 -16.64 -20.29 -7.03
N TRP C 492 -16.96 -20.25 -8.34
CA TRP C 492 -18.01 -21.09 -8.97
C TRP C 492 -17.49 -22.53 -8.92
N HIS C 493 -18.28 -23.44 -8.40
CA HIS C 493 -17.97 -24.91 -8.54
C HIS C 493 -19.21 -25.59 -9.15
N THR C 494 -19.07 -26.31 -10.24
CA THR C 494 -20.28 -27.05 -10.75
C THR C 494 -20.80 -28.08 -9.69
N GLU C 495 -22.06 -28.55 -9.79
CA GLU C 495 -22.62 -29.39 -8.72
C GLU C 495 -21.79 -30.67 -8.55
N TRP C 496 -21.50 -31.05 -7.31
CA TRP C 496 -20.80 -32.33 -7.11
C TRP C 496 -21.53 -33.23 -6.14
N SER C 497 -22.51 -32.71 -5.40
CA SER C 497 -22.98 -33.46 -4.25
C SER C 497 -24.13 -34.40 -4.59
N ARG C 498 -24.55 -34.42 -5.85
CA ARG C 498 -25.42 -35.48 -6.39
C ARG C 498 -24.64 -36.25 -7.46
N ALA C 499 -24.74 -37.58 -7.47
CA ALA C 499 -23.96 -38.41 -8.40
C ALA C 499 -24.38 -38.15 -9.85
N ASP C 500 -25.67 -37.84 -10.02
CA ASP C 500 -26.28 -37.45 -11.31
C ASP C 500 -25.96 -36.05 -11.80
N ALA C 501 -25.12 -35.30 -11.07
CA ALA C 501 -24.63 -33.98 -11.54
C ALA C 501 -23.99 -34.09 -12.95
N PRO C 502 -24.16 -33.06 -13.84
CA PRO C 502 -23.54 -33.17 -15.18
C PRO C 502 -21.98 -33.18 -15.20
N GLY C 503 -21.38 -33.83 -16.20
CA GLY C 503 -20.00 -33.64 -16.50
C GLY C 503 -19.83 -32.47 -17.48
N TYR C 504 -18.67 -32.47 -18.16
CA TYR C 504 -18.34 -31.43 -19.17
C TYR C 504 -19.18 -31.64 -20.44
N PRO C 505 -19.43 -30.57 -21.21
CA PRO C 505 -18.96 -29.22 -21.07
C PRO C 505 -19.71 -28.47 -19.96
N HIS C 506 -19.09 -27.45 -19.34
CA HIS C 506 -19.78 -26.60 -18.37
C HIS C 506 -19.86 -25.25 -19.04
N ARG C 507 -20.58 -24.29 -18.46
CA ARG C 507 -20.91 -23.08 -19.18
C ARG C 507 -21.33 -22.07 -18.14
N ILE C 508 -20.95 -20.83 -18.34
CA ILE C 508 -21.28 -19.78 -17.39
C ILE C 508 -21.28 -18.55 -18.27
N SER C 509 -22.34 -17.74 -18.14
CA SER C 509 -22.51 -16.55 -18.97
C SER C 509 -22.81 -15.33 -18.10
N LEU C 510 -22.29 -14.19 -18.54
CA LEU C 510 -22.28 -13.01 -17.73
C LEU C 510 -23.04 -11.93 -18.43
N ASP C 511 -23.88 -11.24 -17.64
CA ASP C 511 -24.57 -9.99 -17.99
C ASP C 511 -23.62 -8.84 -17.59
N LEU C 512 -23.22 -8.07 -18.61
CA LEU C 512 -22.18 -7.07 -18.42
C LEU C 512 -22.75 -5.85 -17.77
N GLY C 513 -24.08 -5.79 -17.70
CA GLY C 513 -24.83 -4.67 -17.14
C GLY C 513 -25.08 -3.51 -18.12
N GLY C 514 -24.58 -3.62 -19.36
CA GLY C 514 -24.64 -2.53 -20.39
C GLY C 514 -23.84 -2.98 -21.60
N THR C 515 -24.00 -2.31 -22.76
CA THR C 515 -23.29 -2.68 -23.99
C THR C 515 -21.87 -2.12 -23.94
N HIS C 516 -20.86 -2.93 -24.25
CA HIS C 516 -19.47 -2.46 -24.19
C HIS C 516 -18.63 -2.98 -25.31
N THR C 517 -17.63 -2.20 -25.68
CA THR C 517 -16.55 -2.68 -26.53
C THR C 517 -15.65 -3.60 -25.69
N ILE C 518 -15.64 -4.88 -26.05
CA ILE C 518 -14.85 -5.85 -25.30
C ILE C 518 -13.81 -6.60 -26.16
N SER C 519 -12.72 -7.07 -25.54
CA SER C 519 -11.67 -7.71 -26.35
C SER C 519 -10.91 -8.86 -25.64
N GLY C 520 -11.42 -9.31 -24.49
CA GLY C 520 -10.78 -10.43 -23.82
C GLY C 520 -11.54 -10.90 -22.63
N LEU C 521 -11.22 -12.12 -22.22
CA LEU C 521 -11.68 -12.64 -20.93
C LEU C 521 -10.40 -12.92 -20.15
N GLN C 522 -10.38 -12.70 -18.84
CA GLN C 522 -9.29 -13.19 -17.99
C GLN C 522 -9.88 -14.19 -17.02
N TYR C 523 -9.28 -15.38 -16.99
CA TYR C 523 -9.79 -16.53 -16.20
C TYR C 523 -8.82 -16.75 -15.09
N THR C 524 -9.33 -16.82 -13.86
CA THR C 524 -8.55 -17.27 -12.73
C THR C 524 -9.12 -18.57 -12.14
N ARG C 525 -8.27 -19.59 -12.11
CA ARG C 525 -8.62 -20.89 -11.52
C ARG C 525 -8.88 -20.87 -9.98
N ARG C 526 -9.59 -21.87 -9.51
CA ARG C 526 -9.76 -22.10 -8.10
C ARG C 526 -8.38 -22.29 -7.49
N GLN C 527 -8.17 -21.62 -6.36
CA GLN C 527 -6.85 -21.44 -5.82
C GLN C 527 -6.53 -22.59 -4.88
N ASN C 528 -7.54 -23.19 -4.26
CA ASN C 528 -7.31 -24.15 -3.12
C ASN C 528 -7.71 -25.61 -3.43
N SER C 529 -7.83 -25.88 -4.73
CA SER C 529 -8.00 -27.24 -5.25
C SER C 529 -7.54 -27.24 -6.71
N ALA C 530 -7.03 -28.38 -7.12
CA ALA C 530 -6.41 -28.50 -8.44
C ALA C 530 -7.11 -29.46 -9.41
N ASN C 531 -8.20 -30.14 -8.99
CA ASN C 531 -8.83 -31.14 -9.85
C ASN C 531 -10.16 -30.68 -10.51
N GLU C 532 -10.41 -29.38 -10.60
CA GLU C 532 -11.59 -28.84 -11.24
C GLU C 532 -11.18 -27.67 -12.16
N GLN C 533 -10.06 -27.83 -12.84
CA GLN C 533 -9.51 -26.72 -13.60
C GLN C 533 -9.88 -26.75 -15.10
N VAL C 534 -10.33 -25.61 -15.62
CA VAL C 534 -10.65 -25.53 -17.06
C VAL C 534 -9.38 -25.74 -17.90
N ALA C 535 -9.49 -26.57 -18.93
CA ALA C 535 -8.41 -26.79 -19.92
C ALA C 535 -8.91 -26.18 -21.22
N ASP C 536 -9.55 -26.99 -22.08
CA ASP C 536 -10.06 -26.52 -23.39
C ASP C 536 -11.28 -25.64 -23.15
N TYR C 537 -11.34 -24.50 -23.85
CA TYR C 537 -12.46 -23.52 -23.73
C TYR C 537 -12.81 -22.89 -25.10
N GLU C 538 -14.04 -22.38 -25.18
CA GLU C 538 -14.42 -21.37 -26.19
C GLU C 538 -15.16 -20.22 -25.53
N ILE C 539 -15.11 -19.07 -26.17
CA ILE C 539 -15.78 -17.90 -25.67
C ILE C 539 -16.77 -17.36 -26.72
N TYR C 540 -17.97 -17.06 -26.24
CA TYR C 540 -18.99 -16.45 -27.12
C TYR C 540 -19.39 -15.08 -26.59
N THR C 541 -19.79 -14.20 -27.51
CA THR C 541 -20.44 -12.96 -27.09
C THR C 541 -21.87 -12.83 -27.61
N SER C 542 -22.66 -11.98 -26.93
CA SER C 542 -23.98 -11.61 -27.46
C SER C 542 -24.37 -10.15 -27.15
N LEU C 543 -25.26 -9.64 -27.98
CA LEU C 543 -25.90 -8.33 -27.79
C LEU C 543 -27.23 -8.45 -27.04
N ASN C 544 -27.97 -9.52 -27.32
CA ASN C 544 -29.34 -9.66 -26.81
C ASN C 544 -29.53 -10.68 -25.66
N GLY C 545 -28.50 -11.50 -25.43
CA GLY C 545 -28.58 -12.57 -24.42
C GLY C 545 -29.05 -13.91 -24.94
N THR C 546 -29.50 -13.94 -26.20
CA THR C 546 -30.17 -15.11 -26.87
C THR C 546 -29.49 -15.60 -28.16
N THR C 547 -29.02 -14.68 -29.01
CA THR C 547 -28.21 -15.08 -30.17
C THR C 547 -26.70 -14.85 -29.97
N TRP C 548 -25.93 -15.94 -30.02
CA TRP C 548 -24.51 -15.95 -29.68
C TRP C 548 -23.60 -16.04 -30.89
N ASP C 549 -22.58 -15.19 -30.91
CA ASP C 549 -21.58 -15.26 -31.96
C ASP C 549 -20.34 -15.88 -31.35
N GLY C 550 -19.68 -16.69 -32.16
CA GLY C 550 -18.49 -17.36 -31.72
C GLY C 550 -18.41 -18.73 -32.34
N PRO C 551 -17.38 -19.49 -31.95
CA PRO C 551 -16.46 -19.04 -30.87
C PRO C 551 -15.52 -17.85 -31.24
N VAL C 552 -15.50 -16.80 -30.40
CA VAL C 552 -14.62 -15.62 -30.65
C VAL C 552 -13.17 -15.81 -30.20
N ALA C 553 -12.96 -16.76 -29.30
CA ALA C 553 -11.63 -17.22 -28.91
C ALA C 553 -11.76 -18.71 -28.51
N SER C 554 -10.63 -19.43 -28.45
CA SER C 554 -10.62 -20.85 -28.05
C SER C 554 -9.18 -21.26 -27.78
N GLY C 555 -8.98 -22.29 -26.97
CA GLY C 555 -7.63 -22.58 -26.54
C GLY C 555 -7.69 -23.60 -25.46
N ARG C 556 -6.55 -23.72 -24.76
CA ARG C 556 -6.41 -24.54 -23.61
C ARG C 556 -5.64 -23.69 -22.59
N PHE C 557 -6.31 -23.37 -21.48
CA PHE C 557 -5.67 -22.78 -20.31
C PHE C 557 -4.63 -23.68 -19.69
N THR C 558 -3.70 -23.06 -18.95
CA THR C 558 -2.71 -23.80 -18.18
C THR C 558 -3.19 -23.99 -16.75
N THR C 559 -2.34 -24.61 -15.92
CA THR C 559 -2.68 -24.81 -14.48
C THR C 559 -2.17 -23.68 -13.64
N SER C 560 -1.81 -22.56 -14.28
CA SER C 560 -1.39 -21.41 -13.59
C SER C 560 -2.47 -20.84 -12.61
N LEU C 561 -1.99 -20.44 -11.43
CA LEU C 561 -2.80 -19.78 -10.39
C LEU C 561 -3.12 -18.30 -10.69
N ALA C 562 -2.34 -17.67 -11.57
CA ALA C 562 -2.56 -16.27 -11.97
C ALA C 562 -3.60 -16.12 -13.07
N PRO C 563 -4.12 -14.90 -13.26
CA PRO C 563 -5.09 -14.71 -14.35
C PRO C 563 -4.50 -15.13 -15.73
N GLN C 564 -5.35 -15.72 -16.58
CA GLN C 564 -4.91 -16.14 -17.91
C GLN C 564 -5.83 -15.49 -18.91
N ARG C 565 -5.25 -14.76 -19.83
CA ARG C 565 -5.96 -13.99 -20.81
C ARG C 565 -6.31 -14.82 -22.00
N ALA C 566 -7.53 -14.60 -22.46
CA ALA C 566 -8.05 -15.14 -23.69
C ALA C 566 -8.49 -13.89 -24.44
N VAL C 567 -7.76 -13.54 -25.49
CA VAL C 567 -8.03 -12.29 -26.22
C VAL C 567 -8.75 -12.57 -27.54
N PHE C 568 -9.51 -11.59 -28.01
CA PHE C 568 -10.16 -11.61 -29.34
C PHE C 568 -10.26 -10.20 -29.94
N PRO C 569 -10.37 -10.08 -31.29
CA PRO C 569 -10.61 -8.75 -31.89
C PRO C 569 -11.83 -8.00 -31.33
N ALA C 570 -11.60 -6.75 -30.91
CA ALA C 570 -12.63 -5.90 -30.28
C ALA C 570 -14.01 -5.91 -30.97
N ARG C 571 -15.06 -5.89 -30.14
CA ARG C 571 -16.45 -5.98 -30.60
C ARG C 571 -17.40 -5.52 -29.48
N ASP C 572 -18.62 -5.10 -29.85
CA ASP C 572 -19.60 -4.68 -28.86
C ASP C 572 -20.32 -5.91 -28.30
N ALA C 573 -20.85 -5.81 -27.10
CA ALA C 573 -21.46 -6.99 -26.44
C ALA C 573 -22.07 -6.57 -25.13
N ARG C 574 -23.23 -7.11 -24.82
CA ARG C 574 -23.75 -6.93 -23.47
C ARG C 574 -23.51 -8.18 -22.61
N TYR C 575 -23.35 -9.33 -23.27
CA TYR C 575 -23.06 -10.60 -22.57
C TYR C 575 -21.80 -11.31 -23.12
N ILE C 576 -21.13 -12.08 -22.25
CA ILE C 576 -20.02 -12.94 -22.66
C ILE C 576 -20.25 -14.29 -21.98
N ARG C 577 -19.90 -15.35 -22.70
CA ARG C 577 -20.12 -16.72 -22.24
C ARG C 577 -18.82 -17.54 -22.35
N LEU C 578 -18.45 -18.20 -21.26
CA LEU C 578 -17.32 -19.09 -21.28
C LEU C 578 -17.87 -20.47 -21.36
N VAL C 579 -17.40 -21.23 -22.33
CA VAL C 579 -17.76 -22.64 -22.37
C VAL C 579 -16.48 -23.40 -22.01
N ALA C 580 -16.56 -24.19 -20.97
CA ALA C 580 -15.44 -24.99 -20.53
C ALA C 580 -15.66 -26.37 -21.12
N LEU C 581 -14.83 -26.77 -22.09
CA LEU C 581 -15.04 -28.06 -22.75
C LEU C 581 -14.42 -29.24 -22.01
N SER C 582 -13.35 -29.02 -21.25
CA SER C 582 -12.68 -30.11 -20.58
C SER C 582 -11.93 -29.58 -19.36
N GLU C 583 -11.58 -30.53 -18.48
CA GLU C 583 -10.84 -30.30 -17.23
C GLU C 583 -9.40 -30.72 -17.52
N GLN C 584 -8.44 -30.04 -16.89
CA GLN C 584 -7.02 -30.35 -17.06
C GLN C 584 -6.72 -31.85 -16.99
N THR C 585 -7.31 -32.58 -16.04
CA THR C 585 -7.00 -34.05 -16.05
C THR C 585 -8.22 -34.98 -16.18
N GLY C 586 -9.26 -34.48 -16.85
CA GLY C 586 -10.44 -35.27 -17.22
C GLY C 586 -11.38 -35.54 -16.07
N HIS C 587 -11.35 -34.69 -15.05
CA HIS C 587 -12.29 -34.84 -13.92
C HIS C 587 -13.65 -34.27 -14.29
N LYS C 588 -14.65 -34.53 -13.47
CA LYS C 588 -16.08 -34.19 -13.81
C LYS C 588 -16.46 -32.68 -13.71
N TYR C 589 -15.78 -31.97 -12.81
CA TYR C 589 -16.24 -30.64 -12.34
C TYR C 589 -15.41 -29.50 -12.91
N ALA C 590 -16.03 -28.31 -12.94
CA ALA C 590 -15.35 -27.04 -13.26
C ALA C 590 -15.42 -26.10 -12.08
N ALA C 591 -14.28 -25.48 -11.73
CA ALA C 591 -14.29 -24.40 -10.74
C ALA C 591 -13.51 -23.20 -11.25
N VAL C 592 -14.08 -22.03 -11.02
CA VAL C 592 -13.46 -20.81 -11.48
C VAL C 592 -13.54 -19.78 -10.31
N ALA C 593 -12.39 -19.21 -9.92
CA ALA C 593 -12.33 -18.20 -8.82
C ALA C 593 -12.78 -16.79 -9.29
N GLU C 594 -12.33 -16.40 -10.47
CA GLU C 594 -12.55 -15.03 -11.03
C GLU C 594 -12.59 -15.05 -12.56
N LEU C 595 -13.55 -14.30 -13.09
CA LEU C 595 -13.59 -13.96 -14.50
C LEU C 595 -13.59 -12.43 -14.56
N GLU C 596 -12.72 -11.87 -15.40
CA GLU C 596 -12.64 -10.38 -15.63
C GLU C 596 -12.78 -10.20 -17.08
N VAL C 597 -13.32 -9.09 -17.52
CA VAL C 597 -13.58 -8.92 -18.97
C VAL C 597 -12.82 -7.73 -19.46
N GLU C 598 -12.01 -7.95 -20.50
CA GLU C 598 -11.17 -6.87 -20.98
C GLU C 598 -12.00 -5.99 -21.82
N GLY C 599 -12.14 -4.77 -21.35
CA GLY C 599 -13.01 -3.89 -22.09
C GLY C 599 -13.00 -2.45 -21.66
N GLN C 600 -13.68 -1.65 -22.47
CA GLN C 600 -13.80 -0.19 -22.23
C GLN C 600 -15.07 0.07 -21.37
N ARG C 601 -14.90 0.73 -20.22
CA ARG C 601 -16.02 1.05 -19.35
C ARG C 601 -16.92 2.17 -19.94
#